data_6GCN
#
_entry.id   6GCN
#
_cell.length_a   197.550
_cell.length_b   197.550
_cell.length_c   323.920
_cell.angle_alpha   90.000
_cell.angle_beta   90.000
_cell.angle_gamma   120.000
#
_symmetry.space_group_name_H-M   'H 3 2'
#
loop_
_entity.id
_entity.type
_entity.pdbx_description
1 polymer 'ATP-dependent zinc metalloprotease FtsH'
2 non-polymer "ADENOSINE-5'-DIPHOSPHATE"
3 non-polymer 'ZINC ION'
4 non-polymer ALANINE
5 water water
#
_entity_poly.entity_id   1
_entity_poly.type   'polypeptide(L)'
_entity_poly.pdbx_seq_one_letter_code
;MGSSHHHHHHSSGLVPRGSHMKVTFKDVAGIEEVKEEVKEIIEYLKDPVKFQKLGGRPPKGVLLYGEPGVGKTLLAKAIA
GEAHVPFISVSGSDFVEMFVGVGAARVRDLFETAKKHAPCIIFIDEIDAVGRARGAIPVGGGHDEREQTLNQLLVEMDGF
DTSDGIIVIAATNRPDILDPALLRPGRFDRQIFIPKPDVRGRYEILKVHARNKKLAKDVDLEFVARATPGFTGADLENLL
NEAALLAARKGKEEITMEEIEEALDRITMGLERKGMTISPKEKEKIAIHEAGHALMGLVSDDDDKVHKISIIPRGMALGV
TQQLPIEDKHIYDKKDLYNKILVLLGGRAAEEVFFGKDGITTGAENDLQRATDLAYRMVSMWGMSDKVGPIAIRRVANPF
LGGMTTAVDTSPDLLREIDEEVKRIITEQYEKAKAIVEEYKEPLKAVVKKLLEKETITCEEFVEVFKLYGIELKDKCKK
;
_entity_poly.pdbx_strand_id   A,B,C,D
#
loop_
_chem_comp.id
_chem_comp.type
_chem_comp.name
_chem_comp.formula
ADP non-polymer ADENOSINE-5'-DIPHOSPHATE 'C10 H15 N5 O10 P2'
ZN non-polymer 'ZINC ION' 'Zn 2'
#
# COMPACT_ATOMS: atom_id res chain seq x y z
N MET A 21 4.47 16.16 2.17
CA MET A 21 4.86 15.49 3.41
C MET A 21 5.87 16.32 4.21
N LYS A 22 6.24 17.49 3.68
CA LYS A 22 7.17 18.39 4.34
C LYS A 22 6.39 19.47 5.10
N VAL A 23 6.85 19.78 6.31
CA VAL A 23 6.18 20.73 7.19
C VAL A 23 7.21 21.66 7.80
N THR A 24 6.86 22.94 7.91
CA THR A 24 7.74 23.94 8.51
C THR A 24 6.87 24.96 9.24
N PHE A 25 7.52 25.97 9.83
CA PHE A 25 6.79 27.02 10.53
C PHE A 25 5.83 27.77 9.61
N LYS A 26 6.01 27.69 8.29
CA LYS A 26 5.07 28.32 7.38
C LYS A 26 3.68 27.71 7.49
N ASP A 27 3.59 26.43 7.88
CA ASP A 27 2.32 25.75 8.02
C ASP A 27 1.71 25.93 9.40
N VAL A 28 2.44 26.54 10.34
CA VAL A 28 1.94 26.81 11.69
C VAL A 28 1.69 28.30 11.80
N ALA A 29 0.60 28.66 12.48
CA ALA A 29 0.18 30.05 12.56
C ALA A 29 -0.44 30.33 13.92
N GLY A 30 -0.13 31.50 14.48
CA GLY A 30 -0.82 31.98 15.66
C GLY A 30 -0.21 31.60 16.98
N ILE A 31 1.07 31.25 17.02
CA ILE A 31 1.74 30.90 18.28
C ILE A 31 3.20 31.36 18.20
N GLU A 32 3.40 32.68 18.02
CA GLU A 32 4.76 33.19 17.88
C GLU A 32 5.58 32.96 19.14
N GLU A 33 4.95 33.02 20.31
CA GLU A 33 5.68 32.81 21.56
C GLU A 33 6.24 31.39 21.63
N VAL A 34 5.45 30.40 21.20
CA VAL A 34 5.92 29.02 21.22
C VAL A 34 7.08 28.84 20.25
N LYS A 35 7.00 29.48 19.09
CA LYS A 35 8.09 29.41 18.12
C LYS A 35 9.37 30.01 18.71
N GLU A 36 9.25 31.15 19.38
CA GLU A 36 10.41 31.72 20.07
C GLU A 36 10.96 30.76 21.10
N GLU A 37 10.09 30.13 21.90
CA GLU A 37 10.54 29.22 22.94
C GLU A 37 11.28 28.02 22.35
N VAL A 38 10.83 27.51 21.21
CA VAL A 38 11.44 26.32 20.61
C VAL A 38 12.57 26.66 19.64
N LYS A 39 12.83 27.94 19.38
CA LYS A 39 13.99 28.32 18.58
C LYS A 39 15.27 27.70 19.14
N GLU A 40 15.41 27.65 20.47
CA GLU A 40 16.58 27.04 21.08
C GLU A 40 16.68 25.56 20.72
N ILE A 41 15.56 24.85 20.77
CA ILE A 41 15.56 23.42 20.44
C ILE A 41 15.92 23.22 18.97
N ILE A 42 15.44 24.10 18.10
CA ILE A 42 15.77 23.98 16.67
C ILE A 42 17.26 24.22 16.46
N GLU A 43 17.82 25.22 17.14
CA GLU A 43 19.26 25.45 17.05
C GLU A 43 20.04 24.23 17.54
N TYR A 44 19.56 23.63 18.64
CA TYR A 44 20.20 22.42 19.16
C TYR A 44 20.17 21.30 18.13
N LEU A 45 19.02 21.06 17.51
CA LEU A 45 18.89 19.97 16.55
C LEU A 45 19.70 20.23 15.28
N LYS A 46 19.89 21.50 14.92
CA LYS A 46 20.68 21.79 13.72
C LYS A 46 22.15 21.44 13.91
N ASP A 47 22.67 21.58 15.13
CA ASP A 47 24.06 21.28 15.44
C ASP A 47 24.18 21.07 16.94
N PRO A 48 23.98 19.83 17.45
CA PRO A 48 23.89 19.64 18.91
C PRO A 48 25.18 19.93 19.67
N VAL A 49 26.31 19.39 19.20
CA VAL A 49 27.57 19.55 19.92
C VAL A 49 27.97 21.02 19.98
N LYS A 50 27.77 21.76 18.88
CA LYS A 50 28.09 23.19 18.89
C LYS A 50 27.28 23.94 19.93
N PHE A 51 25.98 23.66 20.03
CA PHE A 51 25.14 24.35 20.99
C PHE A 51 25.66 24.16 22.42
N GLN A 52 25.91 22.92 22.81
CA GLN A 52 26.34 22.62 24.18
C GLN A 52 27.80 23.01 24.39
N PRO A 58 20.47 23.14 27.79
CA PRO A 58 20.50 21.75 27.29
C PRO A 58 19.17 21.03 27.52
N PRO A 59 18.20 21.23 26.63
CA PRO A 59 16.91 20.57 26.81
C PRO A 59 16.93 19.12 26.36
N LYS A 60 16.32 18.25 27.17
CA LYS A 60 16.18 16.85 26.81
C LYS A 60 14.79 16.59 26.24
N GLY A 61 13.77 16.68 27.09
CA GLY A 61 12.40 16.42 26.71
C GLY A 61 11.57 17.69 26.67
N VAL A 62 10.48 17.67 25.89
CA VAL A 62 9.58 18.81 25.80
C VAL A 62 8.16 18.29 25.72
N LEU A 63 7.28 18.82 26.58
CA LEU A 63 5.88 18.43 26.62
C LEU A 63 5.00 19.52 26.00
N LEU A 64 4.14 19.12 25.07
CA LEU A 64 3.11 19.98 24.51
C LEU A 64 1.75 19.52 25.02
N TYR A 65 0.99 20.42 25.64
CA TYR A 65 -0.31 20.09 26.17
C TYR A 65 -1.34 21.13 25.74
N GLY A 66 -2.54 20.67 25.47
CA GLY A 66 -3.60 21.54 24.98
C GLY A 66 -4.76 20.70 24.47
N GLU A 67 -5.88 21.40 24.24
CA GLU A 67 -7.07 20.71 23.77
C GLU A 67 -6.81 20.07 22.40
N PRO A 68 -7.64 19.12 22.01
CA PRO A 68 -7.42 18.44 20.72
C PRO A 68 -7.60 19.39 19.55
N GLY A 69 -6.73 19.27 18.56
CA GLY A 69 -6.84 20.03 17.33
C GLY A 69 -6.23 21.41 17.38
N VAL A 70 -5.39 21.71 18.37
CA VAL A 70 -4.74 23.02 18.44
C VAL A 70 -3.38 23.05 17.77
N GLY A 71 -2.89 21.92 17.28
CA GLY A 71 -1.67 21.88 16.52
C GLY A 71 -0.45 21.33 17.25
N LYS A 72 -0.63 20.47 18.25
CA LYS A 72 0.52 19.90 18.96
C LYS A 72 1.37 19.05 18.02
N THR A 73 0.77 18.02 17.42
CA THR A 73 1.52 17.21 16.47
C THR A 73 2.05 18.07 15.32
N LEU A 74 1.23 19.03 14.86
CA LEU A 74 1.68 19.93 13.80
C LEU A 74 2.91 20.72 14.24
N LEU A 75 2.91 21.22 15.47
CA LEU A 75 4.08 21.96 15.95
C LEU A 75 5.31 21.07 16.02
N ALA A 76 5.15 19.83 16.48
CA ALA A 76 6.29 18.92 16.53
C ALA A 76 6.84 18.68 15.14
N LYS A 77 5.96 18.39 14.17
CA LYS A 77 6.41 18.15 12.80
C LYS A 77 7.09 19.39 12.22
N ALA A 78 6.59 20.58 12.56
CA ALA A 78 7.21 21.79 12.07
C ALA A 78 8.61 21.96 12.65
N ILE A 79 8.78 21.67 13.94
CA ILE A 79 10.11 21.71 14.53
C ILE A 79 11.03 20.73 13.81
N ALA A 80 10.53 19.52 13.56
CA ALA A 80 11.35 18.52 12.87
C ALA A 80 11.76 18.99 11.48
N GLY A 81 10.84 19.66 10.76
CA GLY A 81 11.15 20.13 9.43
C GLY A 81 12.05 21.34 9.37
N GLU A 82 11.99 22.20 10.40
CA GLU A 82 12.85 23.37 10.42
C GLU A 82 14.32 23.00 10.56
N ALA A 83 14.62 21.92 11.28
CA ALA A 83 16.00 21.47 11.46
C ALA A 83 16.46 20.51 10.38
N HIS A 84 15.57 20.09 9.48
CA HIS A 84 15.92 19.11 8.45
C HIS A 84 16.38 17.80 9.09
N VAL A 85 15.59 17.31 10.04
CA VAL A 85 15.88 16.06 10.72
C VAL A 85 14.67 15.15 10.55
N PRO A 86 14.86 13.83 10.63
CA PRO A 86 13.72 12.91 10.58
C PRO A 86 12.80 13.08 11.77
N PHE A 87 11.58 12.57 11.62
CA PHE A 87 10.52 12.72 12.62
C PHE A 87 9.92 11.35 12.92
N ILE A 88 10.21 10.83 14.11
CA ILE A 88 9.71 9.53 14.54
C ILE A 88 8.43 9.76 15.34
N SER A 89 7.31 9.32 14.81
CA SER A 89 6.01 9.50 15.44
C SER A 89 5.57 8.16 16.04
N VAL A 90 5.10 8.22 17.29
CA VAL A 90 4.55 7.04 17.97
C VAL A 90 3.51 7.51 18.95
N SER A 91 2.58 6.61 19.29
CA SER A 91 1.53 6.91 20.25
C SER A 91 1.68 6.02 21.48
N GLY A 92 1.28 6.59 22.63
CA GLY A 92 1.17 5.79 23.83
C GLY A 92 0.21 4.62 23.66
N SER A 93 -0.84 4.81 22.87
CA SER A 93 -1.82 3.74 22.64
C SER A 93 -1.17 2.47 22.13
N ASP A 94 -0.08 2.57 21.35
CA ASP A 94 0.56 1.36 20.84
C ASP A 94 1.35 0.63 21.91
N PHE A 95 1.76 1.33 22.97
CA PHE A 95 2.54 0.76 24.06
C PHE A 95 1.64 0.19 25.16
N VAL A 96 0.50 0.84 25.39
CA VAL A 96 -0.33 0.58 26.56
C VAL A 96 -0.93 -0.82 26.55
N GLU A 97 -1.56 -1.22 25.45
CA GLU A 97 -2.38 -2.43 25.38
C GLU A 97 -1.60 -3.72 25.19
N MET A 98 -0.28 -3.69 25.09
CA MET A 98 0.46 -4.86 24.67
C MET A 98 0.58 -5.89 25.77
N PHE A 99 0.85 -7.13 25.37
CA PHE A 99 0.93 -8.23 26.32
C PHE A 99 2.02 -7.90 27.34
N VAL A 100 2.08 -8.71 28.39
CA VAL A 100 2.97 -8.41 29.51
C VAL A 100 4.42 -8.56 29.07
N GLY A 101 5.19 -7.48 29.27
CA GLY A 101 6.60 -7.43 28.92
C GLY A 101 6.91 -6.80 27.59
N VAL A 102 5.89 -6.51 26.77
CA VAL A 102 6.13 -5.92 25.45
C VAL A 102 6.47 -4.44 25.57
N GLY A 103 5.64 -3.67 26.27
CA GLY A 103 5.76 -2.21 26.20
C GLY A 103 7.15 -1.70 26.52
N ALA A 104 7.82 -2.32 27.49
CA ALA A 104 9.16 -1.85 27.88
C ALA A 104 10.17 -2.11 26.78
N ALA A 105 10.13 -3.30 26.18
CA ALA A 105 11.03 -3.62 25.07
C ALA A 105 10.72 -2.75 23.86
N ARG A 106 9.47 -2.33 23.71
CA ARG A 106 9.12 -1.43 22.62
C ARG A 106 9.71 -0.05 22.86
N VAL A 107 9.61 0.46 24.09
CA VAL A 107 10.19 1.76 24.40
C VAL A 107 11.70 1.72 24.19
N ARG A 108 12.35 0.66 24.69
CA ARG A 108 13.80 0.55 24.54
C ARG A 108 14.20 0.51 23.06
N ASP A 109 13.50 -0.32 22.26
CA ASP A 109 13.84 -0.40 20.85
C ASP A 109 13.52 0.91 20.12
N LEU A 110 12.47 1.61 20.52
CA LEU A 110 12.19 2.90 19.93
C LEU A 110 13.37 3.84 20.13
N PHE A 111 13.89 3.90 21.37
CA PHE A 111 15.02 4.78 21.63
C PHE A 111 16.27 4.34 20.89
N GLU A 112 16.47 3.04 20.70
CA GLU A 112 17.64 2.58 19.96
C GLU A 112 17.56 2.96 18.49
N THR A 113 16.40 2.71 17.87
CA THR A 113 16.19 3.11 16.47
C THR A 113 16.32 4.62 16.30
N ALA A 114 15.87 5.38 17.28
CA ALA A 114 16.03 6.83 17.22
C ALA A 114 17.50 7.20 17.33
N LYS A 115 18.24 6.52 18.21
CA LYS A 115 19.66 6.79 18.36
C LYS A 115 20.40 6.53 17.05
N LYS A 116 20.01 5.49 16.32
CA LYS A 116 20.71 5.15 15.08
C LYS A 116 20.47 6.20 14.00
N HIS A 117 19.24 6.72 13.90
CA HIS A 117 18.90 7.74 12.92
C HIS A 117 19.15 9.16 13.42
N ALA A 118 19.81 9.34 14.56
CA ALA A 118 20.02 10.69 15.08
C ALA A 118 20.87 11.49 14.10
N PRO A 119 20.69 12.83 14.07
CA PRO A 119 19.76 13.61 14.90
C PRO A 119 18.31 13.49 14.42
N CYS A 120 17.38 13.34 15.36
CA CYS A 120 15.98 13.17 15.02
C CYS A 120 15.13 13.58 16.22
N ILE A 121 13.82 13.42 16.08
CA ILE A 121 12.85 13.71 17.14
C ILE A 121 12.00 12.47 17.34
N ILE A 122 11.83 12.08 18.60
CA ILE A 122 10.82 11.09 18.99
C ILE A 122 9.59 11.86 19.43
N PHE A 123 8.48 11.65 18.75
CA PHE A 123 7.23 12.27 19.11
C PHE A 123 6.32 11.20 19.69
N ILE A 124 5.84 11.44 20.92
CA ILE A 124 4.99 10.50 21.62
C ILE A 124 3.65 11.19 21.84
N ASP A 125 2.66 10.85 21.01
CA ASP A 125 1.32 11.37 21.20
C ASP A 125 0.61 10.56 22.28
N GLU A 126 -0.36 11.21 22.92
CA GLU A 126 -1.13 10.57 23.99
C GLU A 126 -0.19 10.01 25.07
N ILE A 127 0.83 10.81 25.42
CA ILE A 127 1.77 10.40 26.46
C ILE A 127 1.03 10.04 27.75
N ASP A 128 -0.19 10.55 27.94
CA ASP A 128 -0.97 10.20 29.13
C ASP A 128 -1.33 8.72 29.17
N ALA A 129 -1.38 8.06 28.01
CA ALA A 129 -1.75 6.65 27.98
C ALA A 129 -0.78 5.78 28.79
N VAL A 130 0.48 6.19 28.89
CA VAL A 130 1.50 5.43 29.60
C VAL A 130 1.85 6.09 30.94
N GLY A 131 1.72 7.41 31.01
CA GLY A 131 2.20 8.16 32.15
C GLY A 131 1.16 8.65 33.13
N ARG A 132 0.24 7.79 33.56
CA ARG A 132 -0.71 8.20 34.58
C ARG A 132 -0.06 8.08 35.96
N ALA A 133 -0.65 8.78 36.92
CA ALA A 133 -0.14 8.77 38.30
C ALA A 133 -0.71 7.60 39.11
N ASP A 144 -1.07 -1.11 36.06
CA ASP A 144 -0.02 -1.89 36.68
C ASP A 144 1.12 -2.13 35.70
N GLU A 145 0.88 -2.96 34.67
CA GLU A 145 1.91 -3.24 33.68
C GLU A 145 2.42 -1.96 33.02
N ARG A 146 1.52 -0.99 32.82
CA ARG A 146 1.93 0.31 32.29
C ARG A 146 3.03 0.94 33.12
N GLU A 147 3.07 0.65 34.42
CA GLU A 147 4.13 1.17 35.28
C GLU A 147 5.51 0.76 34.78
N GLN A 148 5.67 -0.51 34.39
CA GLN A 148 6.96 -0.98 33.88
C GLN A 148 7.38 -0.20 32.64
N THR A 149 6.46 -0.03 31.70
CA THR A 149 6.76 0.73 30.48
C THR A 149 7.13 2.16 30.82
N LEU A 150 6.42 2.78 31.76
CA LEU A 150 6.74 4.14 32.18
C LEU A 150 8.15 4.21 32.74
N ASN A 151 8.52 3.26 33.60
CA ASN A 151 9.87 3.23 34.15
C ASN A 151 10.90 3.08 33.05
N GLN A 152 10.62 2.22 32.06
CA GLN A 152 11.52 2.08 30.93
C GLN A 152 11.69 3.41 30.20
N LEU A 153 10.58 4.12 29.99
CA LEU A 153 10.66 5.43 29.36
C LEU A 153 11.56 6.36 30.16
N LEU A 154 11.39 6.39 31.48
CA LEU A 154 12.22 7.24 32.33
C LEU A 154 13.69 6.87 32.18
N VAL A 155 14.00 5.57 32.23
CA VAL A 155 15.37 5.12 32.08
C VAL A 155 15.97 5.62 30.77
N GLU A 156 15.22 5.46 29.68
CA GLU A 156 15.74 5.88 28.39
C GLU A 156 15.94 7.40 28.35
N MET A 157 14.99 8.15 28.89
CA MET A 157 15.12 9.60 28.91
C MET A 157 16.38 10.03 29.65
N ASP A 158 16.68 9.36 30.76
CA ASP A 158 17.86 9.71 31.55
C ASP A 158 19.15 9.19 30.93
N GLY A 159 19.09 8.11 30.16
CA GLY A 159 20.30 7.43 29.76
C GLY A 159 20.99 8.12 28.61
N PHE A 160 20.23 8.54 27.60
CA PHE A 160 20.86 9.15 26.44
C PHE A 160 21.47 10.48 26.86
N ASP A 161 22.75 10.68 26.56
CA ASP A 161 23.39 11.95 26.85
C ASP A 161 22.95 12.98 25.80
N THR A 162 23.34 14.24 26.02
CA THR A 162 23.02 15.24 25.01
C THR A 162 23.86 15.03 23.75
N SER A 163 24.94 14.26 23.86
CA SER A 163 25.79 14.00 22.70
C SER A 163 25.05 13.20 21.63
N ASP A 164 24.12 12.34 22.03
CA ASP A 164 23.45 11.46 21.07
C ASP A 164 22.69 12.27 20.01
N GLY A 165 22.09 13.39 20.42
CA GLY A 165 21.44 14.28 19.47
C GLY A 165 19.97 14.04 19.27
N ILE A 166 19.24 13.60 20.30
CA ILE A 166 17.81 13.34 20.19
C ILE A 166 17.05 14.35 21.03
N ILE A 167 15.81 14.62 20.62
CA ILE A 167 14.85 15.39 21.40
C ILE A 167 13.55 14.62 21.41
N VAL A 168 12.95 14.46 22.58
CA VAL A 168 11.69 13.75 22.75
C VAL A 168 10.59 14.79 22.98
N ILE A 169 9.56 14.76 22.14
CA ILE A 169 8.41 15.65 22.25
C ILE A 169 7.18 14.81 22.55
N ALA A 170 6.55 15.08 23.68
CA ALA A 170 5.30 14.42 24.06
C ALA A 170 4.12 15.36 23.86
N ALA A 171 2.95 14.79 23.63
CA ALA A 171 1.72 15.56 23.44
C ALA A 171 0.58 14.90 24.22
N THR A 172 -0.30 15.73 24.78
CA THR A 172 -1.39 15.20 25.59
C THR A 172 -2.52 16.21 25.69
N ASN A 173 -3.74 15.69 25.83
CA ASN A 173 -4.91 16.49 26.15
C ASN A 173 -5.20 16.54 27.64
N ARG A 174 -4.58 15.67 28.45
CA ARG A 174 -4.90 15.51 29.87
C ARG A 174 -3.65 15.67 30.73
N PRO A 175 -3.09 16.89 30.78
CA PRO A 175 -1.90 17.09 31.62
C PRO A 175 -2.19 16.97 33.11
N ASP A 176 -3.46 17.03 33.53
CA ASP A 176 -3.80 16.95 34.95
C ASP A 176 -3.66 15.55 35.54
N ILE A 177 -3.50 14.51 34.72
CA ILE A 177 -3.41 13.14 35.21
C ILE A 177 -2.05 12.51 34.89
N LEU A 178 -1.03 13.34 34.68
CA LEU A 178 0.30 12.86 34.34
C LEU A 178 1.11 12.54 35.58
N ASP A 179 1.87 11.45 35.52
CA ASP A 179 2.78 11.10 36.59
C ASP A 179 3.85 12.19 36.71
N PRO A 180 3.95 12.89 37.85
CA PRO A 180 4.94 14.00 37.94
C PRO A 180 6.37 13.60 37.62
N ALA A 181 6.73 12.32 37.76
CA ALA A 181 8.08 11.88 37.44
C ALA A 181 8.49 12.28 36.03
N LEU A 182 7.51 12.37 35.12
CA LEU A 182 7.80 12.71 33.73
C LEU A 182 8.40 14.11 33.59
N LEU A 183 8.22 14.98 34.58
CA LEU A 183 8.65 16.36 34.50
C LEU A 183 9.93 16.64 35.29
N ARG A 184 10.48 15.62 35.95
CA ARG A 184 11.71 15.80 36.70
C ARG A 184 12.81 16.33 35.78
N PRO A 185 13.78 17.08 36.30
CA PRO A 185 14.83 17.60 35.43
C PRO A 185 15.51 16.51 34.62
N GLY A 186 15.75 16.79 33.35
CA GLY A 186 16.32 15.82 32.44
C GLY A 186 15.31 15.02 31.65
N ARG A 187 14.07 14.93 32.14
CA ARG A 187 12.99 14.22 31.48
C ARG A 187 11.84 15.21 31.28
N PHE A 188 11.63 15.66 30.05
CA PHE A 188 10.55 16.59 29.74
C PHE A 188 10.54 17.74 30.74
N ASP A 189 11.72 18.33 30.93
CA ASP A 189 11.88 19.41 31.90
C ASP A 189 11.41 20.75 31.36
N ARG A 190 10.73 20.76 30.21
CA ARG A 190 10.20 21.99 29.63
C ARG A 190 8.81 21.70 29.11
N GLN A 191 7.81 22.40 29.62
CA GLN A 191 6.43 22.22 29.19
C GLN A 191 5.93 23.48 28.50
N ILE A 192 5.07 23.29 27.51
CA ILE A 192 4.54 24.39 26.71
C ILE A 192 3.05 24.18 26.49
N PHE A 193 2.26 25.21 26.73
CA PHE A 193 0.82 25.17 26.51
C PHE A 193 0.52 25.70 25.11
N ILE A 194 -0.28 24.96 24.36
CA ILE A 194 -0.73 25.40 23.04
C ILE A 194 -2.19 25.84 23.19
N PRO A 195 -2.48 27.14 23.18
CA PRO A 195 -3.84 27.61 23.44
C PRO A 195 -4.71 27.65 22.18
N LYS A 196 -6.02 27.70 22.41
CA LYS A 196 -6.94 27.89 21.31
C LYS A 196 -6.66 29.25 20.67
N PRO A 197 -6.87 29.37 19.36
CA PRO A 197 -6.54 30.64 18.69
C PRO A 197 -7.56 31.73 18.97
N ASP A 198 -7.04 32.93 19.21
CA ASP A 198 -7.88 34.13 19.27
C ASP A 198 -8.14 34.60 17.83
N VAL A 199 -8.79 35.76 17.69
CA VAL A 199 -9.22 36.19 16.37
C VAL A 199 -8.02 36.35 15.43
N ARG A 200 -6.92 36.92 15.92
CA ARG A 200 -5.73 37.05 15.09
C ARG A 200 -5.22 35.68 14.67
N GLY A 201 -5.13 34.76 15.64
CA GLY A 201 -4.68 33.42 15.33
C GLY A 201 -5.59 32.72 14.34
N ARG A 202 -6.91 32.85 14.53
CA ARG A 202 -7.85 32.24 13.62
C ARG A 202 -7.69 32.79 12.21
N TYR A 203 -7.49 34.11 12.10
CA TYR A 203 -7.27 34.72 10.79
C TYR A 203 -6.01 34.17 10.12
N GLU A 204 -4.91 34.08 10.87
CA GLU A 204 -3.68 33.58 10.30
C GLU A 204 -3.81 32.11 9.87
N ILE A 205 -4.53 31.31 10.67
CA ILE A 205 -4.78 29.92 10.32
C ILE A 205 -5.60 29.81 9.05
N LEU A 206 -6.64 30.64 8.95
CA LEU A 206 -7.45 30.65 7.74
C LEU A 206 -6.62 31.01 6.52
N LYS A 207 -5.67 31.94 6.69
CA LYS A 207 -4.75 32.23 5.60
C LYS A 207 -3.95 30.99 5.22
N VAL A 208 -3.34 30.34 6.21
CA VAL A 208 -2.49 29.18 5.93
C VAL A 208 -3.25 28.15 5.12
N HIS A 209 -4.46 27.81 5.56
CA HIS A 209 -5.24 26.75 4.92
C HIS A 209 -5.94 27.19 3.66
N ALA A 210 -6.05 28.50 3.42
CA ALA A 210 -6.62 28.98 2.17
C ALA A 210 -5.65 28.83 1.00
N ARG A 211 -4.35 28.80 1.29
CA ARG A 211 -3.33 28.83 0.24
C ARG A 211 -3.59 27.77 -0.83
N ASN A 212 -3.89 26.54 -0.42
CA ASN A 212 -4.11 25.48 -1.40
C ASN A 212 -5.43 25.64 -2.14
N LYS A 213 -6.44 26.23 -1.50
CA LYS A 213 -7.76 26.34 -2.08
C LYS A 213 -7.88 27.64 -2.88
N LYS A 214 -8.71 27.59 -3.93
CA LYS A 214 -8.87 28.72 -4.86
C LYS A 214 -10.11 29.52 -4.45
N LEU A 215 -9.91 30.42 -3.49
CA LEU A 215 -11.03 31.19 -2.95
C LEU A 215 -11.41 32.33 -3.89
N ALA A 216 -12.58 32.91 -3.63
CA ALA A 216 -13.06 34.07 -4.36
C ALA A 216 -12.51 35.36 -3.76
N LYS A 217 -12.65 36.46 -4.51
CA LYS A 217 -12.16 37.73 -3.99
C LYS A 217 -13.05 38.23 -2.87
N ASP A 218 -14.35 37.94 -2.95
CA ASP A 218 -15.32 38.49 -2.01
C ASP A 218 -15.10 37.98 -0.59
N VAL A 219 -14.49 36.80 -0.43
CA VAL A 219 -14.41 36.20 0.90
C VAL A 219 -13.57 37.09 1.80
N ASP A 220 -14.05 37.31 3.02
CA ASP A 220 -13.30 38.03 4.03
C ASP A 220 -12.95 37.05 5.14
N LEU A 221 -11.70 36.59 5.16
CA LEU A 221 -11.29 35.64 6.18
C LEU A 221 -11.26 36.31 7.55
N GLU A 222 -11.06 37.62 7.60
CA GLU A 222 -11.15 38.35 8.87
C GLU A 222 -12.55 38.22 9.47
N PHE A 223 -13.57 38.33 8.62
CA PHE A 223 -14.94 38.14 9.09
C PHE A 223 -15.13 36.73 9.62
N VAL A 224 -14.57 35.74 8.91
CA VAL A 224 -14.64 34.36 9.38
C VAL A 224 -13.98 34.23 10.75
N ALA A 225 -12.82 34.84 10.92
CA ALA A 225 -12.14 34.80 12.20
C ALA A 225 -13.03 35.36 13.30
N ARG A 226 -13.56 36.56 13.10
CA ARG A 226 -14.47 37.15 14.08
CA ARG A 226 -14.46 37.14 14.10
C ARG A 226 -15.75 36.34 14.26
N ALA A 227 -16.05 35.41 13.36
CA ALA A 227 -17.26 34.62 13.44
C ALA A 227 -17.05 33.23 14.05
N THR A 228 -15.84 32.90 14.48
CA THR A 228 -15.53 31.56 14.98
C THR A 228 -14.76 31.62 16.30
N PRO A 229 -15.28 32.32 17.31
CA PRO A 229 -14.64 32.25 18.62
C PRO A 229 -14.80 30.86 19.20
N GLY A 230 -13.74 30.37 19.82
CA GLY A 230 -13.73 29.03 20.38
C GLY A 230 -13.43 27.93 19.39
N PHE A 231 -13.15 28.27 18.13
CA PHE A 231 -12.70 27.29 17.16
C PHE A 231 -11.21 27.02 17.35
N THR A 232 -10.79 25.82 16.95
CA THR A 232 -9.39 25.44 16.90
C THR A 232 -8.91 25.46 15.44
N GLY A 233 -7.60 25.39 15.27
CA GLY A 233 -7.06 25.33 13.92
C GLY A 233 -7.69 24.22 13.10
N ALA A 234 -7.91 23.06 13.72
CA ALA A 234 -8.57 21.95 13.03
C ALA A 234 -9.99 22.33 12.62
N ASP A 235 -10.72 23.02 13.51
CA ASP A 235 -12.07 23.45 13.16
C ASP A 235 -12.06 24.37 11.95
N LEU A 236 -11.07 25.26 11.88
CA LEU A 236 -10.99 26.17 10.74
C LEU A 236 -10.64 25.43 9.47
N GLU A 237 -9.70 24.49 9.54
CA GLU A 237 -9.40 23.64 8.38
CA GLU A 237 -9.39 23.65 8.38
C GLU A 237 -10.66 22.96 7.88
N ASN A 238 -11.42 22.37 8.80
CA ASN A 238 -12.63 21.65 8.42
C ASN A 238 -13.65 22.61 7.80
N LEU A 239 -13.73 23.83 8.32
CA LEU A 239 -14.64 24.82 7.75
C LEU A 239 -14.29 25.13 6.30
N LEU A 240 -13.03 25.46 6.03
CA LEU A 240 -12.64 25.76 4.67
C LEU A 240 -12.82 24.54 3.76
N ASN A 241 -12.56 23.35 4.28
CA ASN A 241 -12.71 22.15 3.46
C ASN A 241 -14.16 21.88 3.12
N GLU A 242 -15.06 22.03 4.10
CA GLU A 242 -16.49 21.87 3.84
C GLU A 242 -16.97 22.93 2.85
N ALA A 243 -16.45 24.15 2.96
CA ALA A 243 -16.83 25.20 2.02
C ALA A 243 -16.39 24.84 0.60
N ALA A 244 -15.18 24.33 0.46
CA ALA A 244 -14.71 23.90 -0.86
C ALA A 244 -15.57 22.76 -1.39
N LEU A 245 -15.97 21.84 -0.51
CA LEU A 245 -16.83 20.74 -0.92
C LEU A 245 -18.17 21.25 -1.44
N LEU A 246 -18.79 22.18 -0.70
CA LEU A 246 -20.07 22.72 -1.14
C LEU A 246 -19.93 23.49 -2.44
N ALA A 247 -18.82 24.23 -2.60
CA ALA A 247 -18.58 24.94 -3.85
C ALA A 247 -18.53 23.96 -5.02
N ALA A 248 -17.71 22.91 -4.88
CA ALA A 248 -17.65 21.89 -5.92
C ALA A 248 -19.02 21.28 -6.18
N ARG A 249 -19.77 20.98 -5.12
CA ARG A 249 -21.11 20.40 -5.27
C ARG A 249 -22.04 21.32 -6.05
N LYS A 250 -21.83 22.62 -5.96
CA LYS A 250 -22.62 23.58 -6.73
C LYS A 250 -21.99 23.90 -8.08
N GLY A 251 -20.94 23.16 -8.46
CA GLY A 251 -20.33 23.29 -9.75
C GLY A 251 -19.49 24.53 -9.97
N LYS A 252 -19.27 25.34 -8.94
CA LYS A 252 -18.56 26.60 -9.12
C LYS A 252 -17.08 26.34 -9.38
N GLU A 253 -16.32 27.42 -9.45
CA GLU A 253 -14.88 27.38 -9.67
C GLU A 253 -14.13 28.21 -8.66
N GLU A 254 -14.84 28.92 -7.78
CA GLU A 254 -14.27 29.78 -6.76
C GLU A 254 -15.13 29.63 -5.52
N ILE A 255 -14.49 29.62 -4.35
CA ILE A 255 -15.22 29.51 -3.09
C ILE A 255 -15.62 30.92 -2.67
N THR A 256 -16.91 31.12 -2.44
CA THR A 256 -17.49 32.42 -2.15
C THR A 256 -18.02 32.45 -0.73
N MET A 257 -18.19 33.66 -0.19
CA MET A 257 -18.74 33.80 1.15
C MET A 257 -20.00 32.97 1.33
N GLU A 258 -20.76 32.76 0.24
CA GLU A 258 -21.93 31.90 0.34
C GLU A 258 -21.55 30.54 0.92
N GLU A 259 -20.55 29.89 0.33
CA GLU A 259 -20.16 28.56 0.77
C GLU A 259 -19.52 28.58 2.16
N ILE A 260 -18.70 29.60 2.45
CA ILE A 260 -18.09 29.69 3.77
C ILE A 260 -19.17 29.78 4.84
N GLU A 261 -20.12 30.71 4.65
CA GLU A 261 -21.19 30.88 5.63
C GLU A 261 -22.07 29.65 5.69
N GLU A 262 -22.30 28.99 4.55
CA GLU A 262 -23.10 27.77 4.54
C GLU A 262 -22.44 26.67 5.36
N ALA A 263 -21.12 26.49 5.18
CA ALA A 263 -20.41 25.46 5.94
C ALA A 263 -20.42 25.77 7.43
N LEU A 264 -20.21 27.05 7.78
CA LEU A 264 -20.22 27.41 9.20
C LEU A 264 -21.59 27.17 9.81
N ASP A 265 -22.65 27.58 9.09
CA ASP A 265 -24.01 27.34 9.55
C ASP A 265 -24.27 25.84 9.67
N ARG A 266 -23.76 25.05 8.73
CA ARG A 266 -23.91 23.60 8.80
C ARG A 266 -23.33 23.06 10.09
N ILE A 267 -22.08 23.40 10.38
CA ILE A 267 -21.42 22.87 11.57
C ILE A 267 -22.13 23.35 12.82
N THR A 268 -22.56 24.61 12.84
CA THR A 268 -23.22 25.15 14.04
C THR A 268 -24.60 24.55 14.26
N MET A 269 -25.35 24.31 13.19
CA MET A 269 -26.76 23.96 13.31
C MET A 269 -26.96 22.59 13.97
N GLY A 270 -26.01 21.67 13.77
CA GLY A 270 -26.12 20.34 14.34
C GLY A 270 -24.79 19.75 14.76
N LYS A 274 -19.17 19.18 15.18
CA LYS A 274 -17.71 19.11 15.16
C LYS A 274 -17.10 20.31 15.87
N GLY A 275 -17.56 21.50 15.52
CA GLY A 275 -17.07 22.74 16.09
C GLY A 275 -18.10 23.38 17.01
N MET A 276 -17.60 24.08 18.03
CA MET A 276 -18.44 24.73 19.03
C MET A 276 -18.07 26.20 19.07
N THR A 277 -19.03 27.07 18.83
CA THR A 277 -18.81 28.50 18.78
C THR A 277 -19.29 29.17 20.07
N ILE A 278 -18.63 30.27 20.43
CA ILE A 278 -18.95 30.99 21.66
C ILE A 278 -19.96 32.08 21.33
N SER A 279 -21.11 32.04 21.99
CA SER A 279 -22.11 33.07 21.77
CA SER A 279 -22.11 33.07 21.78
C SER A 279 -21.63 34.41 22.35
N PRO A 280 -22.14 35.53 21.83
CA PRO A 280 -21.75 36.82 22.42
C PRO A 280 -22.04 36.94 23.90
N LYS A 281 -23.17 36.40 24.37
CA LYS A 281 -23.45 36.40 25.81
C LYS A 281 -22.37 35.60 26.55
N GLU A 282 -22.04 34.42 26.02
CA GLU A 282 -20.92 33.66 26.57
C GLU A 282 -19.63 34.47 26.53
N LYS A 283 -19.40 35.22 25.43
CA LYS A 283 -18.19 36.03 25.35
C LYS A 283 -18.16 37.07 26.45
N GLU A 284 -19.29 37.70 26.73
CA GLU A 284 -19.35 38.69 27.81
C GLU A 284 -19.05 38.05 29.16
N LYS A 285 -19.66 36.90 29.42
CA LYS A 285 -19.42 36.19 30.67
C LYS A 285 -17.93 35.86 30.83
N ILE A 286 -17.32 35.27 29.79
CA ILE A 286 -15.91 34.92 29.87
C ILE A 286 -15.07 36.16 30.09
N ALA A 287 -15.39 37.24 29.38
CA ALA A 287 -14.62 38.47 29.51
C ALA A 287 -14.65 38.96 30.94
N ILE A 288 -15.82 38.93 31.57
CA ILE A 288 -15.92 39.39 32.95
C ILE A 288 -15.12 38.47 33.88
N HIS A 289 -15.21 37.15 33.67
CA HIS A 289 -14.46 36.22 34.51
C HIS A 289 -12.96 36.49 34.43
N GLU A 290 -12.44 36.57 33.20
CA GLU A 290 -11.00 36.81 33.03
C GLU A 290 -10.59 38.17 33.53
N ALA A 291 -11.45 39.18 33.36
CA ALA A 291 -11.14 40.51 33.87
C ALA A 291 -11.07 40.52 35.38
N GLY A 292 -11.97 39.80 36.05
CA GLY A 292 -11.89 39.68 37.50
C GLY A 292 -10.63 38.98 37.95
N HIS A 293 -10.29 37.89 37.26
CA HIS A 293 -9.02 37.22 37.52
C HIS A 293 -7.86 38.20 37.47
N ALA A 294 -7.75 38.96 36.37
CA ALA A 294 -6.63 39.88 36.20
C ALA A 294 -6.66 40.98 37.25
N LEU A 295 -7.84 41.48 37.58
CA LEU A 295 -7.93 42.55 38.56
C LEU A 295 -7.40 42.08 39.91
N MET A 296 -7.86 40.92 40.36
CA MET A 296 -7.34 40.34 41.61
C MET A 296 -5.83 40.19 41.53
N GLY A 297 -5.33 39.66 40.41
CA GLY A 297 -3.90 39.54 40.25
C GLY A 297 -3.17 40.87 40.43
N LEU A 298 -3.75 41.94 39.90
CA LEU A 298 -3.10 43.24 39.91
C LEU A 298 -3.32 44.01 41.21
N VAL A 299 -4.22 43.54 42.08
CA VAL A 299 -4.49 44.25 43.33
C VAL A 299 -3.83 43.54 44.50
N SER A 300 -3.68 42.22 44.44
CA SER A 300 -3.19 41.46 45.59
C SER A 300 -1.76 41.86 45.97
N ASP A 301 -1.48 41.80 47.27
CA ASP A 301 -0.15 42.06 47.82
C ASP A 301 0.73 40.81 47.65
N ASP A 302 1.00 40.47 46.40
CA ASP A 302 1.75 39.28 46.02
C ASP A 302 2.96 39.62 45.16
N ASP A 303 3.64 38.57 44.71
CA ASP A 303 4.80 38.68 43.85
C ASP A 303 4.63 37.90 42.54
N ASP A 304 3.47 37.28 42.31
CA ASP A 304 3.24 36.60 41.05
C ASP A 304 2.87 37.63 39.99
N LYS A 305 3.33 37.39 38.76
CA LYS A 305 3.09 38.31 37.67
C LYS A 305 1.80 37.99 36.93
N VAL A 306 1.06 39.04 36.58
CA VAL A 306 -0.21 38.89 35.89
C VAL A 306 0.05 38.75 34.39
N HIS A 307 -0.60 37.78 33.77
CA HIS A 307 -0.43 37.51 32.35
C HIS A 307 -1.46 38.30 31.54
N LYS A 308 -1.46 38.06 30.23
CA LYS A 308 -2.37 38.76 29.34
C LYS A 308 -3.81 38.32 29.58
N ILE A 309 -4.75 39.20 29.26
CA ILE A 309 -6.18 38.95 29.44
C ILE A 309 -6.78 38.57 28.09
N SER A 310 -7.50 37.46 28.05
CA SER A 310 -8.08 36.95 26.82
C SER A 310 -9.32 36.14 27.16
N ILE A 311 -10.30 36.18 26.25
CA ILE A 311 -11.56 35.46 26.47
C ILE A 311 -11.42 34.00 26.05
N ILE A 312 -10.20 33.59 25.71
CA ILE A 312 -9.94 32.18 25.47
C ILE A 312 -9.68 31.55 26.83
N PRO A 313 -10.21 30.37 27.12
CA PRO A 313 -9.95 29.75 28.43
C PRO A 313 -8.45 29.63 28.71
N ARG A 314 -8.10 29.71 29.99
CA ARG A 314 -6.70 29.71 30.40
C ARG A 314 -6.21 28.29 30.63
N GLY A 315 -4.93 28.16 30.94
CA GLY A 315 -4.31 26.87 31.20
C GLY A 315 -2.80 26.98 31.40
N LYS A 329 6.63 24.07 44.18
CA LYS A 329 7.99 23.72 44.55
C LYS A 329 8.73 24.92 45.18
N HIS A 330 8.02 26.04 45.33
CA HIS A 330 8.56 27.24 45.95
C HIS A 330 7.99 27.33 47.37
N ILE A 331 8.38 28.36 48.10
CA ILE A 331 7.85 28.60 49.44
C ILE A 331 6.89 29.77 49.39
N TYR A 332 5.76 29.61 50.07
CA TYR A 332 4.75 30.64 50.23
C TYR A 332 4.40 30.76 51.71
N ASP A 333 3.97 31.96 52.11
CA ASP A 333 3.44 32.16 53.44
C ASP A 333 1.91 32.26 53.39
N LYS A 334 1.31 32.31 54.58
CA LYS A 334 -0.14 32.32 54.69
C LYS A 334 -0.75 33.43 53.83
N LYS A 335 -0.13 34.60 53.82
CA LYS A 335 -0.69 35.73 53.07
C LYS A 335 -0.62 35.49 51.57
N ASP A 336 0.51 34.98 51.08
CA ASP A 336 0.62 34.68 49.66
C ASP A 336 -0.45 33.68 49.24
N LEU A 337 -0.74 32.71 50.11
CA LEU A 337 -1.74 31.70 49.79
C LEU A 337 -3.15 32.26 49.81
N TYR A 338 -3.47 33.10 50.82
CA TYR A 338 -4.74 33.82 50.82
C TYR A 338 -4.93 34.59 49.52
N ASN A 339 -3.86 35.24 49.04
CA ASN A 339 -4.01 36.05 47.84
C ASN A 339 -4.11 35.20 46.58
N LYS A 340 -3.42 34.06 46.52
CA LYS A 340 -3.63 33.12 45.42
C LYS A 340 -5.08 32.66 45.39
N ILE A 341 -5.64 32.33 46.55
CA ILE A 341 -7.06 31.98 46.62
C ILE A 341 -7.90 33.13 46.07
N LEU A 342 -7.63 34.36 46.55
CA LEU A 342 -8.37 35.52 46.08
C LEU A 342 -8.37 35.59 44.55
N VAL A 343 -7.19 35.51 43.95
CA VAL A 343 -7.11 35.55 42.49
C VAL A 343 -7.96 34.46 41.88
N LEU A 344 -7.84 33.24 42.40
CA LEU A 344 -8.61 32.13 41.85
C LEU A 344 -10.11 32.38 41.93
N LEU A 345 -10.56 33.07 42.98
CA LEU A 345 -11.98 33.37 43.14
C LEU A 345 -12.42 34.63 42.40
N GLY A 346 -11.50 35.34 41.74
CA GLY A 346 -11.85 36.63 41.16
C GLY A 346 -12.85 36.53 40.02
N GLY A 347 -12.64 35.58 39.11
CA GLY A 347 -13.53 35.45 37.97
C GLY A 347 -14.96 35.18 38.40
N ARG A 348 -15.16 34.22 39.31
CA ARG A 348 -16.50 33.93 39.79
C ARG A 348 -17.09 35.12 40.54
N ALA A 349 -16.27 35.81 41.33
CA ALA A 349 -16.77 36.98 42.05
C ALA A 349 -17.26 38.03 41.07
N ALA A 350 -16.51 38.27 39.99
CA ALA A 350 -16.96 39.19 38.96
C ALA A 350 -18.26 38.70 38.33
N GLU A 351 -18.35 37.40 38.06
CA GLU A 351 -19.58 36.85 37.49
C GLU A 351 -20.77 37.20 38.37
N GLU A 352 -20.63 37.00 39.68
CA GLU A 352 -21.76 37.23 40.58
C GLU A 352 -22.08 38.72 40.68
N VAL A 353 -21.04 39.56 40.75
CA VAL A 353 -21.28 41.00 40.89
C VAL A 353 -22.02 41.53 39.67
N PHE A 354 -21.68 41.05 38.47
CA PHE A 354 -22.28 41.61 37.28
C PHE A 354 -23.64 40.99 36.96
N PHE A 355 -23.79 39.68 37.15
CA PHE A 355 -24.99 38.97 36.71
C PHE A 355 -25.85 38.42 37.84
N GLY A 356 -25.42 38.52 39.09
CA GLY A 356 -26.19 38.02 40.20
C GLY A 356 -26.04 36.51 40.39
N LYS A 357 -26.57 36.04 41.52
CA LYS A 357 -26.35 34.65 41.92
C LYS A 357 -26.87 33.66 40.88
N ASP A 358 -27.77 34.07 39.99
CA ASP A 358 -28.28 33.18 38.97
C ASP A 358 -27.44 33.21 37.68
N GLY A 359 -26.42 34.06 37.62
CA GLY A 359 -25.64 34.22 36.41
C GLY A 359 -24.25 33.61 36.47
N ILE A 360 -23.82 33.18 37.65
CA ILE A 360 -22.54 32.50 37.78
C ILE A 360 -22.50 31.29 36.86
N THR A 361 -21.31 30.90 36.44
CA THR A 361 -21.12 29.95 35.35
C THR A 361 -20.16 28.83 35.73
N THR A 362 -20.12 27.83 34.85
CA THR A 362 -19.20 26.72 34.99
C THR A 362 -17.77 27.09 34.64
N GLY A 363 -17.54 28.24 34.01
CA GLY A 363 -16.18 28.63 33.67
C GLY A 363 -15.27 28.73 34.88
N ALA A 364 -15.84 28.95 36.06
CA ALA A 364 -15.05 29.04 37.28
C ALA A 364 -14.58 27.69 37.79
N GLU A 365 -15.16 26.58 37.30
CA GLU A 365 -14.88 25.25 37.81
C GLU A 365 -13.42 25.07 38.22
N ASN A 366 -12.52 24.97 37.23
CA ASN A 366 -11.09 24.89 37.52
C ASN A 366 -10.71 25.78 38.67
N ASP A 367 -10.81 27.09 38.46
CA ASP A 367 -10.42 28.06 39.47
C ASP A 367 -10.91 27.61 40.83
N LEU A 368 -12.23 27.46 40.96
CA LEU A 368 -12.81 27.14 42.27
C LEU A 368 -12.11 25.94 42.89
N GLN A 369 -12.03 24.83 42.15
CA GLN A 369 -11.40 23.64 42.68
C GLN A 369 -10.03 23.98 43.24
N ARG A 370 -9.16 24.57 42.43
CA ARG A 370 -7.83 24.91 42.90
C ARG A 370 -7.93 25.67 44.22
N ALA A 371 -8.74 26.73 44.25
CA ALA A 371 -8.90 27.49 45.48
C ALA A 371 -9.19 26.56 46.66
N THR A 372 -10.25 25.76 46.55
CA THR A 372 -10.59 24.86 47.64
C THR A 372 -9.41 23.97 47.98
N ASP A 373 -8.82 23.33 46.98
CA ASP A 373 -7.67 22.48 47.24
C ASP A 373 -6.64 23.24 48.07
N LEU A 374 -6.29 24.44 47.63
CA LEU A 374 -5.31 25.23 48.35
C LEU A 374 -5.73 25.41 49.79
N ALA A 375 -6.96 25.84 50.02
CA ALA A 375 -7.45 26.03 51.38
C ALA A 375 -7.22 24.76 52.20
N TYR A 376 -7.55 23.60 51.63
CA TYR A 376 -7.36 22.36 52.35
C TYR A 376 -5.90 22.18 52.76
N ARG A 377 -4.97 22.36 51.81
CA ARG A 377 -3.56 22.24 52.16
C ARG A 377 -3.21 23.21 53.27
N MET A 378 -3.79 24.42 53.24
CA MET A 378 -3.47 25.39 54.26
C MET A 378 -3.90 24.90 55.64
N VAL A 379 -4.96 24.11 55.71
CA VAL A 379 -5.53 23.70 56.99
C VAL A 379 -5.01 22.34 57.42
N SER A 380 -4.96 21.38 56.50
CA SER A 380 -4.64 20.01 56.86
C SER A 380 -3.17 19.64 56.66
N MET A 381 -2.41 20.42 55.89
CA MET A 381 -1.02 20.10 55.61
C MET A 381 -0.03 21.10 56.17
N TRP A 382 -0.38 22.38 56.21
CA TRP A 382 0.52 23.45 56.59
C TRP A 382 0.16 24.11 57.92
N GLY A 383 -0.83 23.60 58.63
CA GLY A 383 -1.14 24.12 59.94
C GLY A 383 -1.33 25.63 59.97
N MET A 384 -1.92 26.19 58.91
CA MET A 384 -2.15 27.63 58.85
C MET A 384 -3.52 28.04 59.38
N SER A 385 -4.17 27.19 60.18
CA SER A 385 -5.41 27.53 60.85
C SER A 385 -5.19 27.56 62.35
N ASP A 386 -5.68 28.62 63.00
CA ASP A 386 -5.57 28.71 64.44
C ASP A 386 -6.49 27.70 65.12
N LYS A 387 -7.74 27.59 64.66
CA LYS A 387 -8.70 26.70 65.30
C LYS A 387 -8.20 25.26 65.26
N VAL A 388 -7.69 24.82 64.12
CA VAL A 388 -7.17 23.46 64.00
C VAL A 388 -5.79 23.35 64.62
N GLY A 389 -4.92 24.31 64.38
CA GLY A 389 -3.60 24.31 64.94
C GLY A 389 -2.54 23.85 63.96
N PRO A 390 -1.31 23.68 64.45
CA PRO A 390 -0.20 23.28 63.57
C PRO A 390 -0.11 21.78 63.39
N ILE A 391 -1.24 21.13 63.27
CA ILE A 391 -1.31 19.69 63.05
C ILE A 391 -1.34 19.41 61.56
N ALA A 392 -0.74 18.28 61.17
CA ALA A 392 -0.68 17.89 59.77
C ALA A 392 -1.00 16.41 59.67
N ILE A 393 -1.94 16.07 58.80
CA ILE A 393 -2.37 14.68 58.64
C ILE A 393 -2.17 14.24 57.19
N ARG A 394 -2.84 14.91 56.26
CA ARG A 394 -2.76 14.52 54.85
C ARG A 394 -1.31 14.54 54.37
N ARG A 395 -1.06 13.78 53.30
CA ARG A 395 0.28 13.68 52.74
C ARG A 395 0.46 14.63 51.56
N THR A 405 -6.49 10.74 49.97
CA THR A 405 -6.18 9.69 50.94
C THR A 405 -5.12 10.14 51.95
N THR A 406 -5.47 10.12 53.23
CA THR A 406 -4.54 10.45 54.29
C THR A 406 -3.85 9.18 54.78
N ALA A 407 -2.95 9.34 55.75
CA ALA A 407 -2.18 8.22 56.28
C ALA A 407 -2.83 7.59 57.50
N VAL A 408 -3.32 8.40 58.45
CA VAL A 408 -3.93 7.91 59.68
C VAL A 408 -5.43 8.18 59.65
N ASP A 409 -6.20 7.24 60.20
CA ASP A 409 -7.64 7.38 60.31
C ASP A 409 -8.00 8.58 61.19
N THR A 410 -8.72 9.54 60.60
CA THR A 410 -9.10 10.76 61.29
C THR A 410 -10.53 10.69 61.81
N SER A 411 -10.75 11.24 63.00
CA SER A 411 -12.07 11.26 63.59
C SER A 411 -13.01 12.20 62.83
N PRO A 412 -14.33 11.95 62.88
CA PRO A 412 -15.26 12.85 62.18
C PRO A 412 -15.25 14.28 62.70
N ASP A 413 -15.09 14.50 64.01
CA ASP A 413 -15.09 15.86 64.54
C ASP A 413 -13.97 16.68 63.91
N LEU A 414 -12.79 16.09 63.77
CA LEU A 414 -11.67 16.84 63.19
C LEU A 414 -11.92 17.15 61.72
N LEU A 415 -12.45 16.18 60.98
CA LEU A 415 -12.80 16.43 59.58
C LEU A 415 -13.81 17.57 59.47
N ARG A 416 -14.79 17.60 60.39
CA ARG A 416 -15.75 18.70 60.39
C ARG A 416 -15.06 20.03 60.66
N GLU A 417 -14.10 20.05 61.59
CA GLU A 417 -13.37 21.29 61.83
C GLU A 417 -12.60 21.74 60.60
N ILE A 418 -11.95 20.80 59.91
CA ILE A 418 -11.19 21.15 58.71
C ILE A 418 -12.13 21.72 57.65
N ASP A 419 -13.28 21.06 57.46
CA ASP A 419 -14.21 21.52 56.44
C ASP A 419 -14.74 22.91 56.77
N GLU A 420 -15.13 23.11 58.04
CA GLU A 420 -15.63 24.42 58.46
C GLU A 420 -14.57 25.49 58.25
N GLU A 421 -13.31 25.19 58.57
CA GLU A 421 -12.26 26.19 58.39
C GLU A 421 -12.01 26.48 56.91
N VAL A 422 -12.05 25.44 56.07
CA VAL A 422 -11.88 25.66 54.64
C VAL A 422 -12.99 26.58 54.13
N LYS A 423 -14.23 26.32 54.56
CA LYS A 423 -15.33 27.18 54.16
C LYS A 423 -15.11 28.61 54.64
N ARG A 424 -14.65 28.76 55.88
CA ARG A 424 -14.35 30.11 56.37
C ARG A 424 -13.36 30.81 55.46
N ILE A 425 -12.23 30.18 55.18
CA ILE A 425 -11.21 30.81 54.34
C ILE A 425 -11.78 31.20 52.98
N ILE A 426 -12.45 30.25 52.32
CA ILE A 426 -12.92 30.49 50.96
C ILE A 426 -13.95 31.61 50.95
N THR A 427 -14.91 31.59 51.87
CA THR A 427 -15.93 32.64 51.86
C THR A 427 -15.34 34.00 52.21
N GLU A 428 -14.37 34.05 53.13
CA GLU A 428 -13.74 35.33 53.42
C GLU A 428 -13.11 35.90 52.16
N GLN A 429 -12.29 35.09 51.48
CA GLN A 429 -11.65 35.59 50.27
C GLN A 429 -12.66 35.92 49.19
N TYR A 430 -13.77 35.18 49.14
CA TYR A 430 -14.76 35.44 48.11
C TYR A 430 -15.45 36.78 48.34
N GLU A 431 -15.80 37.09 49.60
CA GLU A 431 -16.33 38.41 49.91
C GLU A 431 -15.32 39.50 49.57
N LYS A 432 -14.04 39.26 49.89
CA LYS A 432 -12.99 40.22 49.54
C LYS A 432 -12.98 40.50 48.04
N ALA A 433 -13.05 39.43 47.24
CA ALA A 433 -13.00 39.60 45.78
C ALA A 433 -14.25 40.30 45.27
N LYS A 434 -15.43 39.92 45.78
CA LYS A 434 -16.66 40.60 45.37
C LYS A 434 -16.58 42.09 45.65
N ALA A 435 -16.09 42.46 46.84
CA ALA A 435 -15.97 43.87 47.18
C ALA A 435 -15.02 44.57 46.23
N ILE A 436 -13.87 43.97 45.96
CA ILE A 436 -12.92 44.59 45.04
C ILE A 436 -13.58 44.82 43.67
N VAL A 437 -14.32 43.83 43.17
CA VAL A 437 -14.94 43.97 41.86
C VAL A 437 -15.99 45.07 41.88
N GLU A 438 -16.79 45.14 42.95
CA GLU A 438 -17.75 46.23 43.08
C GLU A 438 -17.05 47.59 43.00
N GLU A 439 -15.96 47.76 43.76
CA GLU A 439 -15.28 49.05 43.81
C GLU A 439 -14.86 49.51 42.43
N TYR A 440 -14.38 48.59 41.59
CA TYR A 440 -13.81 48.93 40.30
C TYR A 440 -14.70 48.47 39.14
N LYS A 441 -16.01 48.51 39.33
CA LYS A 441 -16.92 47.93 38.35
C LYS A 441 -16.84 48.67 37.02
N GLU A 442 -16.70 50.00 37.06
CA GLU A 442 -16.73 50.78 35.82
C GLU A 442 -15.47 50.59 34.99
N PRO A 443 -14.26 50.78 35.52
CA PRO A 443 -13.07 50.44 34.73
C PRO A 443 -13.13 49.00 34.23
N LEU A 444 -13.72 48.10 35.01
CA LEU A 444 -13.87 46.73 34.55
C LEU A 444 -14.77 46.66 33.33
N LYS A 445 -15.86 47.43 33.32
CA LYS A 445 -16.72 47.50 32.13
C LYS A 445 -15.93 47.98 30.93
N ALA A 446 -15.07 48.98 31.15
CA ALA A 446 -14.22 49.46 30.06
C ALA A 446 -13.33 48.35 29.53
N VAL A 447 -12.65 47.64 30.43
CA VAL A 447 -11.80 46.52 30.01
C VAL A 447 -12.62 45.50 29.24
N VAL A 448 -13.81 45.18 29.72
CA VAL A 448 -14.64 44.17 29.07
C VAL A 448 -15.05 44.63 27.67
N LYS A 449 -15.31 45.92 27.50
CA LYS A 449 -15.62 46.41 26.16
C LYS A 449 -14.44 46.22 25.23
N LYS A 450 -13.27 46.67 25.67
CA LYS A 450 -12.07 46.48 24.85
C LYS A 450 -11.83 45.00 24.56
N LEU A 451 -12.20 44.14 25.51
CA LEU A 451 -11.94 42.70 25.41
C LEU A 451 -12.89 42.04 24.42
N LEU A 452 -14.19 42.32 24.53
CA LEU A 452 -15.13 41.82 23.53
C LEU A 452 -14.78 42.31 22.14
N GLU A 453 -14.17 43.51 22.03
CA GLU A 453 -13.76 43.99 20.72
C GLU A 453 -12.54 43.23 20.20
N LYS A 454 -11.42 43.34 20.90
CA LYS A 454 -10.15 42.78 20.42
C LYS A 454 -9.99 41.31 20.78
N GLU A 455 -10.82 40.79 21.69
CA GLU A 455 -10.75 39.41 22.15
C GLU A 455 -9.60 39.15 23.11
N THR A 456 -8.54 39.96 23.02
CA THR A 456 -7.40 39.82 23.91
C THR A 456 -6.75 41.18 24.09
N ILE A 457 -6.31 41.47 25.31
CA ILE A 457 -5.57 42.67 25.62
C ILE A 457 -4.40 42.28 26.52
N THR A 458 -3.44 43.19 26.63
CA THR A 458 -2.27 42.95 27.44
C THR A 458 -2.51 43.47 28.86
N CYS A 459 -1.72 42.93 29.81
CA CYS A 459 -1.77 43.45 31.16
C CYS A 459 -1.50 44.95 31.17
N GLU A 460 -0.60 45.41 30.29
CA GLU A 460 -0.32 46.83 30.21
C GLU A 460 -1.57 47.61 29.78
N GLU A 461 -2.30 47.08 28.79
CA GLU A 461 -3.55 47.71 28.38
C GLU A 461 -4.56 47.74 29.51
N PHE A 462 -4.64 46.67 30.30
CA PHE A 462 -5.49 46.66 31.49
C PHE A 462 -5.12 47.80 32.43
N VAL A 463 -3.83 47.91 32.76
CA VAL A 463 -3.38 48.96 33.67
C VAL A 463 -3.68 50.34 33.08
N GLU A 464 -3.54 50.47 31.76
CA GLU A 464 -3.80 51.77 31.13
C GLU A 464 -5.27 52.13 31.25
N VAL A 465 -6.16 51.20 30.90
CA VAL A 465 -7.59 51.44 31.06
C VAL A 465 -7.88 51.85 32.49
N PHE A 466 -7.20 51.22 33.46
CA PHE A 466 -7.55 51.52 34.85
C PHE A 466 -7.03 52.88 35.28
N LYS A 467 -5.84 53.28 34.82
CA LYS A 467 -5.35 54.61 35.17
C LYS A 467 -6.16 55.69 34.47
N LEU A 468 -6.82 55.36 33.35
CA LEU A 468 -7.77 56.29 32.77
CA LEU A 468 -7.77 56.29 32.77
C LEU A 468 -8.88 56.65 33.74
N TYR A 469 -9.07 55.86 34.79
CA TYR A 469 -10.05 56.14 35.83
C TYR A 469 -9.38 56.61 37.13
N GLY A 470 -8.15 57.11 37.03
CA GLY A 470 -7.46 57.56 38.21
C GLY A 470 -7.08 56.46 39.18
N ILE A 471 -6.76 55.28 38.66
CA ILE A 471 -6.44 54.11 39.48
C ILE A 471 -5.04 53.62 39.10
N GLU A 472 -4.14 53.58 40.07
CA GLU A 472 -2.78 53.10 39.88
C GLU A 472 -2.71 51.68 40.40
N LEU A 473 -2.26 50.75 39.57
CA LEU A 473 -2.21 49.34 39.91
C LEU A 473 -0.76 48.88 39.98
N LYS A 474 -0.56 47.80 40.71
CA LYS A 474 0.77 47.28 41.01
C LYS A 474 1.44 46.79 39.73
N ASP A 475 2.75 47.00 39.64
CA ASP A 475 3.49 46.69 38.42
C ASP A 475 3.83 45.20 38.37
N LYS A 476 2.78 44.39 38.25
CA LYS A 476 2.91 42.94 38.17
C LYS A 476 2.86 42.40 36.74
N CYS A 477 2.68 43.26 35.74
CA CYS A 477 2.67 42.80 34.36
C CYS A 477 3.92 41.96 34.06
N LYS A 478 3.70 40.79 33.46
CA LYS A 478 4.79 39.86 33.17
C LYS A 478 5.69 40.42 32.07
N GLY B 13 -5.24 -11.74 -4.08
CA GLY B 13 -6.18 -11.94 -5.17
C GLY B 13 -7.34 -12.85 -4.79
N LEU B 14 -7.53 -13.05 -3.48
CA LEU B 14 -8.63 -13.86 -2.97
C LEU B 14 -9.88 -13.04 -2.68
N VAL B 15 -9.73 -11.74 -2.45
CA VAL B 15 -10.84 -10.83 -2.17
C VAL B 15 -11.92 -10.94 -3.25
N PRO B 16 -13.20 -10.83 -2.90
CA PRO B 16 -14.24 -10.88 -3.95
C PRO B 16 -14.13 -9.71 -4.91
N ARG B 17 -14.44 -9.99 -6.18
CA ARG B 17 -14.47 -8.94 -7.19
C ARG B 17 -15.73 -8.10 -7.02
N GLY B 18 -15.60 -6.79 -7.28
CA GLY B 18 -16.72 -5.89 -7.09
C GLY B 18 -17.72 -5.97 -8.23
N SER B 19 -18.99 -5.78 -7.89
CA SER B 19 -20.08 -5.83 -8.86
C SER B 19 -21.07 -4.72 -8.57
N HIS B 20 -21.71 -4.22 -9.63
CA HIS B 20 -22.74 -3.21 -9.49
C HIS B 20 -23.93 -3.77 -8.71
N MET B 21 -24.80 -2.86 -8.27
CA MET B 21 -25.96 -3.22 -7.45
C MET B 21 -27.24 -2.86 -8.18
N LYS B 22 -28.25 -3.72 -8.02
CA LYS B 22 -29.58 -3.50 -8.58
C LYS B 22 -30.52 -2.90 -7.55
N VAL B 23 -30.02 -1.99 -6.73
CA VAL B 23 -30.78 -1.38 -5.65
C VAL B 23 -30.53 0.11 -5.67
N THR B 24 -31.58 0.89 -5.42
CA THR B 24 -31.48 2.35 -5.40
C THR B 24 -32.44 2.88 -4.34
N PHE B 25 -32.49 4.21 -4.22
CA PHE B 25 -33.34 4.82 -3.21
C PHE B 25 -34.81 4.43 -3.37
N LYS B 26 -35.21 3.91 -4.52
CA LYS B 26 -36.57 3.42 -4.67
C LYS B 26 -36.86 2.23 -3.77
N ASP B 27 -35.84 1.45 -3.44
CA ASP B 27 -36.00 0.26 -2.62
C ASP B 27 -35.88 0.52 -1.12
N VAL B 28 -35.49 1.73 -0.72
CA VAL B 28 -35.38 2.12 0.68
C VAL B 28 -36.52 3.06 1.01
N ALA B 29 -37.08 2.92 2.20
CA ALA B 29 -38.27 3.67 2.58
C ALA B 29 -38.20 4.08 4.04
N GLY B 30 -38.62 5.31 4.31
CA GLY B 30 -38.84 5.75 5.67
C GLY B 30 -37.63 6.34 6.36
N ILE B 31 -36.65 6.81 5.60
CA ILE B 31 -35.47 7.45 6.19
C ILE B 31 -34.99 8.55 5.26
N GLU B 32 -35.87 9.50 4.94
CA GLU B 32 -35.51 10.56 4.01
C GLU B 32 -34.33 11.39 4.53
N GLU B 33 -34.22 11.54 5.85
CA GLU B 33 -33.14 12.33 6.46
C GLU B 33 -31.79 11.69 6.19
N VAL B 34 -31.71 10.36 6.35
CA VAL B 34 -30.46 9.65 6.05
C VAL B 34 -30.09 9.82 4.58
N LYS B 35 -31.09 9.79 3.69
CA LYS B 35 -30.84 9.99 2.27
C LYS B 35 -30.26 11.37 2.03
N GLU B 36 -30.80 12.38 2.70
CA GLU B 36 -30.21 13.70 2.59
C GLU B 36 -28.77 13.69 3.08
N GLU B 37 -28.52 13.02 4.20
CA GLU B 37 -27.17 13.00 4.75
C GLU B 37 -26.17 12.36 3.79
N VAL B 38 -26.59 11.31 3.06
CA VAL B 38 -25.69 10.60 2.16
C VAL B 38 -25.70 11.15 0.73
N LYS B 39 -26.54 12.16 0.46
CA LYS B 39 -26.51 12.81 -0.85
C LYS B 39 -25.10 13.29 -1.20
N GLU B 40 -24.37 13.80 -0.20
CA GLU B 40 -23.01 14.26 -0.45
C GLU B 40 -22.13 13.12 -0.96
N ILE B 41 -22.22 11.96 -0.30
CA ILE B 41 -21.42 10.81 -0.71
C ILE B 41 -21.80 10.36 -2.11
N ILE B 42 -23.10 10.37 -2.42
CA ILE B 42 -23.53 9.93 -3.75
C ILE B 42 -23.02 10.88 -4.82
N GLU B 43 -23.10 12.19 -4.57
CA GLU B 43 -22.55 13.15 -5.53
C GLU B 43 -21.05 12.95 -5.72
N TYR B 44 -20.32 12.71 -4.63
CA TYR B 44 -18.89 12.45 -4.76
C TYR B 44 -18.63 11.23 -5.61
N LEU B 45 -19.35 10.14 -5.35
CA LEU B 45 -19.13 8.92 -6.11
C LEU B 45 -19.49 9.11 -7.59
N LYS B 46 -20.47 9.97 -7.88
CA LYS B 46 -20.83 10.24 -9.27
C LYS B 46 -19.72 10.98 -10.00
N ASP B 47 -18.96 11.83 -9.30
CA ASP B 47 -17.92 12.61 -9.95
C ASP B 47 -16.88 13.11 -8.96
N PRO B 48 -15.85 12.31 -8.65
CA PRO B 48 -14.87 12.72 -7.63
C PRO B 48 -14.08 13.96 -8.02
N VAL B 49 -13.64 14.02 -9.28
CA VAL B 49 -12.82 15.14 -9.72
C VAL B 49 -13.55 16.45 -9.54
N LYS B 50 -14.87 16.47 -9.77
CA LYS B 50 -15.62 17.71 -9.53
C LYS B 50 -15.47 18.15 -8.09
N PHE B 51 -15.62 17.19 -7.15
CA PHE B 51 -15.47 17.51 -5.73
C PHE B 51 -14.08 18.08 -5.46
N GLN B 52 -13.04 17.36 -5.88
CA GLN B 52 -11.69 17.77 -5.57
C GLN B 52 -11.20 18.95 -6.40
N LYS B 53 -12.02 19.43 -7.35
CA LYS B 53 -11.62 20.55 -8.19
C LYS B 53 -11.05 21.70 -7.36
N LEU B 54 -11.67 22.00 -6.22
CA LEU B 54 -11.23 23.07 -5.33
C LEU B 54 -10.48 22.53 -4.12
N GLY B 55 -9.78 21.41 -4.26
CA GLY B 55 -9.04 20.85 -3.16
C GLY B 55 -9.86 20.48 -1.96
N GLY B 56 -11.17 20.31 -2.13
CA GLY B 56 -12.03 19.91 -1.04
C GLY B 56 -11.94 18.43 -0.75
N ARG B 57 -11.37 18.07 0.39
CA ARG B 57 -11.20 16.67 0.73
C ARG B 57 -12.55 16.05 1.10
N PRO B 58 -12.88 14.88 0.57
CA PRO B 58 -14.16 14.25 0.90
C PRO B 58 -14.01 13.27 2.06
N PRO B 59 -15.10 12.67 2.51
CA PRO B 59 -15.00 11.69 3.59
C PRO B 59 -14.52 10.34 3.07
N LYS B 60 -13.75 9.65 3.91
CA LYS B 60 -13.22 8.33 3.57
C LYS B 60 -14.20 7.25 4.04
N GLY B 61 -14.34 7.11 5.36
CA GLY B 61 -15.15 6.05 5.93
C GLY B 61 -16.44 6.59 6.52
N VAL B 62 -17.46 5.74 6.53
CA VAL B 62 -18.78 6.07 7.06
C VAL B 62 -19.30 4.86 7.80
N LEU B 63 -19.74 5.07 9.03
CA LEU B 63 -20.28 4.00 9.86
C LEU B 63 -21.80 4.12 9.90
N LEU B 64 -22.47 3.02 9.60
CA LEU B 64 -23.92 2.91 9.74
C LEU B 64 -24.20 2.00 10.93
N TYR B 65 -24.94 2.50 11.90
CA TYR B 65 -25.28 1.71 13.08
C TYR B 65 -26.77 1.80 13.38
N GLY B 66 -27.32 0.70 13.85
CA GLY B 66 -28.73 0.59 14.13
C GLY B 66 -29.06 -0.85 14.41
N GLU B 67 -30.27 -1.06 14.93
CA GLU B 67 -30.68 -2.41 15.29
C GLU B 67 -30.66 -3.30 14.04
N PRO B 68 -30.59 -4.61 14.21
CA PRO B 68 -30.51 -5.50 13.05
C PRO B 68 -31.78 -5.44 12.22
N GLY B 69 -31.60 -5.41 10.90
CA GLY B 69 -32.72 -5.43 9.98
C GLY B 69 -33.35 -4.09 9.66
N VAL B 70 -32.68 -2.98 9.98
CA VAL B 70 -33.23 -1.65 9.70
C VAL B 70 -32.79 -1.10 8.35
N GLY B 71 -31.92 -1.81 7.62
CA GLY B 71 -31.57 -1.41 6.27
C GLY B 71 -30.19 -0.80 6.11
N LYS B 72 -29.26 -1.16 6.98
CA LYS B 72 -27.89 -0.65 6.86
C LYS B 72 -27.24 -1.15 5.58
N THR B 73 -27.14 -2.48 5.42
CA THR B 73 -26.59 -3.05 4.20
C THR B 73 -27.41 -2.60 2.99
N LEU B 74 -28.73 -2.56 3.14
CA LEU B 74 -29.59 -2.07 2.08
C LEU B 74 -29.22 -0.65 1.69
N LEU B 75 -29.01 0.21 2.69
CA LEU B 75 -28.65 1.59 2.41
C LEU B 75 -27.31 1.67 1.69
N ALA B 76 -26.34 0.86 2.10
CA ALA B 76 -25.04 0.86 1.44
C ALA B 76 -25.20 0.45 -0.03
N LYS B 77 -25.94 -0.62 -0.28
CA LYS B 77 -26.15 -1.06 -1.65
C LYS B 77 -26.90 -0.02 -2.46
N ALA B 78 -27.86 0.67 -1.84
CA ALA B 78 -28.61 1.70 -2.54
C ALA B 78 -27.71 2.88 -2.91
N ILE B 79 -26.83 3.28 -2.00
CA ILE B 79 -25.86 4.32 -2.32
C ILE B 79 -25.00 3.88 -3.49
N ALA B 80 -24.53 2.62 -3.47
CA ALA B 80 -23.71 2.13 -4.56
C ALA B 80 -24.45 2.18 -5.89
N GLY B 81 -25.74 1.86 -5.87
CA GLY B 81 -26.53 1.85 -7.10
C GLY B 81 -26.90 3.23 -7.60
N GLU B 82 -27.06 4.20 -6.69
CA GLU B 82 -27.39 5.56 -7.12
C GLU B 82 -26.25 6.19 -7.91
N ALA B 83 -25.00 5.86 -7.57
CA ALA B 83 -23.84 6.37 -8.28
C ALA B 83 -23.42 5.48 -9.45
N HIS B 84 -24.02 4.30 -9.59
CA HIS B 84 -23.63 3.36 -10.63
C HIS B 84 -22.16 2.98 -10.48
N VAL B 85 -21.78 2.60 -9.27
CA VAL B 85 -20.39 2.23 -8.98
C VAL B 85 -20.40 0.81 -8.42
N PRO B 86 -19.27 0.12 -8.51
CA PRO B 86 -19.19 -1.24 -7.94
C PRO B 86 -19.36 -1.24 -6.43
N PHE B 87 -19.71 -2.41 -5.91
CA PHE B 87 -19.98 -2.60 -4.49
C PHE B 87 -19.21 -3.84 -4.04
N ILE B 88 -18.11 -3.64 -3.31
CA ILE B 88 -17.27 -4.72 -2.81
C ILE B 88 -17.66 -4.99 -1.36
N SER B 89 -18.28 -6.14 -1.11
CA SER B 89 -18.79 -6.48 0.21
C SER B 89 -17.90 -7.51 0.91
N VAL B 90 -17.66 -7.30 2.21
CA VAL B 90 -16.95 -8.26 3.05
C VAL B 90 -17.49 -8.12 4.47
N SER B 91 -17.53 -9.23 5.19
CA SER B 91 -18.01 -9.24 6.56
CA SER B 91 -18.01 -9.25 6.56
C SER B 91 -16.84 -9.21 7.52
N GLY B 92 -16.96 -8.42 8.58
CA GLY B 92 -15.90 -8.37 9.57
C GLY B 92 -15.62 -9.75 10.14
N SER B 93 -16.68 -10.53 10.37
CA SER B 93 -16.50 -11.88 10.90
C SER B 93 -15.62 -12.72 9.97
N ASP B 94 -15.74 -12.51 8.66
CA ASP B 94 -14.96 -13.27 7.69
C ASP B 94 -13.50 -12.81 7.63
N PHE B 95 -13.19 -11.62 8.16
CA PHE B 95 -11.86 -11.05 7.96
C PHE B 95 -10.75 -12.02 8.33
N VAL B 96 -10.88 -12.73 9.45
CA VAL B 96 -9.77 -13.57 9.88
C VAL B 96 -9.54 -14.67 8.85
N GLU B 97 -10.62 -15.31 8.40
CA GLU B 97 -10.42 -16.38 7.44
C GLU B 97 -10.07 -15.83 6.07
N MET B 98 -10.28 -14.53 5.88
CA MET B 98 -10.08 -13.82 4.61
C MET B 98 -8.64 -13.35 4.43
N PHE B 99 -8.10 -12.65 5.42
CA PHE B 99 -6.82 -11.97 5.30
C PHE B 99 -5.76 -12.47 6.29
N VAL B 100 -5.80 -13.75 6.66
CA VAL B 100 -4.84 -14.28 7.64
C VAL B 100 -4.55 -15.75 7.34
N GLY B 101 -3.31 -16.03 6.97
CA GLY B 101 -2.84 -17.38 6.71
C GLY B 101 -2.07 -17.46 5.41
N VAL B 102 -1.45 -18.63 5.22
CA VAL B 102 -0.66 -18.86 4.03
C VAL B 102 -1.61 -19.04 2.85
N GLY B 103 -1.36 -18.31 1.77
CA GLY B 103 -2.29 -18.28 0.65
C GLY B 103 -3.35 -17.21 0.75
N ALA B 104 -3.77 -16.85 1.96
CA ALA B 104 -4.83 -15.89 2.14
C ALA B 104 -4.42 -14.51 1.62
N ALA B 105 -5.42 -13.74 1.22
CA ALA B 105 -5.18 -12.37 0.76
C ALA B 105 -4.70 -11.49 1.92
N ARG B 106 -4.58 -10.21 1.62
CA ARG B 106 -4.30 -9.19 2.61
C ARG B 106 -5.34 -8.09 2.47
N VAL B 107 -5.52 -7.30 3.52
CA VAL B 107 -6.47 -6.20 3.48
C VAL B 107 -6.09 -5.23 2.36
N ARG B 108 -4.79 -4.99 2.19
CA ARG B 108 -4.31 -4.13 1.13
C ARG B 108 -4.84 -4.59 -0.22
N ASP B 109 -4.92 -5.91 -0.44
CA ASP B 109 -5.45 -6.40 -1.70
C ASP B 109 -6.90 -5.98 -1.90
N LEU B 110 -7.68 -5.97 -0.82
CA LEU B 110 -9.05 -5.46 -0.91
C LEU B 110 -9.05 -4.00 -1.34
N PHE B 111 -8.27 -3.17 -0.65
CA PHE B 111 -8.30 -1.74 -0.97
C PHE B 111 -7.78 -1.46 -2.38
N GLU B 112 -6.78 -2.21 -2.83
CA GLU B 112 -6.24 -2.01 -4.18
C GLU B 112 -7.22 -2.49 -5.24
N THR B 113 -7.87 -3.63 -5.01
CA THR B 113 -8.92 -4.08 -5.93
C THR B 113 -10.00 -3.01 -6.04
N ALA B 114 -10.30 -2.34 -4.94
CA ALA B 114 -11.26 -1.24 -4.99
C ALA B 114 -10.70 -0.06 -5.78
N LYS B 115 -9.42 0.25 -5.60
CA LYS B 115 -8.80 1.36 -6.33
C LYS B 115 -8.86 1.11 -7.84
N LYS B 116 -8.64 -0.14 -8.26
CA LYS B 116 -8.66 -0.44 -9.69
C LYS B 116 -10.07 -0.32 -10.26
N HIS B 117 -11.08 -0.70 -9.48
CA HIS B 117 -12.47 -0.55 -9.89
C HIS B 117 -13.04 0.80 -9.50
N ALA B 118 -12.19 1.72 -9.04
CA ALA B 118 -12.69 3.00 -8.57
C ALA B 118 -13.36 3.77 -9.71
N PRO B 119 -14.34 4.63 -9.39
CA PRO B 119 -14.85 4.87 -8.03
C PRO B 119 -15.83 3.77 -7.61
N CYS B 120 -15.77 3.29 -6.36
CA CYS B 120 -16.63 2.22 -5.90
C CYS B 120 -16.76 2.31 -4.39
N ILE B 121 -17.45 1.32 -3.81
CA ILE B 121 -17.69 1.26 -2.38
C ILE B 121 -17.17 -0.07 -1.85
N ILE B 122 -16.40 -0.01 -0.76
CA ILE B 122 -16.09 -1.19 0.04
C ILE B 122 -17.05 -1.20 1.21
N PHE B 123 -17.84 -2.27 1.33
CA PHE B 123 -18.77 -2.41 2.44
C PHE B 123 -18.27 -3.48 3.39
N ILE B 124 -18.15 -3.12 4.66
CA ILE B 124 -17.68 -4.02 5.70
C ILE B 124 -18.82 -4.18 6.69
N ASP B 125 -19.53 -5.29 6.59
CA ASP B 125 -20.59 -5.60 7.55
C ASP B 125 -19.97 -6.16 8.81
N GLU B 126 -20.65 -5.92 9.94
CA GLU B 126 -20.20 -6.42 11.24
C GLU B 126 -18.76 -6.01 11.51
N ILE B 127 -18.48 -4.73 11.30
CA ILE B 127 -17.14 -4.20 11.56
C ILE B 127 -16.75 -4.42 13.02
N ASP B 128 -17.74 -4.57 13.91
CA ASP B 128 -17.42 -4.82 15.31
C ASP B 128 -16.68 -6.13 15.50
N ALA B 129 -16.81 -7.08 14.56
CA ALA B 129 -16.12 -8.35 14.70
C ALA B 129 -14.62 -8.18 14.84
N VAL B 130 -14.07 -7.12 14.23
CA VAL B 130 -12.62 -6.91 14.25
C VAL B 130 -12.23 -5.79 15.21
N GLY B 131 -13.09 -4.80 15.41
CA GLY B 131 -12.73 -3.62 16.16
C GLY B 131 -13.31 -3.43 17.55
N ARG B 132 -13.25 -4.47 18.40
CA ARG B 132 -13.66 -4.38 19.79
C ARG B 132 -12.53 -3.91 20.71
N ALA B 133 -12.91 -3.51 21.91
CA ALA B 133 -11.95 -3.08 22.92
C ALA B 133 -11.41 -4.27 23.71
N ASP B 144 -4.11 -11.13 19.29
CA ASP B 144 -4.54 -12.26 18.48
C ASP B 144 -4.57 -11.90 16.99
N GLU B 145 -4.97 -12.86 16.16
CA GLU B 145 -5.01 -12.64 14.72
C GLU B 145 -6.00 -11.54 14.33
N ARG B 146 -7.18 -11.50 14.99
CA ARG B 146 -8.12 -10.42 14.70
C ARG B 146 -7.47 -9.07 14.92
N GLU B 147 -6.59 -8.96 15.92
CA GLU B 147 -5.84 -7.72 16.12
C GLU B 147 -4.98 -7.40 14.90
N GLN B 148 -4.33 -8.41 14.33
CA GLN B 148 -3.52 -8.19 13.14
C GLN B 148 -4.39 -7.67 12.01
N THR B 149 -5.54 -8.29 11.79
CA THR B 149 -6.45 -7.84 10.73
C THR B 149 -6.92 -6.42 10.97
N LEU B 150 -7.25 -6.09 12.22
CA LEU B 150 -7.68 -4.73 12.54
C LEU B 150 -6.57 -3.74 12.22
N ASN B 151 -5.34 -4.07 12.58
CA ASN B 151 -4.22 -3.20 12.27
C ASN B 151 -4.07 -3.01 10.77
N GLN B 152 -4.23 -4.09 9.99
CA GLN B 152 -4.16 -3.97 8.54
C GLN B 152 -5.21 -3.00 8.02
N LEU B 153 -6.45 -3.16 8.50
CA LEU B 153 -7.52 -2.27 8.07
C LEU B 153 -7.21 -0.82 8.41
N LEU B 154 -6.76 -0.56 9.64
CA LEU B 154 -6.43 0.80 10.04
C LEU B 154 -5.31 1.38 9.19
N VAL B 155 -4.26 0.60 8.96
CA VAL B 155 -3.16 1.05 8.12
C VAL B 155 -3.68 1.45 6.75
N GLU B 156 -4.54 0.62 6.16
CA GLU B 156 -5.07 0.95 4.84
C GLU B 156 -5.93 2.21 4.88
N MET B 157 -6.75 2.35 5.93
CA MET B 157 -7.60 3.53 6.03
C MET B 157 -6.77 4.81 6.11
N ASP B 158 -5.66 4.77 6.87
CA ASP B 158 -4.85 5.98 7.01
C ASP B 158 -3.97 6.21 5.78
N GLY B 159 -3.48 5.16 5.17
CA GLY B 159 -2.47 5.27 4.13
C GLY B 159 -3.00 5.41 2.72
N PHE B 160 -4.00 4.62 2.39
CA PHE B 160 -4.43 4.49 1.01
C PHE B 160 -4.99 5.79 0.45
N ASP B 161 -4.50 6.17 -0.72
CA ASP B 161 -4.96 7.38 -1.42
C ASP B 161 -6.31 7.07 -2.04
N THR B 162 -7.35 7.41 -1.29
CA THR B 162 -8.74 7.25 -1.72
C THR B 162 -9.15 8.25 -2.80
N SER B 163 -8.31 9.24 -3.11
CA SER B 163 -8.69 10.29 -4.04
C SER B 163 -9.34 9.75 -5.31
N ASP B 164 -9.01 8.51 -5.69
CA ASP B 164 -9.59 7.91 -6.89
C ASP B 164 -11.12 7.86 -6.81
N GLY B 165 -11.69 7.94 -5.61
CA GLY B 165 -13.13 7.98 -5.47
C GLY B 165 -13.77 6.71 -4.93
N ILE B 166 -13.13 6.07 -3.96
CA ILE B 166 -13.73 4.90 -3.32
C ILE B 166 -14.17 5.34 -1.93
N ILE B 167 -15.23 4.70 -1.43
CA ILE B 167 -15.75 5.01 -0.11
C ILE B 167 -15.93 3.73 0.68
N VAL B 168 -15.51 3.74 1.94
CA VAL B 168 -15.64 2.60 2.82
C VAL B 168 -16.84 2.84 3.73
N ILE B 169 -17.80 1.94 3.70
CA ILE B 169 -18.98 1.99 4.54
C ILE B 169 -18.93 0.80 5.47
N ALA B 170 -18.86 1.06 6.77
CA ALA B 170 -18.89 0.00 7.76
C ALA B 170 -20.27 -0.06 8.40
N ALA B 171 -20.63 -1.25 8.87
CA ALA B 171 -21.94 -1.46 9.46
C ALA B 171 -21.77 -2.29 10.72
N THR B 172 -22.59 -2.01 11.73
CA THR B 172 -22.51 -2.74 12.98
C THR B 172 -23.85 -2.60 13.70
N ASN B 173 -24.23 -3.66 14.42
CA ASN B 173 -25.35 -3.63 15.35
C ASN B 173 -24.94 -3.32 16.78
N ARG B 174 -23.64 -3.37 17.07
CA ARG B 174 -23.12 -3.24 18.43
C ARG B 174 -22.12 -2.10 18.50
N PRO B 175 -22.56 -0.86 18.24
CA PRO B 175 -21.62 0.27 18.25
C PRO B 175 -21.05 0.59 19.62
N ASP B 176 -21.67 0.11 20.70
CA ASP B 176 -21.18 0.41 22.04
C ASP B 176 -19.88 -0.32 22.37
N ILE B 177 -19.48 -1.29 21.55
CA ILE B 177 -18.27 -2.05 21.82
C ILE B 177 -17.26 -1.82 20.70
N LEU B 178 -17.34 -0.67 20.04
CA LEU B 178 -16.42 -0.37 18.95
C LEU B 178 -15.12 0.18 19.50
N ASP B 179 -14.02 -0.26 18.93
CA ASP B 179 -12.72 0.26 19.30
C ASP B 179 -12.68 1.73 18.90
N PRO B 180 -12.54 2.68 19.83
CA PRO B 180 -12.55 4.09 19.44
C PRO B 180 -11.52 4.41 18.36
N ALA B 181 -10.46 3.60 18.25
CA ALA B 181 -9.48 3.81 17.20
C ALA B 181 -10.13 3.80 15.83
N LEU B 182 -11.21 3.03 15.66
CA LEU B 182 -11.90 2.99 14.37
C LEU B 182 -12.55 4.30 14.01
N LEU B 183 -12.79 5.19 14.98
CA LEU B 183 -13.51 6.43 14.73
C LEU B 183 -12.61 7.66 14.69
N ARG B 184 -11.29 7.48 14.85
CA ARG B 184 -10.37 8.61 14.78
C ARG B 184 -10.49 9.31 13.43
N PRO B 185 -10.11 10.58 13.36
CA PRO B 185 -10.21 11.32 12.09
C PRO B 185 -9.51 10.60 10.95
N GLY B 186 -10.16 10.60 9.78
CA GLY B 186 -9.63 9.96 8.60
C GLY B 186 -10.07 8.54 8.39
N ARG B 187 -10.44 7.83 9.45
CA ARG B 187 -10.94 6.46 9.35
C ARG B 187 -12.29 6.36 10.05
N PHE B 188 -13.36 6.22 9.27
CA PHE B 188 -14.72 6.12 9.78
C PHE B 188 -15.03 7.26 10.76
N ASP B 189 -14.65 8.48 10.37
CA ASP B 189 -14.89 9.66 11.18
C ASP B 189 -16.30 10.22 11.01
N ARG B 190 -17.20 9.49 10.37
CA ARG B 190 -18.57 9.94 10.16
C ARG B 190 -19.51 8.79 10.44
N GLN B 191 -20.42 8.98 11.40
CA GLN B 191 -21.35 7.95 11.80
C GLN B 191 -22.78 8.38 11.46
N ILE B 192 -23.62 7.41 11.14
CA ILE B 192 -25.02 7.66 10.79
C ILE B 192 -25.87 6.58 11.46
N PHE B 193 -26.91 7.02 12.16
CA PHE B 193 -27.85 6.12 12.81
C PHE B 193 -29.04 5.88 11.89
N ILE B 194 -29.40 4.62 11.70
CA ILE B 194 -30.59 4.24 10.94
C ILE B 194 -31.66 3.82 11.95
N PRO B 195 -32.69 4.62 12.17
CA PRO B 195 -33.67 4.29 13.20
C PRO B 195 -34.74 3.34 12.68
N LYS B 196 -35.44 2.72 13.62
CA LYS B 196 -36.59 1.90 13.26
C LYS B 196 -37.63 2.77 12.56
N PRO B 197 -38.39 2.20 11.64
CA PRO B 197 -39.40 2.99 10.92
C PRO B 197 -40.62 3.24 11.79
N ASP B 198 -41.16 4.46 11.68
CA ASP B 198 -42.43 4.79 12.30
C ASP B 198 -43.55 4.26 11.39
N VAL B 199 -44.80 4.56 11.74
CA VAL B 199 -45.94 3.98 11.04
C VAL B 199 -45.87 4.31 9.55
N ARG B 200 -45.57 5.57 9.22
CA ARG B 200 -45.43 5.95 7.82
C ARG B 200 -44.29 5.19 7.15
N GLY B 201 -43.15 5.09 7.84
CA GLY B 201 -42.03 4.34 7.29
C GLY B 201 -42.37 2.88 7.07
N ARG B 202 -43.03 2.25 8.04
CA ARG B 202 -43.44 0.86 7.87
C ARG B 202 -44.39 0.73 6.68
N TYR B 203 -45.29 1.68 6.52
CA TYR B 203 -46.21 1.67 5.39
C TYR B 203 -45.45 1.73 4.07
N GLU B 204 -44.48 2.64 3.97
CA GLU B 204 -43.71 2.77 2.74
C GLU B 204 -42.89 1.51 2.47
N ILE B 205 -42.34 0.90 3.50
CA ILE B 205 -41.58 -0.34 3.31
C ILE B 205 -42.49 -1.46 2.80
N LEU B 206 -43.68 -1.58 3.40
CA LEU B 206 -44.64 -2.57 2.94
C LEU B 206 -44.99 -2.35 1.49
N LYS B 207 -45.18 -1.08 1.09
CA LYS B 207 -45.42 -0.79 -0.32
C LYS B 207 -44.25 -1.25 -1.18
N VAL B 208 -43.02 -0.88 -0.79
CA VAL B 208 -41.85 -1.23 -1.59
C VAL B 208 -41.82 -2.74 -1.84
N HIS B 209 -41.98 -3.53 -0.78
CA HIS B 209 -41.90 -4.98 -0.94
C HIS B 209 -43.15 -5.58 -1.56
N ALA B 210 -44.24 -4.83 -1.65
CA ALA B 210 -45.44 -5.33 -2.32
C ALA B 210 -45.26 -5.40 -3.82
N ARG B 211 -44.39 -4.57 -4.39
CA ARG B 211 -44.25 -4.50 -5.85
C ARG B 211 -44.04 -5.88 -6.45
N ASN B 212 -43.13 -6.66 -5.88
CA ASN B 212 -42.81 -7.98 -6.43
C ASN B 212 -43.89 -9.02 -6.13
N LYS B 213 -44.66 -8.85 -5.06
CA LYS B 213 -45.58 -9.88 -4.61
C LYS B 213 -46.95 -9.84 -5.28
N LYS B 214 -47.38 -8.68 -5.78
CA LYS B 214 -48.72 -8.54 -6.36
C LYS B 214 -49.77 -9.17 -5.45
N LEU B 215 -50.19 -8.44 -4.42
CA LEU B 215 -51.14 -8.91 -3.42
C LEU B 215 -52.57 -8.76 -3.93
N ALA B 216 -53.53 -9.27 -3.15
CA ALA B 216 -54.94 -9.15 -3.49
C ALA B 216 -55.46 -7.76 -3.15
N LYS B 217 -56.68 -7.48 -3.62
CA LYS B 217 -57.26 -6.14 -3.52
C LYS B 217 -57.70 -5.78 -2.10
N ASP B 218 -58.22 -6.75 -1.34
CA ASP B 218 -58.91 -6.37 -0.10
C ASP B 218 -57.98 -5.75 0.94
N VAL B 219 -56.69 -6.11 0.95
CA VAL B 219 -55.76 -5.63 1.98
C VAL B 219 -55.49 -4.14 1.84
N ASP B 220 -55.49 -3.45 2.97
CA ASP B 220 -55.01 -2.07 3.10
C ASP B 220 -53.77 -2.14 3.97
N LEU B 221 -52.60 -1.93 3.37
CA LEU B 221 -51.34 -2.08 4.09
C LEU B 221 -51.19 -1.08 5.23
N GLU B 222 -51.89 0.05 5.19
CA GLU B 222 -51.80 1.02 6.27
C GLU B 222 -52.19 0.39 7.61
N PHE B 223 -53.22 -0.47 7.62
CA PHE B 223 -53.58 -1.17 8.84
C PHE B 223 -52.42 -2.04 9.33
N VAL B 224 -51.77 -2.78 8.43
CA VAL B 224 -50.65 -3.61 8.83
C VAL B 224 -49.56 -2.75 9.46
N ALA B 225 -49.27 -1.60 8.84
CA ALA B 225 -48.27 -0.71 9.40
C ALA B 225 -48.65 -0.28 10.82
N ARG B 226 -49.85 0.28 10.98
CA ARG B 226 -50.27 0.73 12.31
C ARG B 226 -50.21 -0.39 13.33
N ALA B 227 -50.36 -1.63 12.88
CA ALA B 227 -50.43 -2.79 13.77
C ALA B 227 -49.06 -3.36 14.11
N THR B 228 -47.97 -2.73 13.66
CA THR B 228 -46.62 -3.28 13.82
C THR B 228 -45.67 -2.22 14.38
N PRO B 229 -45.95 -1.67 15.56
CA PRO B 229 -44.97 -0.77 16.18
C PRO B 229 -43.72 -1.53 16.59
N GLY B 230 -42.57 -0.90 16.37
CA GLY B 230 -41.29 -1.51 16.71
C GLY B 230 -40.76 -2.50 15.71
N PHE B 231 -41.45 -2.73 14.60
CA PHE B 231 -40.96 -3.61 13.56
C PHE B 231 -39.88 -2.92 12.72
N THR B 232 -38.99 -3.72 12.15
CA THR B 232 -37.99 -3.23 11.21
C THR B 232 -38.41 -3.60 9.79
N GLY B 233 -37.74 -2.98 8.82
CA GLY B 233 -38.02 -3.29 7.44
C GLY B 233 -37.89 -4.77 7.14
N ALA B 234 -36.91 -5.43 7.75
CA ALA B 234 -36.75 -6.87 7.56
C ALA B 234 -37.96 -7.63 8.06
N ASP B 235 -38.51 -7.24 9.22
CA ASP B 235 -39.69 -7.92 9.73
C ASP B 235 -40.88 -7.79 8.77
N LEU B 236 -41.04 -6.60 8.16
CA LEU B 236 -42.14 -6.41 7.22
C LEU B 236 -41.91 -7.23 5.95
N GLU B 237 -40.65 -7.31 5.50
CA GLU B 237 -40.30 -8.21 4.41
C GLU B 237 -40.72 -9.64 4.74
N ASN B 238 -40.36 -10.11 5.94
CA ASN B 238 -40.66 -11.48 6.31
C ASN B 238 -42.15 -11.71 6.38
N LEU B 239 -42.90 -10.73 6.86
CA LEU B 239 -44.36 -10.85 6.91
C LEU B 239 -44.94 -10.99 5.50
N LEU B 240 -44.59 -10.09 4.59
CA LEU B 240 -45.13 -10.15 3.24
C LEU B 240 -44.73 -11.44 2.52
N ASN B 241 -43.49 -11.90 2.74
CA ASN B 241 -43.04 -13.13 2.09
C ASN B 241 -43.76 -14.35 2.66
N GLU B 242 -43.96 -14.39 3.99
CA GLU B 242 -44.73 -15.48 4.58
C GLU B 242 -46.16 -15.47 4.06
N ALA B 243 -46.75 -14.30 3.87
CA ALA B 243 -48.10 -14.23 3.30
C ALA B 243 -48.13 -14.76 1.89
N ALA B 244 -47.14 -14.38 1.05
CA ALA B 244 -47.10 -14.90 -0.31
C ALA B 244 -46.89 -16.41 -0.32
N LEU B 245 -46.05 -16.91 0.58
CA LEU B 245 -45.83 -18.35 0.69
C LEU B 245 -47.12 -19.06 1.08
N LEU B 246 -47.84 -18.52 2.07
CA LEU B 246 -49.10 -19.13 2.49
C LEU B 246 -50.12 -19.11 1.35
N ALA B 247 -50.15 -18.02 0.59
CA ALA B 247 -51.04 -17.97 -0.57
C ALA B 247 -50.70 -19.07 -1.58
N ALA B 248 -49.42 -19.18 -1.94
CA ALA B 248 -49.01 -20.24 -2.86
C ALA B 248 -49.39 -21.61 -2.33
N ARG B 249 -49.10 -21.87 -1.05
CA ARG B 249 -49.47 -23.14 -0.43
C ARG B 249 -50.98 -23.30 -0.34
N LYS B 250 -51.71 -22.19 -0.22
CA LYS B 250 -53.17 -22.21 -0.14
C LYS B 250 -53.78 -22.50 -1.50
N LYS B 252 -53.43 -18.89 -3.94
CA LYS B 252 -54.15 -19.14 -5.18
C LYS B 252 -54.02 -17.96 -6.14
N GLU B 253 -52.80 -17.46 -6.29
CA GLU B 253 -52.44 -16.33 -7.14
C GLU B 253 -52.75 -14.99 -6.46
N GLU B 254 -53.37 -14.96 -5.29
CA GLU B 254 -53.75 -13.70 -4.66
C GLU B 254 -53.51 -13.76 -3.16
N ILE B 255 -52.88 -12.70 -2.62
CA ILE B 255 -52.58 -12.57 -1.20
C ILE B 255 -53.66 -11.71 -0.54
N THR B 256 -54.34 -12.26 0.48
CA THR B 256 -55.50 -11.62 1.10
C THR B 256 -55.24 -11.28 2.56
N MET B 257 -56.06 -10.36 3.11
CA MET B 257 -55.97 -10.00 4.52
C MET B 257 -55.94 -11.20 5.45
N GLU B 258 -56.66 -12.26 5.10
CA GLU B 258 -56.66 -13.46 5.94
C GLU B 258 -55.25 -13.96 6.19
N GLU B 259 -54.49 -14.17 5.10
CA GLU B 259 -53.15 -14.73 5.23
C GLU B 259 -52.21 -13.76 5.94
N ILE B 260 -52.33 -12.46 5.64
CA ILE B 260 -51.50 -11.47 6.32
C ILE B 260 -51.77 -11.50 7.82
N GLU B 261 -53.03 -11.55 8.22
CA GLU B 261 -53.34 -11.57 9.64
C GLU B 261 -52.79 -12.82 10.30
N GLU B 262 -52.87 -13.96 9.61
CA GLU B 262 -52.29 -15.19 10.18
C GLU B 262 -50.79 -15.06 10.37
N ALA B 263 -50.09 -14.60 9.33
CA ALA B 263 -48.64 -14.46 9.40
C ALA B 263 -48.23 -13.43 10.46
N LEU B 264 -48.95 -12.31 10.52
CA LEU B 264 -48.66 -11.27 11.49
C LEU B 264 -48.84 -11.80 12.91
N ASP B 265 -49.94 -12.51 13.16
CA ASP B 265 -50.14 -13.09 14.48
C ASP B 265 -48.99 -14.03 14.81
N ARG B 266 -48.57 -14.86 13.84
CA ARG B 266 -47.48 -15.79 14.09
C ARG B 266 -46.21 -15.04 14.49
N ILE B 267 -45.75 -14.11 13.65
CA ILE B 267 -44.47 -13.44 13.90
C ILE B 267 -44.54 -12.59 15.16
N THR B 268 -45.65 -11.90 15.38
CA THR B 268 -45.75 -11.01 16.52
C THR B 268 -45.82 -11.79 17.83
N MET B 269 -46.56 -12.90 17.84
CA MET B 269 -46.58 -13.77 19.02
C MET B 269 -45.18 -14.31 19.30
N GLY B 270 -44.50 -14.81 18.25
CA GLY B 270 -43.18 -15.36 18.45
C GLY B 270 -42.17 -14.33 18.94
N LEU B 271 -42.34 -13.07 18.53
CA LEU B 271 -41.41 -12.02 18.92
C LEU B 271 -41.72 -11.40 20.28
N GLU B 272 -43.01 -11.31 20.66
CA GLU B 272 -43.36 -10.66 21.91
C GLU B 272 -42.63 -11.27 23.10
N ARG B 273 -42.48 -12.60 23.09
CA ARG B 273 -41.77 -13.28 24.17
C ARG B 273 -40.33 -12.79 24.26
N LYS B 274 -39.48 -13.24 23.34
CA LYS B 274 -38.08 -12.83 23.31
C LYS B 274 -37.95 -11.57 22.46
N GLY B 275 -37.42 -10.50 23.06
CA GLY B 275 -37.43 -9.19 22.45
C GLY B 275 -38.41 -8.27 23.17
N MET B 276 -38.46 -7.03 22.70
CA MET B 276 -39.32 -6.01 23.30
C MET B 276 -40.29 -5.49 22.26
N THR B 277 -41.58 -5.72 22.51
CA THR B 277 -42.67 -5.25 21.67
C THR B 277 -43.36 -4.09 22.36
N ILE B 278 -43.93 -3.19 21.56
CA ILE B 278 -44.56 -1.98 22.08
C ILE B 278 -46.04 -2.28 22.31
N SER B 279 -46.41 -2.56 23.56
CA SER B 279 -47.80 -2.63 23.93
C SER B 279 -48.45 -1.26 23.76
N PRO B 280 -49.79 -1.21 23.61
CA PRO B 280 -50.44 0.11 23.53
C PRO B 280 -50.30 0.93 24.80
N LYS B 281 -50.38 0.28 25.96
CA LYS B 281 -50.13 0.98 27.22
C LYS B 281 -48.70 1.50 27.28
N GLU B 282 -47.74 0.65 26.90
CA GLU B 282 -46.35 1.10 26.81
C GLU B 282 -46.23 2.27 25.85
N LYS B 283 -46.92 2.23 24.72
CA LYS B 283 -46.86 3.33 23.77
C LYS B 283 -47.38 4.62 24.41
N GLU B 284 -48.48 4.53 25.17
CA GLU B 284 -49.03 5.71 25.82
C GLU B 284 -48.05 6.29 26.84
N LYS B 285 -47.45 5.43 27.65
CA LYS B 285 -46.48 5.87 28.65
C LYS B 285 -45.30 6.57 27.97
N ILE B 286 -44.75 5.95 26.92
CA ILE B 286 -43.63 6.56 26.21
C ILE B 286 -44.03 7.90 25.62
N ALA B 287 -45.22 7.98 25.02
CA ALA B 287 -45.67 9.22 24.42
C ALA B 287 -45.76 10.33 25.46
N ILE B 288 -46.30 10.02 26.64
CA ILE B 288 -46.43 11.04 27.67
C ILE B 288 -45.05 11.49 28.13
N HIS B 289 -44.13 10.54 28.34
CA HIS B 289 -42.78 10.89 28.74
CA HIS B 289 -42.78 10.89 28.74
C HIS B 289 -42.14 11.85 27.75
N GLU B 290 -42.13 11.48 26.47
CA GLU B 290 -41.47 12.30 25.46
C GLU B 290 -42.16 13.63 25.29
N ALA B 291 -43.49 13.65 25.42
CA ALA B 291 -44.23 14.90 25.33
C ALA B 291 -43.87 15.83 26.48
N GLY B 292 -43.68 15.29 27.68
CA GLY B 292 -43.24 16.11 28.79
C GLY B 292 -41.86 16.70 28.55
N HIS B 293 -40.92 15.87 28.07
CA HIS B 293 -39.61 16.40 27.69
C HIS B 293 -39.77 17.58 26.74
N ALA B 294 -40.53 17.38 25.65
CA ALA B 294 -40.66 18.42 24.64
C ALA B 294 -41.34 19.67 25.20
N LEU B 295 -42.35 19.49 26.04
CA LEU B 295 -43.06 20.63 26.60
C LEU B 295 -42.12 21.47 27.45
N MET B 296 -41.37 20.82 28.33
CA MET B 296 -40.38 21.55 29.12
C MET B 296 -39.42 22.29 28.20
N GLY B 297 -38.95 21.61 27.16
CA GLY B 297 -38.06 22.28 26.20
C GLY B 297 -38.68 23.52 25.60
N LEU B 298 -39.97 23.48 25.27
CA LEU B 298 -40.64 24.59 24.59
C LEU B 298 -41.13 25.68 25.54
N VAL B 299 -41.09 25.46 26.84
CA VAL B 299 -41.58 26.47 27.78
C VAL B 299 -40.42 27.20 28.43
N SER B 300 -39.25 26.55 28.51
CA SER B 300 -38.13 27.11 29.24
C SER B 300 -37.70 28.45 28.66
N ASP B 301 -37.15 29.31 29.53
CA ASP B 301 -36.80 30.67 29.12
C ASP B 301 -35.57 30.67 28.21
N ASP B 302 -34.46 30.11 28.67
CA ASP B 302 -33.21 30.11 27.90
C ASP B 302 -32.74 28.66 27.71
N ASP B 303 -33.22 28.02 26.65
CA ASP B 303 -32.83 26.65 26.34
C ASP B 303 -32.32 26.57 24.91
N ASP B 304 -31.96 25.35 24.50
CA ASP B 304 -31.58 25.04 23.13
C ASP B 304 -32.84 24.84 22.28
N LYS B 305 -32.65 24.40 21.04
CA LYS B 305 -33.77 24.16 20.13
C LYS B 305 -34.32 22.75 20.35
N VAL B 306 -35.66 22.64 20.29
CA VAL B 306 -36.34 21.38 20.54
C VAL B 306 -36.35 20.54 19.27
N HIS B 307 -36.05 19.26 19.42
CA HIS B 307 -36.02 18.33 18.30
C HIS B 307 -37.40 17.71 18.11
N LYS B 308 -37.51 16.79 17.16
CA LYS B 308 -38.78 16.14 16.89
C LYS B 308 -39.17 15.22 18.04
N ILE B 309 -40.47 15.03 18.20
CA ILE B 309 -41.01 14.19 19.26
C ILE B 309 -41.40 12.85 18.67
N SER B 310 -40.91 11.78 19.27
CA SER B 310 -41.27 10.48 18.75
C SER B 310 -41.09 9.39 19.78
N ILE B 311 -41.92 8.34 19.67
CA ILE B 311 -41.80 7.18 20.55
C ILE B 311 -40.82 6.14 20.02
N ILE B 312 -40.14 6.40 18.90
CA ILE B 312 -39.09 5.52 18.38
C ILE B 312 -37.79 5.90 19.09
N PRO B 313 -37.00 4.92 19.53
CA PRO B 313 -35.70 5.26 20.14
C PRO B 313 -34.89 6.13 19.18
N ARG B 314 -34.12 7.05 19.77
CA ARG B 314 -33.52 8.13 19.00
C ARG B 314 -32.00 8.03 18.92
N GLY B 315 -31.43 6.88 19.25
CA GLY B 315 -29.99 6.73 19.13
C GLY B 315 -29.48 5.54 19.93
N MET B 316 -28.15 5.42 19.91
CA MET B 316 -27.44 4.37 20.61
C MET B 316 -26.07 4.89 21.04
N ALA B 317 -25.43 4.15 21.94
CA ALA B 317 -24.13 4.56 22.47
C ALA B 317 -23.05 4.44 21.40
N LEU B 318 -21.82 4.77 21.79
CA LEU B 318 -20.66 4.65 20.91
C LEU B 318 -19.41 4.35 21.70
N PRO B 325 -24.39 15.30 30.80
CA PRO B 325 -25.18 15.80 29.67
C PRO B 325 -24.96 17.30 29.41
N ILE B 326 -23.71 17.74 29.51
CA ILE B 326 -23.36 19.15 29.50
C ILE B 326 -22.24 19.34 28.47
N GLU B 327 -22.61 19.51 27.21
CA GLU B 327 -21.61 19.72 26.17
C GLU B 327 -22.15 20.53 24.98
N ASP B 328 -23.36 21.09 25.06
CA ASP B 328 -23.88 21.89 23.96
C ASP B 328 -23.21 23.26 23.90
N LYS B 329 -22.75 23.77 25.04
CA LYS B 329 -22.06 25.05 25.14
C LYS B 329 -20.69 24.85 25.77
N HIS B 330 -19.97 25.96 25.92
CA HIS B 330 -18.68 25.95 26.61
C HIS B 330 -18.90 26.14 28.11
N ILE B 331 -19.48 27.28 28.49
CA ILE B 331 -19.86 27.56 29.86
C ILE B 331 -21.38 27.58 29.92
N TYR B 332 -21.91 27.16 31.06
CA TYR B 332 -23.33 27.28 31.38
C TYR B 332 -23.47 28.06 32.67
N ASP B 333 -24.59 28.77 32.81
CA ASP B 333 -24.89 29.47 34.05
C ASP B 333 -25.96 28.72 34.83
N LYS B 334 -26.15 29.16 36.07
CA LYS B 334 -27.08 28.50 36.97
C LYS B 334 -28.46 28.32 36.33
N LYS B 335 -28.93 29.34 35.60
CA LYS B 335 -30.26 29.25 35.02
C LYS B 335 -30.32 28.18 33.93
N ASP B 336 -29.31 28.14 33.07
CA ASP B 336 -29.29 27.11 32.02
C ASP B 336 -29.30 25.72 32.63
N LEU B 337 -28.57 25.52 33.73
CA LEU B 337 -28.50 24.21 34.35
C LEU B 337 -29.82 23.86 35.02
N TYR B 338 -30.43 24.83 35.72
CA TYR B 338 -31.77 24.62 36.26
C TYR B 338 -32.73 24.18 35.16
N ASN B 339 -32.63 24.80 33.98
CA ASN B 339 -33.58 24.48 32.90
C ASN B 339 -33.29 23.11 32.30
N LYS B 340 -32.01 22.75 32.19
CA LYS B 340 -31.66 21.40 31.75
C LYS B 340 -32.25 20.37 32.72
N ILE B 341 -32.09 20.61 34.01
CA ILE B 341 -32.70 19.71 35.01
C ILE B 341 -34.20 19.63 34.78
N LEU B 342 -34.85 20.78 34.61
CA LEU B 342 -36.28 20.81 34.36
C LEU B 342 -36.64 19.87 33.21
N VAL B 343 -35.96 20.02 32.08
CA VAL B 343 -36.26 19.17 30.92
C VAL B 343 -36.11 17.71 31.30
N LEU B 344 -35.00 17.37 31.95
CA LEU B 344 -34.75 15.98 32.30
C LEU B 344 -35.86 15.40 33.16
N LEU B 345 -36.45 16.22 34.02
CA LEU B 345 -37.55 15.78 34.88
C LEU B 345 -38.91 15.89 34.20
N GLY B 346 -38.97 16.38 32.97
CA GLY B 346 -40.26 16.61 32.33
C GLY B 346 -41.03 15.32 32.09
N GLY B 347 -40.35 14.29 31.60
CA GLY B 347 -41.03 13.03 31.32
C GLY B 347 -41.69 12.45 32.55
N ARG B 348 -40.95 12.37 33.65
CA ARG B 348 -41.53 11.84 34.88
C ARG B 348 -42.68 12.72 35.37
N ALA B 349 -42.52 14.04 35.25
CA ALA B 349 -43.58 14.93 35.68
C ALA B 349 -44.85 14.67 34.89
N ALA B 350 -44.73 14.53 33.57
CA ALA B 350 -45.89 14.18 32.76
C ALA B 350 -46.47 12.83 33.17
N GLU B 351 -45.62 11.85 33.42
CA GLU B 351 -46.10 10.54 33.87
C GLU B 351 -46.95 10.69 35.13
N GLU B 352 -46.48 11.47 36.10
CA GLU B 352 -47.23 11.60 37.35
C GLU B 352 -48.52 12.36 37.13
N VAL B 353 -48.48 13.44 36.35
CA VAL B 353 -49.69 14.23 36.13
C VAL B 353 -50.76 13.39 35.44
N PHE B 354 -50.35 12.55 34.47
CA PHE B 354 -51.34 11.82 33.68
C PHE B 354 -51.81 10.55 34.39
N PHE B 355 -50.91 9.84 35.07
CA PHE B 355 -51.25 8.57 35.67
C PHE B 355 -51.27 8.60 37.19
N GLY B 356 -50.87 9.71 37.82
CA GLY B 356 -50.83 9.78 39.26
C GLY B 356 -49.60 9.11 39.83
N LYS B 357 -49.42 9.31 41.14
CA LYS B 357 -48.20 8.84 41.80
C LYS B 357 -47.99 7.34 41.64
N ASP B 358 -49.04 6.58 41.36
CA ASP B 358 -48.91 5.14 41.17
C ASP B 358 -48.61 4.76 39.72
N GLY B 359 -48.56 5.73 38.82
CA GLY B 359 -48.36 5.44 37.42
C GLY B 359 -46.99 5.82 36.91
N ILE B 360 -46.22 6.54 37.72
CA ILE B 360 -44.84 6.86 37.35
C ILE B 360 -44.14 5.53 37.07
N THR B 361 -43.14 5.54 36.21
CA THR B 361 -42.58 4.32 35.66
C THR B 361 -41.06 4.33 35.77
N THR B 362 -40.49 3.15 35.51
CA THR B 362 -39.04 3.00 35.49
C THR B 362 -38.41 3.61 34.24
N GLY B 363 -39.21 3.97 33.24
CA GLY B 363 -38.65 4.59 32.05
C GLY B 363 -37.93 5.88 32.35
N ALA B 364 -38.30 6.56 33.44
CA ALA B 364 -37.63 7.79 33.80
C ALA B 364 -36.26 7.55 34.40
N GLU B 365 -35.95 6.31 34.77
CA GLU B 365 -34.71 5.95 35.45
C GLU B 365 -33.54 6.78 34.95
N ASN B 366 -33.08 6.49 33.73
CA ASN B 366 -32.00 7.25 33.12
C ASN B 366 -32.16 8.74 33.39
N ASP B 367 -33.22 9.34 32.84
CA ASP B 367 -33.45 10.76 33.04
C ASP B 367 -33.17 11.17 34.48
N LEU B 368 -33.86 10.54 35.44
CA LEU B 368 -33.72 10.93 36.84
C LEU B 368 -32.26 11.00 37.23
N GLN B 369 -31.51 9.92 36.99
CA GLN B 369 -30.11 9.89 37.35
C GLN B 369 -29.41 11.15 36.87
N ARG B 370 -29.48 11.41 35.55
CA ARG B 370 -28.81 12.57 35.00
C ARG B 370 -29.19 13.81 35.81
N ALA B 371 -30.49 14.06 35.97
CA ALA B 371 -30.92 15.22 36.72
C ALA B 371 -30.18 15.30 38.05
N THR B 372 -30.29 14.25 38.86
CA THR B 372 -29.63 14.25 40.15
C THR B 372 -28.14 14.48 39.98
N ASP B 373 -27.52 13.73 39.08
CA ASP B 373 -26.10 13.92 38.83
C ASP B 373 -25.81 15.39 38.60
N LEU B 374 -26.58 16.01 37.70
CA LEU B 374 -26.36 17.41 37.39
C LEU B 374 -26.45 18.26 38.65
N ALA B 375 -27.51 18.08 39.43
CA ALA B 375 -27.64 18.83 40.68
C ALA B 375 -26.38 18.70 41.52
N TYR B 376 -25.85 17.48 41.65
CA TYR B 376 -24.65 17.28 42.44
C TYR B 376 -23.52 18.14 41.93
N ARG B 377 -23.28 18.11 40.61
CA ARG B 377 -22.22 18.96 40.06
C ARG B 377 -22.43 20.41 40.42
N MET B 378 -23.69 20.87 40.39
CA MET B 378 -23.94 22.26 40.69
C MET B 378 -23.52 22.62 42.11
N VAL B 379 -23.60 21.66 43.04
CA VAL B 379 -23.38 21.95 44.45
C VAL B 379 -21.95 21.63 44.87
N SER B 380 -21.43 20.48 44.44
CA SER B 380 -20.13 20.02 44.90
C SER B 380 -18.99 20.37 43.97
N MET B 381 -19.28 20.71 42.71
CA MET B 381 -18.23 21.00 41.74
C MET B 381 -18.21 22.46 41.29
N TRP B 382 -19.37 23.10 41.19
CA TRP B 382 -19.48 24.44 40.64
C TRP B 382 -19.87 25.49 41.66
N GLY B 383 -19.99 25.12 42.93
CA GLY B 383 -20.28 26.12 43.96
C GLY B 383 -21.48 26.99 43.65
N MET B 384 -22.52 26.43 43.04
CA MET B 384 -23.72 27.16 42.71
C MET B 384 -24.80 27.06 43.80
N SER B 385 -24.42 26.72 45.03
CA SER B 385 -25.34 26.72 46.15
C SER B 385 -24.92 27.80 47.14
N ASP B 386 -25.89 28.60 47.58
CA ASP B 386 -25.59 29.63 48.56
C ASP B 386 -25.29 29.01 49.91
N LYS B 387 -26.12 28.05 50.33
CA LYS B 387 -25.92 27.41 51.63
C LYS B 387 -24.55 26.75 51.70
N VAL B 388 -24.15 26.06 50.62
CA VAL B 388 -22.86 25.38 50.60
C VAL B 388 -21.73 26.38 50.37
N GLY B 389 -21.91 27.29 49.42
CA GLY B 389 -20.90 28.29 49.12
C GLY B 389 -20.09 27.95 47.90
N PRO B 390 -19.07 28.75 47.62
CA PRO B 390 -18.24 28.53 46.42
C PRO B 390 -17.10 27.55 46.61
N ILE B 391 -17.35 26.46 47.34
CA ILE B 391 -16.36 25.40 47.53
C ILE B 391 -16.56 24.36 46.42
N ALA B 392 -15.46 23.76 45.99
CA ALA B 392 -15.48 22.82 44.88
C ALA B 392 -14.66 21.59 45.25
N ILE B 393 -15.25 20.41 45.01
CA ILE B 393 -14.64 19.13 45.33
C ILE B 393 -14.52 18.37 44.01
N ARG B 394 -13.34 18.39 43.41
CA ARG B 394 -13.14 17.73 42.12
C ARG B 394 -13.46 16.24 42.24
N ARG B 395 -14.04 15.69 41.17
CA ARG B 395 -14.44 14.29 41.16
C ARG B 395 -14.26 13.68 39.77
N THR B 406 -13.15 11.46 43.81
CA THR B 406 -14.57 11.76 44.02
C THR B 406 -14.77 12.56 45.31
N ALA B 407 -14.07 12.15 46.37
CA ALA B 407 -14.18 12.83 47.65
C ALA B 407 -12.85 12.71 48.39
N VAL B 408 -12.45 13.80 49.05
CA VAL B 408 -11.19 13.85 49.80
C VAL B 408 -11.52 13.92 51.29
N ASP B 409 -12.02 12.81 51.83
CA ASP B 409 -12.36 12.72 53.24
C ASP B 409 -13.17 13.96 53.63
N THR B 410 -14.48 13.90 53.39
CA THR B 410 -15.37 15.00 53.70
C THR B 410 -16.13 14.67 54.97
N SER B 411 -16.36 15.65 55.82
CA SER B 411 -17.09 15.40 57.05
C SER B 411 -18.54 15.04 56.76
N PRO B 412 -19.18 14.26 57.63
CA PRO B 412 -20.60 13.94 57.39
C PRO B 412 -21.48 15.17 57.31
N ASP B 413 -21.19 16.22 58.10
CA ASP B 413 -22.00 17.43 58.04
C ASP B 413 -22.01 18.02 56.63
N LEU B 414 -20.85 18.01 55.96
CA LEU B 414 -20.78 18.57 54.62
C LEU B 414 -21.57 17.74 53.62
N LEU B 415 -21.45 16.40 53.70
CA LEU B 415 -22.24 15.55 52.83
C LEU B 415 -23.73 15.75 53.08
N ARG B 416 -24.12 15.94 54.34
CA ARG B 416 -25.52 16.20 54.65
C ARG B 416 -25.97 17.50 54.00
N GLU B 417 -25.15 18.55 54.07
CA GLU B 417 -25.52 19.81 53.43
C GLU B 417 -25.65 19.65 51.92
N ILE B 418 -24.69 18.95 51.31
CA ILE B 418 -24.73 18.74 49.85
C ILE B 418 -26.00 17.99 49.47
N ASP B 419 -26.32 16.92 50.19
CA ASP B 419 -27.51 16.13 49.88
C ASP B 419 -28.78 16.93 50.07
N GLU B 420 -28.87 17.69 51.17
CA GLU B 420 -30.05 18.51 51.39
C GLU B 420 -30.24 19.50 50.25
N GLU B 421 -29.14 20.12 49.79
CA GLU B 421 -29.25 21.08 48.70
C GLU B 421 -29.63 20.42 47.38
N VAL B 422 -29.07 19.24 47.11
CA VAL B 422 -29.44 18.54 45.88
C VAL B 422 -30.91 18.21 45.89
N LYS B 423 -31.41 17.71 47.03
CA LYS B 423 -32.83 17.40 47.12
C LYS B 423 -33.68 18.65 46.94
N ARG B 424 -33.26 19.77 47.54
CA ARG B 424 -33.97 21.03 47.36
C ARG B 424 -34.08 21.38 45.88
N ILE B 425 -32.95 21.37 45.17
CA ILE B 425 -32.97 21.72 43.75
C ILE B 425 -33.90 20.81 42.98
N ILE B 426 -33.73 19.49 43.15
CA ILE B 426 -34.46 18.53 42.34
C ILE B 426 -35.96 18.64 42.60
N THR B 427 -36.36 18.72 43.88
CA THR B 427 -37.78 18.81 44.17
C THR B 427 -38.36 20.14 43.69
N GLU B 428 -37.60 21.24 43.82
CA GLU B 428 -38.06 22.52 43.31
C GLU B 428 -38.36 22.44 41.82
N GLN B 429 -37.40 21.94 41.05
CA GLN B 429 -37.61 21.83 39.61
C GLN B 429 -38.71 20.82 39.27
N TYR B 430 -38.86 19.78 40.08
CA TYR B 430 -39.90 18.79 39.79
C TYR B 430 -41.29 19.36 40.01
N GLU B 431 -41.47 20.10 41.11
CA GLU B 431 -42.74 20.79 41.31
C GLU B 431 -43.01 21.78 40.20
N LYS B 432 -41.99 22.53 39.78
CA LYS B 432 -42.17 23.46 38.67
C LYS B 432 -42.64 22.72 37.42
N ALA B 433 -42.02 21.59 37.10
CA ALA B 433 -42.39 20.85 35.90
C ALA B 433 -43.80 20.28 36.01
N LYS B 434 -44.14 19.72 37.17
CA LYS B 434 -45.50 19.22 37.38
C LYS B 434 -46.51 20.34 37.18
N ALA B 435 -46.22 21.53 37.72
CA ALA B 435 -47.13 22.65 37.54
C ALA B 435 -47.29 23.00 36.06
N ILE B 436 -46.18 23.05 35.34
CA ILE B 436 -46.24 23.37 33.92
C ILE B 436 -47.12 22.36 33.18
N VAL B 437 -46.94 21.06 33.47
CA VAL B 437 -47.74 20.05 32.80
C VAL B 437 -49.22 20.19 33.16
N GLU B 438 -49.49 20.44 34.45
CA GLU B 438 -50.87 20.66 34.87
C GLU B 438 -51.51 21.79 34.07
N GLU B 439 -50.79 22.90 33.95
CA GLU B 439 -51.32 24.06 33.24
C GLU B 439 -51.71 23.69 31.82
N TYR B 440 -50.91 22.86 31.16
CA TYR B 440 -51.09 22.54 29.75
C TYR B 440 -51.53 21.10 29.50
N LYS B 441 -52.33 20.54 30.42
CA LYS B 441 -52.68 19.13 30.34
C LYS B 441 -53.50 18.80 29.09
N GLU B 442 -54.44 19.68 28.72
CA GLU B 442 -55.30 19.38 27.58
CA GLU B 442 -55.30 19.38 27.58
C GLU B 442 -54.53 19.42 26.25
N PRO B 443 -53.76 20.47 25.94
CA PRO B 443 -52.97 20.42 24.70
C PRO B 443 -51.97 19.28 24.67
N LEU B 444 -51.42 18.90 25.84
CA LEU B 444 -50.56 17.73 25.89
C LEU B 444 -51.32 16.45 25.57
N LYS B 445 -52.56 16.32 26.06
CA LYS B 445 -53.38 15.18 25.66
C LYS B 445 -53.53 15.14 24.16
N ALA B 446 -53.75 16.30 23.54
CA ALA B 446 -53.85 16.36 22.08
C ALA B 446 -52.56 15.86 21.43
N VAL B 447 -51.42 16.37 21.89
CA VAL B 447 -50.13 15.94 21.34
C VAL B 447 -49.97 14.43 21.50
N VAL B 448 -50.35 13.90 22.66
CA VAL B 448 -50.17 12.47 22.92
C VAL B 448 -51.03 11.65 21.98
N LYS B 449 -52.24 12.12 21.69
CA LYS B 449 -53.10 11.42 20.75
C LYS B 449 -52.45 11.41 19.37
N LYS B 450 -52.04 12.59 18.89
CA LYS B 450 -51.36 12.67 17.60
C LYS B 450 -50.14 11.77 17.55
N LEU B 451 -49.45 11.63 18.68
CA LEU B 451 -48.22 10.86 18.73
C LEU B 451 -48.51 9.36 18.67
N LEU B 452 -49.44 8.89 19.50
CA LEU B 452 -49.85 7.49 19.43
C LEU B 452 -50.37 7.13 18.05
N GLU B 453 -50.95 8.09 17.34
CA GLU B 453 -51.40 7.82 15.98
C GLU B 453 -50.21 7.70 15.04
N LYS B 454 -49.45 8.80 14.89
CA LYS B 454 -48.37 8.85 13.89
C LYS B 454 -47.06 8.27 14.38
N GLU B 455 -46.89 8.07 15.69
CA GLU B 455 -45.66 7.55 16.28
C GLU B 455 -44.53 8.58 16.29
N THR B 456 -44.60 9.58 15.42
CA THR B 456 -43.60 10.64 15.37
C THR B 456 -44.28 11.92 14.93
N ILE B 457 -43.91 13.03 15.56
CA ILE B 457 -44.40 14.34 15.17
C ILE B 457 -43.24 15.33 15.22
N THR B 458 -43.43 16.45 14.55
CA THR B 458 -42.44 17.51 14.52
C THR B 458 -42.71 18.51 15.63
N CYS B 459 -41.67 19.25 16.00
CA CYS B 459 -41.83 20.34 16.96
C CYS B 459 -42.89 21.32 16.46
N GLU B 460 -42.92 21.58 15.16
CA GLU B 460 -43.89 22.52 14.60
C GLU B 460 -45.31 22.02 14.79
N GLU B 461 -45.54 20.72 14.58
CA GLU B 461 -46.86 20.16 14.83
C GLU B 461 -47.23 20.29 16.30
N PHE B 462 -46.26 20.11 17.19
CA PHE B 462 -46.48 20.36 18.60
C PHE B 462 -46.99 21.79 18.82
N VAL B 463 -46.28 22.76 18.25
CA VAL B 463 -46.66 24.16 18.43
C VAL B 463 -48.06 24.40 17.87
N GLU B 464 -48.40 23.75 16.76
CA GLU B 464 -49.72 23.93 16.17
C GLU B 464 -50.81 23.37 17.08
N VAL B 465 -50.61 22.14 17.56
CA VAL B 465 -51.56 21.57 18.50
C VAL B 465 -51.78 22.51 19.67
N PHE B 466 -50.71 23.15 20.12
CA PHE B 466 -50.83 24.04 21.28
C PHE B 466 -51.53 25.34 20.91
N LYS B 467 -51.30 25.83 19.69
CA LYS B 467 -51.95 27.05 19.22
C LYS B 467 -53.46 26.84 19.06
N LEU B 468 -53.88 25.62 18.70
CA LEU B 468 -55.30 25.31 18.63
C LEU B 468 -55.99 25.35 19.99
N TYR B 469 -55.26 25.58 21.07
CA TYR B 469 -55.87 25.75 22.39
C TYR B 469 -55.62 27.15 22.94
N GLY B 470 -55.34 28.11 22.07
CA GLY B 470 -55.09 29.47 22.49
C GLY B 470 -53.83 29.62 23.31
N ILE B 471 -52.83 28.77 23.05
CA ILE B 471 -51.58 28.78 23.79
C ILE B 471 -50.45 28.93 22.78
N GLU B 472 -49.66 29.99 22.94
CA GLU B 472 -48.55 30.30 22.04
C GLU B 472 -47.25 29.86 22.69
N LEU B 473 -46.48 29.06 21.97
CA LEU B 473 -45.21 28.56 22.48
C LEU B 473 -44.06 29.16 21.68
N LYS B 474 -42.90 29.21 22.34
CA LYS B 474 -41.73 29.90 21.80
C LYS B 474 -41.20 29.15 20.59
N ASP B 475 -40.69 29.90 19.62
CA ASP B 475 -40.26 29.34 18.33
C ASP B 475 -38.86 28.73 18.45
N LYS B 476 -38.78 27.67 19.24
CA LYS B 476 -37.54 26.94 19.44
C LYS B 476 -37.39 25.76 18.50
N CYS B 477 -38.38 25.50 17.65
CA CYS B 477 -38.30 24.41 16.69
C CYS B 477 -37.04 24.47 15.85
N MET C 21 -7.86 -7.78 -12.71
CA MET C 21 -8.06 -8.60 -11.52
C MET C 21 -8.93 -9.83 -11.84
N LYS C 22 -9.99 -9.61 -12.61
CA LYS C 22 -10.90 -10.67 -13.02
C LYS C 22 -10.50 -11.14 -14.41
N VAL C 23 -10.38 -12.47 -14.58
CA VAL C 23 -9.90 -13.07 -15.81
C VAL C 23 -10.80 -14.25 -16.19
N THR C 24 -11.04 -14.39 -17.48
CA THR C 24 -11.85 -15.48 -18.02
C THR C 24 -11.28 -15.88 -19.36
N PHE C 25 -11.90 -16.87 -20.01
CA PHE C 25 -11.42 -17.32 -21.32
C PHE C 25 -11.44 -16.20 -22.35
N LYS C 26 -12.19 -15.13 -22.11
CA LYS C 26 -12.17 -14.01 -23.05
C LYS C 26 -10.78 -13.38 -23.11
N ASP C 27 -10.02 -13.48 -22.02
CA ASP C 27 -8.67 -12.93 -21.97
C ASP C 27 -7.63 -13.94 -22.45
N VAL C 28 -8.02 -15.18 -22.72
CA VAL C 28 -7.13 -16.22 -23.23
C VAL C 28 -7.47 -16.45 -24.69
N ALA C 29 -6.44 -16.63 -25.52
CA ALA C 29 -6.62 -16.74 -26.96
C ALA C 29 -5.63 -17.73 -27.56
N GLY C 30 -6.13 -18.57 -28.47
CA GLY C 30 -5.26 -19.39 -29.29
C GLY C 30 -4.92 -20.76 -28.75
N ILE C 31 -5.72 -21.30 -27.84
CA ILE C 31 -5.48 -22.64 -27.31
C ILE C 31 -6.80 -23.32 -27.01
N GLU C 32 -7.65 -23.46 -28.04
CA GLU C 32 -8.97 -24.05 -27.83
C GLU C 32 -8.88 -25.48 -27.33
N GLU C 33 -7.81 -26.19 -27.70
CA GLU C 33 -7.63 -27.57 -27.24
C GLU C 33 -7.55 -27.62 -25.72
N VAL C 34 -6.72 -26.76 -25.13
CA VAL C 34 -6.55 -26.74 -23.68
C VAL C 34 -7.85 -26.33 -22.99
N LYS C 35 -8.58 -25.38 -23.59
CA LYS C 35 -9.87 -25.00 -23.03
C LYS C 35 -10.84 -26.18 -23.01
N GLU C 36 -10.87 -26.94 -24.10
CA GLU C 36 -11.68 -28.16 -24.11
C GLU C 36 -11.25 -29.10 -22.99
N GLU C 37 -9.94 -29.29 -22.82
CA GLU C 37 -9.47 -30.20 -21.78
C GLU C 37 -9.91 -29.75 -20.39
N VAL C 38 -9.91 -28.44 -20.14
CA VAL C 38 -10.22 -27.94 -18.79
C VAL C 38 -11.71 -27.65 -18.58
N LYS C 39 -12.54 -27.80 -19.62
CA LYS C 39 -13.98 -27.67 -19.43
C LYS C 39 -14.48 -28.59 -18.31
N GLU C 40 -13.93 -29.82 -18.23
CA GLU C 40 -14.33 -30.73 -17.18
C GLU C 40 -13.97 -30.17 -15.80
N ILE C 41 -12.77 -29.61 -15.66
CA ILE C 41 -12.35 -29.05 -14.38
C ILE C 41 -13.24 -27.89 -14.00
N ILE C 42 -13.64 -27.07 -14.98
CA ILE C 42 -14.50 -25.93 -14.68
C ILE C 42 -15.85 -26.42 -14.20
N GLU C 43 -16.39 -27.46 -14.85
CA GLU C 43 -17.66 -28.04 -14.39
C GLU C 43 -17.53 -28.58 -12.97
N TYR C 44 -16.41 -29.26 -12.67
CA TYR C 44 -16.20 -29.79 -11.32
C TYR C 44 -16.22 -28.67 -10.30
N LEU C 45 -15.48 -27.59 -10.56
CA LEU C 45 -15.42 -26.49 -9.60
C LEU C 45 -16.75 -25.77 -9.48
N LYS C 46 -17.58 -25.77 -10.52
CA LYS C 46 -18.87 -25.08 -10.43
C LYS C 46 -19.80 -25.77 -9.43
N ASP C 47 -19.73 -27.09 -9.33
CA ASP C 47 -20.57 -27.85 -8.40
C ASP C 47 -19.93 -29.22 -8.19
N PRO C 48 -19.02 -29.36 -7.22
CA PRO C 48 -18.24 -30.60 -7.12
C PRO C 48 -19.03 -31.85 -6.76
N VAL C 49 -19.92 -31.76 -5.76
CA VAL C 49 -20.63 -32.95 -5.30
C VAL C 49 -21.50 -33.54 -6.42
N LYS C 50 -22.20 -32.69 -7.17
CA LYS C 50 -23.00 -33.17 -8.28
C LYS C 50 -22.13 -33.81 -9.35
N PHE C 51 -21.03 -33.12 -9.70
CA PHE C 51 -20.14 -33.62 -10.75
C PHE C 51 -19.59 -35.00 -10.41
N GLN C 52 -19.03 -35.17 -9.20
CA GLN C 52 -18.34 -36.40 -8.85
C GLN C 52 -19.28 -37.57 -8.60
N LYS C 53 -20.60 -37.33 -8.59
CA LYS C 53 -21.56 -38.41 -8.42
C LYS C 53 -21.66 -39.23 -9.70
N PRO C 58 -12.28 -38.20 -10.84
CA PRO C 58 -12.18 -36.73 -10.76
C PRO C 58 -10.72 -36.28 -10.65
N PRO C 59 -10.38 -35.13 -11.24
CA PRO C 59 -9.00 -34.66 -11.17
C PRO C 59 -8.65 -34.00 -9.85
N LYS C 60 -7.46 -34.31 -9.35
CA LYS C 60 -6.94 -33.66 -8.15
C LYS C 60 -6.00 -32.53 -8.56
N GLY C 61 -4.86 -32.89 -9.14
CA GLY C 61 -3.85 -31.93 -9.55
C GLY C 61 -3.76 -31.84 -11.05
N VAL C 62 -3.29 -30.69 -11.54
CA VAL C 62 -3.09 -30.45 -12.97
C VAL C 62 -1.81 -29.65 -13.14
N LEU C 63 -0.93 -30.12 -14.01
CA LEU C 63 0.33 -29.45 -14.28
C LEU C 63 0.28 -28.78 -15.65
N LEU C 64 0.63 -27.50 -15.70
CA LEU C 64 0.79 -26.75 -16.94
C LEU C 64 2.27 -26.50 -17.15
N TYR C 65 2.80 -26.93 -18.29
CA TYR C 65 4.21 -26.74 -18.58
C TYR C 65 4.40 -26.15 -19.98
N GLY C 66 5.38 -25.26 -20.10
CA GLY C 66 5.64 -24.54 -21.32
C GLY C 66 6.62 -23.42 -21.07
N GLU C 67 7.13 -22.86 -22.17
CA GLU C 67 8.12 -21.80 -22.05
C GLU C 67 7.53 -20.60 -21.31
N PRO C 68 8.40 -19.74 -20.77
CA PRO C 68 7.89 -18.58 -20.02
C PRO C 68 7.13 -17.62 -20.92
N GLY C 69 6.02 -17.10 -20.40
CA GLY C 69 5.24 -16.11 -21.11
C GLY C 69 4.24 -16.67 -22.08
N VAL C 70 3.91 -17.96 -21.98
CA VAL C 70 2.91 -18.56 -22.88
C VAL C 70 1.51 -18.53 -22.29
N GLY C 71 1.33 -18.10 -21.05
CA GLY C 71 0.03 -17.93 -20.48
C GLY C 71 -0.42 -19.00 -19.49
N LYS C 72 0.53 -19.67 -18.82
CA LYS C 72 0.17 -20.70 -17.84
C LYS C 72 -0.60 -20.10 -16.68
N THR C 73 -0.02 -19.11 -16.00
CA THR C 73 -0.73 -18.43 -14.92
C THR C 73 -2.04 -17.83 -15.44
N LEU C 74 -2.00 -17.24 -16.63
CA LEU C 74 -3.22 -16.67 -17.21
C LEU C 74 -4.29 -17.75 -17.38
N LEU C 75 -3.90 -18.93 -17.88
CA LEU C 75 -4.86 -20.01 -18.04
C LEU C 75 -5.43 -20.44 -16.70
N ALA C 76 -4.59 -20.53 -15.67
CA ALA C 76 -5.08 -20.91 -14.35
C ALA C 76 -6.08 -19.88 -13.82
N LYS C 77 -5.75 -18.60 -13.93
CA LYS C 77 -6.67 -17.56 -13.47
C LYS C 77 -7.96 -17.59 -14.27
N ALA C 78 -7.88 -17.89 -15.57
CA ALA C 78 -9.08 -17.97 -16.39
C ALA C 78 -9.96 -19.12 -15.94
N ILE C 79 -9.36 -20.27 -15.62
CA ILE C 79 -10.12 -21.39 -15.08
C ILE C 79 -10.82 -20.96 -13.80
N ALA C 80 -10.08 -20.28 -12.92
CA ALA C 80 -10.67 -19.85 -11.66
C ALA C 80 -11.85 -18.91 -11.90
N GLY C 81 -11.74 -18.02 -12.88
CA GLY C 81 -12.79 -17.07 -13.14
C GLY C 81 -14.00 -17.67 -13.83
N GLU C 82 -13.78 -18.71 -14.64
CA GLU C 82 -14.90 -19.35 -15.32
C GLU C 82 -15.85 -20.04 -14.34
N ALA C 83 -15.31 -20.58 -13.24
CA ALA C 83 -16.14 -21.23 -12.23
C ALA C 83 -16.61 -20.27 -11.14
N HIS C 84 -16.13 -19.03 -11.14
CA HIS C 84 -16.47 -18.04 -10.12
C HIS C 84 -16.09 -18.60 -8.74
N VAL C 85 -14.86 -19.09 -8.64
CA VAL C 85 -14.35 -19.66 -7.40
C VAL C 85 -13.07 -18.89 -7.04
N PRO C 86 -12.69 -18.93 -5.77
CA PRO C 86 -11.46 -18.24 -5.36
C PRO C 86 -10.22 -18.79 -6.06
N PHE C 87 -9.18 -17.97 -6.06
CA PHE C 87 -7.91 -18.30 -6.71
C PHE C 87 -6.78 -18.00 -5.74
N ILE C 88 -6.21 -19.06 -5.18
CA ILE C 88 -5.11 -18.94 -4.22
C ILE C 88 -3.82 -19.15 -5.00
N SER C 89 -3.03 -18.07 -5.12
CA SER C 89 -1.80 -18.07 -5.89
C SER C 89 -0.60 -18.10 -4.95
N VAL C 90 0.37 -18.95 -5.27
CA VAL C 90 1.60 -19.02 -4.49
C VAL C 90 2.72 -19.44 -5.43
N SER C 91 3.95 -19.09 -5.07
CA SER C 91 5.14 -19.39 -5.85
C SER C 91 5.98 -20.43 -5.14
N GLY C 92 6.48 -21.40 -5.91
CA GLY C 92 7.32 -22.44 -5.33
C GLY C 92 8.59 -21.89 -4.72
N SER C 93 9.17 -20.86 -5.34
CA SER C 93 10.40 -20.27 -4.81
C SER C 93 10.24 -19.84 -3.36
N ASP C 94 9.02 -19.45 -2.97
CA ASP C 94 8.79 -18.98 -1.61
C ASP C 94 8.82 -20.12 -0.59
N PHE C 95 8.74 -21.37 -1.02
CA PHE C 95 8.69 -22.48 -0.08
C PHE C 95 10.07 -23.02 0.26
N VAL C 96 10.96 -23.09 -0.73
CA VAL C 96 12.25 -23.78 -0.60
C VAL C 96 13.18 -23.06 0.38
N GLU C 97 13.25 -21.73 0.29
CA GLU C 97 14.33 -21.00 0.95
C GLU C 97 14.23 -20.97 2.47
N MET C 98 13.12 -21.43 3.05
CA MET C 98 12.91 -21.31 4.49
C MET C 98 13.68 -22.39 5.24
N PHE C 99 14.40 -21.97 6.28
CA PHE C 99 15.26 -22.85 7.04
C PHE C 99 14.53 -23.38 8.27
N VAL C 100 15.12 -24.40 8.88
CA VAL C 100 14.55 -25.04 10.07
C VAL C 100 13.17 -25.59 9.73
N GLY C 101 13.05 -26.23 8.56
CA GLY C 101 11.81 -26.92 8.18
C GLY C 101 10.55 -26.08 8.24
N VAL C 102 10.62 -24.82 7.84
CA VAL C 102 9.43 -23.98 7.85
C VAL C 102 8.50 -24.32 6.69
N GLY C 103 9.07 -24.67 5.53
CA GLY C 103 8.27 -24.82 4.33
C GLY C 103 7.16 -25.84 4.46
N ALA C 104 7.41 -26.91 5.22
CA ALA C 104 6.38 -27.95 5.37
C ALA C 104 5.17 -27.40 6.12
N ALA C 105 5.42 -26.63 7.17
CA ALA C 105 4.32 -26.01 7.89
C ALA C 105 3.61 -25.00 7.00
N ARG C 106 4.36 -24.34 6.12
CA ARG C 106 3.71 -23.44 5.16
C ARG C 106 2.79 -24.20 4.22
N VAL C 107 3.22 -25.37 3.73
CA VAL C 107 2.35 -26.17 2.87
C VAL C 107 1.10 -26.59 3.61
N ARG C 108 1.24 -27.06 4.85
CA ARG C 108 0.08 -27.47 5.62
C ARG C 108 -0.90 -26.32 5.78
N ASP C 109 -0.38 -25.14 6.15
CA ASP C 109 -1.26 -23.99 6.35
C ASP C 109 -1.90 -23.57 5.05
N LEU C 110 -1.16 -23.63 3.94
CA LEU C 110 -1.72 -23.29 2.64
C LEU C 110 -2.91 -24.17 2.32
N PHE C 111 -2.73 -25.49 2.44
CA PHE C 111 -3.83 -26.39 2.12
C PHE C 111 -4.99 -26.22 3.09
N GLU C 112 -4.71 -25.87 4.35
CA GLU C 112 -5.80 -25.66 5.30
C GLU C 112 -6.62 -24.42 4.93
N THR C 113 -5.93 -23.32 4.64
CA THR C 113 -6.60 -22.10 4.21
C THR C 113 -7.38 -22.32 2.92
N ALA C 114 -6.85 -23.16 2.02
CA ALA C 114 -7.58 -23.48 0.81
C ALA C 114 -8.82 -24.33 1.11
N LYS C 115 -8.69 -25.29 2.02
CA LYS C 115 -9.83 -26.13 2.37
C LYS C 115 -10.96 -25.30 2.93
N LYS C 116 -10.65 -24.31 3.78
CA LYS C 116 -11.73 -23.52 4.37
C LYS C 116 -12.43 -22.64 3.33
N HIS C 117 -11.70 -22.12 2.35
CA HIS C 117 -12.28 -21.31 1.29
C HIS C 117 -12.82 -22.14 0.12
N ALA C 118 -12.89 -23.46 0.27
CA ALA C 118 -13.35 -24.30 -0.81
C ALA C 118 -14.80 -23.96 -1.18
N PRO C 119 -15.21 -24.20 -2.43
CA PRO C 119 -14.37 -24.72 -3.52
C PRO C 119 -13.47 -23.64 -4.10
N CYS C 120 -12.21 -23.95 -4.36
CA CYS C 120 -11.26 -22.95 -4.84
C CYS C 120 -10.13 -23.67 -5.57
N ILE C 121 -9.14 -22.89 -6.01
CA ILE C 121 -7.99 -23.39 -6.73
C ILE C 121 -6.72 -22.97 -6.01
N ILE C 122 -5.82 -23.92 -5.80
CA ILE C 122 -4.45 -23.63 -5.38
C ILE C 122 -3.59 -23.62 -6.64
N PHE C 123 -2.95 -22.50 -6.91
CA PHE C 123 -2.04 -22.39 -8.05
C PHE C 123 -0.63 -22.31 -7.51
N ILE C 124 0.23 -23.20 -7.98
CA ILE C 124 1.62 -23.27 -7.53
C ILE C 124 2.50 -23.00 -8.74
N ASP C 125 3.02 -21.78 -8.84
CA ASP C 125 3.95 -21.45 -9.89
C ASP C 125 5.35 -21.96 -9.55
N GLU C 126 6.16 -22.16 -10.59
CA GLU C 126 7.51 -22.69 -10.44
C GLU C 126 7.54 -23.87 -9.47
N ILE C 127 6.65 -24.84 -9.73
CA ILE C 127 6.57 -26.04 -8.91
C ILE C 127 7.90 -26.79 -8.91
N ASP C 128 8.74 -26.58 -9.93
CA ASP C 128 10.03 -27.25 -9.97
C ASP C 128 10.92 -26.84 -8.80
N ALA C 129 10.72 -25.63 -8.26
CA ALA C 129 11.57 -25.17 -7.17
C ALA C 129 11.50 -26.09 -5.96
N VAL C 130 10.36 -26.75 -5.74
CA VAL C 130 10.18 -27.62 -4.59
C VAL C 130 10.29 -29.08 -5.01
N GLY C 131 9.92 -29.37 -6.26
CA GLY C 131 9.82 -30.74 -6.71
C GLY C 131 10.92 -31.19 -7.65
N ARG C 132 12.17 -30.90 -7.32
CA ARG C 132 13.28 -31.42 -8.10
C ARG C 132 13.59 -32.85 -7.65
N ALA C 133 14.29 -33.57 -8.52
CA ALA C 133 14.67 -34.94 -8.21
C ALA C 133 15.98 -34.97 -7.43
N ASP C 144 17.76 -31.27 1.07
CA ASP C 144 17.07 -32.14 2.02
C ASP C 144 15.80 -31.46 2.53
N GLU C 145 15.92 -30.21 2.99
CA GLU C 145 14.75 -29.49 3.47
C GLU C 145 13.71 -29.39 2.35
N ARG C 146 14.18 -29.14 1.12
CA ARG C 146 13.28 -29.18 -0.03
C ARG C 146 12.61 -30.55 -0.14
N GLU C 147 13.34 -31.62 0.19
CA GLU C 147 12.74 -32.95 0.19
C GLU C 147 11.61 -33.05 1.21
N GLN C 148 11.82 -32.51 2.41
CA GLN C 148 10.77 -32.52 3.43
C GLN C 148 9.54 -31.76 2.97
N THR C 149 9.74 -30.56 2.41
CA THR C 149 8.59 -29.79 1.92
C THR C 149 7.86 -30.54 0.80
N LEU C 150 8.62 -31.19 -0.09
CA LEU C 150 8.00 -31.98 -1.14
C LEU C 150 7.16 -33.11 -0.57
N ASN C 151 7.69 -33.81 0.42
CA ASN C 151 6.93 -34.88 1.06
C ASN C 151 5.65 -34.34 1.67
N GLN C 152 5.74 -33.16 2.30
CA GLN C 152 4.54 -32.52 2.85
C GLN C 152 3.52 -32.25 1.76
N LEU C 153 3.98 -31.71 0.63
CA LEU C 153 3.08 -31.46 -0.50
C LEU C 153 2.39 -32.74 -0.94
N LEU C 154 3.15 -33.82 -1.07
CA LEU C 154 2.56 -35.10 -1.49
C LEU C 154 1.51 -35.56 -0.49
N VAL C 155 1.83 -35.47 0.81
CA VAL C 155 0.87 -35.85 1.83
C VAL C 155 -0.42 -35.04 1.67
N GLU C 156 -0.29 -33.74 1.46
CA GLU C 156 -1.47 -32.89 1.34
C GLU C 156 -2.27 -33.24 0.08
N MET C 157 -1.59 -33.48 -1.04
CA MET C 157 -2.27 -33.86 -2.27
C MET C 157 -3.07 -35.14 -2.06
N ASP C 158 -2.50 -36.09 -1.33
CA ASP C 158 -3.19 -37.35 -1.08
C ASP C 158 -4.28 -37.19 -0.04
N GLY C 159 -4.16 -36.21 0.85
CA GLY C 159 -5.02 -36.13 2.01
C GLY C 159 -6.33 -35.47 1.71
N PHE C 160 -6.33 -34.36 0.98
CA PHE C 160 -7.60 -33.69 0.74
C PHE C 160 -8.46 -34.60 -0.12
N ASP C 161 -9.68 -34.85 0.34
CA ASP C 161 -10.58 -35.73 -0.38
C ASP C 161 -11.18 -34.98 -1.57
N THR C 162 -11.87 -35.73 -2.43
CA THR C 162 -12.54 -35.08 -3.54
C THR C 162 -13.74 -34.29 -3.03
N SER C 163 -14.20 -34.62 -1.81
CA SER C 163 -15.34 -33.92 -1.21
C SER C 163 -15.01 -32.49 -0.86
N ASP C 164 -13.77 -32.21 -0.46
CA ASP C 164 -13.43 -30.85 -0.02
C ASP C 164 -13.63 -29.83 -1.14
N GLY C 165 -13.37 -30.22 -2.38
CA GLY C 165 -13.68 -29.38 -3.52
C GLY C 165 -12.56 -28.45 -3.93
N ILE C 166 -11.31 -28.86 -3.78
CA ILE C 166 -10.17 -28.03 -4.17
C ILE C 166 -9.48 -28.66 -5.36
N ILE C 167 -8.84 -27.81 -6.17
CA ILE C 167 -8.01 -28.24 -7.29
C ILE C 167 -6.69 -27.52 -7.22
N VAL C 168 -5.59 -28.26 -7.39
CA VAL C 168 -4.24 -27.73 -7.37
C VAL C 168 -3.72 -27.65 -8.80
N ILE C 169 -3.29 -26.46 -9.23
CA ILE C 169 -2.72 -26.25 -10.55
C ILE C 169 -1.27 -25.83 -10.38
N ALA C 170 -0.35 -26.63 -10.89
CA ALA C 170 1.07 -26.30 -10.88
C ALA C 170 1.50 -25.84 -12.26
N ALA C 171 2.54 -25.01 -12.29
CA ALA C 171 3.08 -24.48 -13.53
C ALA C 171 4.59 -24.52 -13.47
N THR C 172 5.23 -24.79 -14.61
CA THR C 172 6.68 -24.89 -14.62
C THR C 172 7.24 -24.68 -16.03
N ASN C 173 8.45 -24.15 -16.08
CA ASN C 173 9.25 -24.11 -17.30
C ASN C 173 10.20 -25.31 -17.41
N ARG C 174 10.38 -26.08 -16.34
CA ARG C 174 11.39 -27.12 -16.25
C ARG C 174 10.76 -28.47 -15.93
N PRO C 175 9.91 -28.99 -16.83
CA PRO C 175 9.28 -30.29 -16.56
C PRO C 175 10.26 -31.46 -16.59
N ASP C 176 11.44 -31.28 -17.17
CA ASP C 176 12.41 -32.36 -17.28
C ASP C 176 13.07 -32.72 -15.96
N ILE C 177 12.91 -31.90 -14.92
CA ILE C 177 13.58 -32.13 -13.65
C ILE C 177 12.58 -32.37 -12.51
N LEU C 178 11.37 -32.80 -12.83
CA LEU C 178 10.34 -32.99 -11.82
C LEU C 178 10.43 -34.38 -11.21
N ASP C 179 10.22 -34.45 -9.90
CA ASP C 179 10.17 -35.73 -9.21
C ASP C 179 8.96 -36.53 -9.69
N PRO C 180 9.15 -37.73 -10.25
CA PRO C 180 8.00 -38.49 -10.77
C PRO C 180 6.91 -38.69 -9.72
N ALA C 181 7.27 -38.61 -8.44
CA ALA C 181 6.28 -38.74 -7.38
C ALA C 181 5.17 -37.73 -7.55
N LEU C 182 5.48 -36.56 -8.13
CA LEU C 182 4.48 -35.52 -8.33
C LEU C 182 3.41 -35.93 -9.34
N LEU C 183 3.69 -36.92 -10.18
CA LEU C 183 2.80 -37.32 -11.26
C LEU C 183 2.05 -38.61 -10.99
N ARG C 184 2.27 -39.24 -9.84
CA ARG C 184 1.55 -40.45 -9.50
C ARG C 184 0.04 -40.19 -9.51
N PRO C 185 -0.77 -41.21 -9.76
CA PRO C 185 -2.23 -41.00 -9.75
C PRO C 185 -2.68 -40.34 -8.45
N GLY C 186 -3.57 -39.36 -8.57
CA GLY C 186 -4.03 -38.61 -7.42
C GLY C 186 -3.27 -37.34 -7.15
N ARG C 187 -2.02 -37.24 -7.61
CA ARG C 187 -1.20 -36.06 -7.43
C ARG C 187 -0.74 -35.59 -8.81
N PHE C 188 -1.33 -34.51 -9.30
CA PHE C 188 -0.95 -33.96 -10.61
C PHE C 188 -0.85 -35.07 -11.65
N ASP C 189 -1.86 -35.92 -11.68
CA ASP C 189 -1.89 -37.04 -12.60
C ASP C 189 -2.36 -36.64 -13.99
N ARG C 190 -2.47 -35.35 -14.26
CA ARG C 190 -2.91 -34.86 -15.56
C ARG C 190 -2.02 -33.69 -15.93
N GLN C 191 -1.29 -33.81 -17.04
CA GLN C 191 -0.35 -32.80 -17.48
C GLN C 191 -0.82 -32.21 -18.81
N ILE C 192 -0.54 -30.93 -19.01
CA ILE C 192 -0.95 -30.20 -20.19
C ILE C 192 0.19 -29.33 -20.67
N PHE C 193 0.49 -29.41 -21.96
CA PHE C 193 1.51 -28.56 -22.57
C PHE C 193 0.83 -27.33 -23.16
N ILE C 194 1.37 -26.15 -22.86
CA ILE C 194 0.90 -24.90 -23.46
C ILE C 194 1.91 -24.47 -24.50
N PRO C 195 1.62 -24.61 -25.79
CA PRO C 195 2.60 -24.30 -26.84
C PRO C 195 2.61 -22.84 -27.25
N LYS C 196 3.72 -22.47 -27.89
CA LYS C 196 3.81 -21.15 -28.48
C LYS C 196 2.74 -20.99 -29.57
N PRO C 197 2.23 -19.78 -29.77
CA PRO C 197 1.16 -19.59 -30.75
C PRO C 197 1.67 -19.56 -32.18
N ASP C 198 0.91 -20.22 -33.07
CA ASP C 198 1.09 -20.09 -34.52
C ASP C 198 0.42 -18.80 -34.98
N VAL C 199 0.34 -18.58 -36.29
CA VAL C 199 -0.12 -17.29 -36.80
C VAL C 199 -1.52 -16.96 -36.29
N ARG C 200 -2.43 -17.94 -36.34
CA ARG C 200 -3.79 -17.68 -35.87
C ARG C 200 -3.82 -17.31 -34.39
N GLY C 201 -3.08 -18.07 -33.58
CA GLY C 201 -3.02 -17.75 -32.16
C GLY C 201 -2.45 -16.37 -31.91
N ARG C 202 -1.37 -16.01 -32.62
CA ARG C 202 -0.78 -14.69 -32.47
C ARG C 202 -1.77 -13.61 -32.87
N TYR C 203 -2.53 -13.83 -33.94
CA TYR C 203 -3.54 -12.87 -34.35
C TYR C 203 -4.59 -12.68 -33.26
N GLU C 204 -5.09 -13.78 -32.71
CA GLU C 204 -6.12 -13.67 -31.67
C GLU C 204 -5.57 -12.99 -30.42
N ILE C 205 -4.32 -13.25 -30.07
CA ILE C 205 -3.70 -12.60 -28.92
C ILE C 205 -3.59 -11.09 -29.17
N LEU C 206 -3.14 -10.71 -30.36
CA LEU C 206 -3.08 -9.30 -30.69
C LEU C 206 -4.46 -8.67 -30.61
N LYS C 207 -5.49 -9.39 -31.06
CA LYS C 207 -6.85 -8.88 -30.91
C LYS C 207 -7.17 -8.64 -29.45
N VAL C 208 -6.93 -9.64 -28.60
CA VAL C 208 -7.25 -9.52 -27.18
C VAL C 208 -6.58 -8.29 -26.58
N HIS C 209 -5.29 -8.12 -26.84
CA HIS C 209 -4.55 -7.01 -26.25
C HIS C 209 -4.80 -5.68 -26.94
N ALA C 210 -5.39 -5.70 -28.14
CA ALA C 210 -5.78 -4.46 -28.80
C ALA C 210 -7.04 -3.87 -28.20
N ARG C 211 -7.88 -4.71 -27.59
CA ARG C 211 -9.17 -4.25 -27.07
C ARG C 211 -8.99 -3.02 -26.19
N ASN C 212 -7.99 -3.04 -25.30
CA ASN C 212 -7.81 -1.91 -24.39
C ASN C 212 -7.28 -0.67 -25.10
N LYS C 213 -6.48 -0.85 -26.14
CA LYS C 213 -5.84 0.26 -26.85
C LYS C 213 -6.63 0.64 -28.10
N LYS C 214 -6.48 1.90 -28.51
CA LYS C 214 -7.25 2.50 -29.61
C LYS C 214 -6.37 2.63 -30.85
N LEU C 215 -6.34 1.57 -31.67
CA LEU C 215 -5.48 1.53 -32.84
C LEU C 215 -6.05 2.38 -33.98
N ALA C 216 -5.21 2.58 -34.99
CA ALA C 216 -5.59 3.28 -36.21
C ALA C 216 -6.28 2.32 -37.17
N LYS C 217 -6.84 2.88 -38.25
CA LYS C 217 -7.55 2.05 -39.21
C LYS C 217 -6.55 1.22 -40.03
N ASP C 218 -5.38 1.79 -40.32
CA ASP C 218 -4.41 1.16 -41.21
C ASP C 218 -3.81 -0.12 -40.63
N VAL C 219 -3.84 -0.31 -39.30
CA VAL C 219 -3.12 -1.44 -38.72
C VAL C 219 -3.71 -2.73 -39.24
N ASP C 220 -2.84 -3.64 -39.66
CA ASP C 220 -3.22 -4.99 -40.05
C ASP C 220 -2.57 -5.92 -39.05
N LEU C 221 -3.36 -6.43 -38.10
CA LEU C 221 -2.80 -7.33 -37.10
C LEU C 221 -2.39 -8.66 -37.72
N GLU C 222 -3.04 -9.05 -38.83
CA GLU C 222 -2.62 -10.27 -39.52
C GLU C 222 -1.18 -10.17 -39.98
N PHE C 223 -0.79 -9.01 -40.51
CA PHE C 223 0.59 -8.82 -40.93
C PHE C 223 1.54 -8.97 -39.75
N VAL C 224 1.19 -8.36 -38.61
CA VAL C 224 2.03 -8.49 -37.42
C VAL C 224 2.15 -9.96 -37.03
N ALA C 225 1.03 -10.67 -37.02
CA ALA C 225 1.05 -12.09 -36.66
C ALA C 225 2.01 -12.86 -37.56
N ARG C 226 1.86 -12.71 -38.88
CA ARG C 226 2.75 -13.40 -39.81
CA ARG C 226 2.76 -13.40 -39.80
C ARG C 226 4.20 -12.97 -39.62
N ALA C 227 4.43 -11.78 -39.06
CA ALA C 227 5.77 -11.26 -38.87
C ALA C 227 6.41 -11.64 -37.55
N THR C 228 5.72 -12.43 -36.71
CA THR C 228 6.22 -12.75 -35.38
C THR C 228 6.18 -14.24 -35.09
N PRO C 229 6.77 -15.08 -35.94
CA PRO C 229 6.88 -16.50 -35.60
C PRO C 229 7.85 -16.67 -34.43
N GLY C 230 7.50 -17.55 -33.51
CA GLY C 230 8.32 -17.77 -32.34
C GLY C 230 8.09 -16.78 -31.21
N PHE C 231 7.18 -15.84 -31.37
CA PHE C 231 6.80 -14.95 -30.27
C PHE C 231 5.85 -15.68 -29.33
N THR C 232 5.84 -15.22 -28.08
CA THR C 232 4.88 -15.67 -27.07
C THR C 232 3.81 -14.61 -26.89
N GLY C 233 2.72 -15.00 -26.22
CA GLY C 233 1.69 -14.03 -25.90
C GLY C 233 2.24 -12.81 -25.17
N ALA C 234 3.16 -13.05 -24.23
CA ALA C 234 3.79 -11.94 -23.52
C ALA C 234 4.54 -11.04 -24.48
N ASP C 235 5.26 -11.62 -25.44
CA ASP C 235 5.99 -10.82 -26.41
C ASP C 235 5.04 -9.94 -27.22
N LEU C 236 3.86 -10.46 -27.58
CA LEU C 236 2.90 -9.68 -28.33
C LEU C 236 2.30 -8.55 -27.49
N GLU C 237 1.98 -8.84 -26.22
CA GLU C 237 1.50 -7.78 -25.35
C GLU C 237 2.53 -6.67 -25.24
N ASN C 238 3.81 -7.05 -25.07
CA ASN C 238 4.85 -6.04 -24.95
C ASN C 238 4.99 -5.25 -26.24
N LEU C 239 4.81 -5.92 -27.39
CA LEU C 239 4.88 -5.21 -28.68
C LEU C 239 3.79 -4.15 -28.76
N LEU C 240 2.54 -4.53 -28.51
CA LEU C 240 1.46 -3.56 -28.57
C LEU C 240 1.65 -2.45 -27.54
N ASN C 241 2.18 -2.78 -26.37
CA ASN C 241 2.38 -1.78 -25.34
C ASN C 241 3.46 -0.78 -25.77
N GLU C 242 4.55 -1.28 -26.34
CA GLU C 242 5.60 -0.40 -26.86
C GLU C 242 5.06 0.47 -27.98
N ALA C 243 4.18 -0.07 -28.82
CA ALA C 243 3.58 0.72 -29.88
C ALA C 243 2.73 1.84 -29.30
N ALA C 244 1.93 1.53 -28.27
CA ALA C 244 1.13 2.56 -27.62
C ALA C 244 2.01 3.64 -27.00
N LEU C 245 3.13 3.22 -26.38
CA LEU C 245 4.04 4.20 -25.81
C LEU C 245 4.61 5.11 -26.87
N LEU C 246 5.07 4.55 -27.99
CA LEU C 246 5.64 5.39 -29.05
C LEU C 246 4.60 6.33 -29.64
N ALA C 247 3.37 5.83 -29.83
CA ALA C 247 2.31 6.70 -30.34
C ALA C 247 2.08 7.87 -29.39
N ALA C 248 1.92 7.58 -28.10
CA ALA C 248 1.77 8.66 -27.12
C ALA C 248 2.95 9.62 -27.18
N ARG C 249 4.17 9.10 -27.29
CA ARG C 249 5.36 9.95 -27.36
C ARG C 249 5.32 10.88 -28.56
N LYS C 250 4.66 10.46 -29.64
CA LYS C 250 4.52 11.29 -30.83
C LYS C 250 3.27 12.16 -30.77
N GLY C 251 2.70 12.36 -29.59
CA GLY C 251 1.57 13.24 -29.42
C GLY C 251 0.34 12.82 -30.21
N LYS C 252 0.39 11.66 -30.85
CA LYS C 252 -0.74 11.20 -31.64
C LYS C 252 -1.91 10.85 -30.72
N GLU C 253 -2.94 10.29 -31.32
CA GLU C 253 -4.15 9.88 -30.64
C GLU C 253 -4.56 8.49 -31.07
N GLU C 254 -3.83 7.90 -32.01
CA GLU C 254 -4.13 6.60 -32.58
C GLU C 254 -2.81 5.89 -32.78
N ILE C 255 -2.80 4.59 -32.51
CA ILE C 255 -1.61 3.77 -32.72
C ILE C 255 -1.63 3.28 -34.16
N THR C 256 -0.57 3.59 -34.90
CA THR C 256 -0.49 3.32 -36.32
C THR C 256 0.60 2.29 -36.60
N MET C 257 0.51 1.65 -37.77
CA MET C 257 1.52 0.66 -38.16
C MET C 257 2.93 1.20 -37.96
N GLU C 258 3.11 2.52 -38.08
CA GLU C 258 4.42 3.10 -37.81
C GLU C 258 4.94 2.65 -36.46
N GLU C 259 4.15 2.87 -35.42
CA GLU C 259 4.59 2.57 -34.06
C GLU C 259 4.75 1.06 -33.86
N ILE C 260 3.83 0.26 -34.41
CA ILE C 260 3.92 -1.19 -34.27
C ILE C 260 5.23 -1.70 -34.86
N GLU C 261 5.53 -1.28 -36.09
CA GLU C 261 6.75 -1.74 -36.75
C GLU C 261 7.99 -1.20 -36.04
N GLU C 262 7.93 0.05 -35.56
CA GLU C 262 9.06 0.62 -34.83
C GLU C 262 9.33 -0.17 -33.55
N ALA C 263 8.29 -0.49 -32.80
CA ALA C 263 8.45 -1.24 -31.57
C ALA C 263 9.00 -2.63 -31.85
N LEU C 264 8.47 -3.29 -32.88
CA LEU C 264 8.96 -4.62 -33.20
C LEU C 264 10.43 -4.59 -33.60
N ASP C 265 10.82 -3.63 -34.44
CA ASP C 265 12.22 -3.49 -34.79
C ASP C 265 13.08 -3.23 -33.56
N ARG C 266 12.60 -2.37 -32.65
CA ARG C 266 13.35 -2.06 -31.44
C ARG C 266 13.60 -3.31 -30.60
N ILE C 267 12.53 -4.01 -30.20
CA ILE C 267 12.70 -5.16 -29.32
C ILE C 267 13.47 -6.27 -30.01
N THR C 268 13.24 -6.46 -31.32
CA THR C 268 13.93 -7.53 -32.05
C THR C 268 15.41 -7.23 -32.16
N GLY C 275 12.07 -11.28 -26.99
CA GLY C 275 11.69 -10.97 -28.36
C GLY C 275 12.66 -11.48 -29.40
N MET C 276 12.48 -12.75 -29.77
CA MET C 276 13.32 -13.43 -30.74
C MET C 276 12.43 -14.00 -31.85
N THR C 277 12.70 -13.61 -33.10
CA THR C 277 11.89 -14.02 -34.22
C THR C 277 12.55 -15.14 -35.02
N ILE C 278 11.71 -15.99 -35.61
CA ILE C 278 12.16 -17.14 -36.40
C ILE C 278 12.25 -16.69 -37.86
N SER C 279 13.44 -16.80 -38.44
CA SER C 279 13.62 -16.35 -39.82
C SER C 279 13.02 -17.35 -40.80
N PRO C 280 12.78 -16.92 -42.04
CA PRO C 280 12.19 -17.85 -43.01
C PRO C 280 13.06 -19.07 -43.28
N LYS C 281 14.39 -18.93 -43.31
CA LYS C 281 15.25 -20.10 -43.46
C LYS C 281 15.06 -21.06 -42.29
N GLU C 282 15.01 -20.52 -41.07
CA GLU C 282 14.69 -21.33 -39.91
C GLU C 282 13.34 -22.01 -40.08
N LYS C 283 12.34 -21.28 -40.61
CA LYS C 283 11.03 -21.87 -40.81
C LYS C 283 11.10 -23.06 -41.76
N GLU C 284 11.86 -22.94 -42.85
CA GLU C 284 11.99 -24.05 -43.78
C GLU C 284 12.65 -25.24 -43.11
N LYS C 285 13.73 -24.99 -42.34
CA LYS C 285 14.41 -26.05 -41.62
C LYS C 285 13.44 -26.78 -40.68
N ILE C 286 12.71 -26.01 -39.86
CA ILE C 286 11.79 -26.63 -38.91
C ILE C 286 10.72 -27.43 -39.65
N ALA C 287 10.19 -26.86 -40.73
CA ALA C 287 9.13 -27.52 -41.47
C ALA C 287 9.59 -28.86 -41.98
N ILE C 288 10.81 -28.91 -42.53
CA ILE C 288 11.31 -30.18 -43.01
C ILE C 288 11.51 -31.16 -41.85
N HIS C 289 12.06 -30.69 -40.73
CA HIS C 289 12.26 -31.58 -39.59
C HIS C 289 10.94 -32.19 -39.16
N GLU C 290 9.93 -31.36 -38.90
CA GLU C 290 8.66 -31.85 -38.41
C GLU C 290 7.96 -32.73 -39.44
N ALA C 291 8.10 -32.40 -40.73
CA ALA C 291 7.49 -33.21 -41.76
C ALA C 291 8.12 -34.60 -41.79
N GLY C 292 9.44 -34.67 -41.62
CA GLY C 292 10.07 -35.97 -41.54
C GLY C 292 9.62 -36.76 -40.32
N HIS C 293 9.54 -36.09 -39.18
CA HIS C 293 8.99 -36.74 -37.99
C HIS C 293 7.63 -37.38 -38.28
N ALA C 294 6.71 -36.59 -38.84
CA ALA C 294 5.36 -37.09 -39.12
C ALA C 294 5.39 -38.21 -40.15
N LEU C 295 6.24 -38.09 -41.16
CA LEU C 295 6.31 -39.12 -42.19
C LEU C 295 6.75 -40.45 -41.61
N MET C 296 7.82 -40.44 -40.81
CA MET C 296 8.25 -41.66 -40.14
C MET C 296 7.13 -42.23 -39.30
N GLY C 297 6.45 -41.37 -38.53
CA GLY C 297 5.33 -41.84 -37.75
C GLY C 297 4.28 -42.54 -38.61
N LEU C 298 4.01 -41.98 -39.79
CA LEU C 298 2.95 -42.49 -40.65
C LEU C 298 3.37 -43.68 -41.51
N VAL C 299 4.67 -43.99 -41.57
CA VAL C 299 5.13 -45.12 -42.37
C VAL C 299 5.46 -46.29 -41.45
N SER C 300 5.96 -45.99 -40.26
CA SER C 300 6.39 -47.03 -39.33
C SER C 300 5.20 -47.85 -38.87
N ASP C 301 5.45 -49.13 -38.58
CA ASP C 301 4.40 -50.03 -38.09
C ASP C 301 4.42 -50.12 -36.56
N ASP C 302 4.19 -48.97 -35.92
CA ASP C 302 4.15 -48.86 -34.47
C ASP C 302 2.81 -48.27 -34.05
N ASP C 303 2.29 -48.75 -32.94
CA ASP C 303 1.01 -48.32 -32.39
C ASP C 303 0.99 -46.84 -31.95
N ASP C 304 1.98 -45.98 -32.11
CA ASP C 304 1.83 -44.59 -31.67
C ASP C 304 1.03 -43.78 -32.68
N LYS C 305 0.26 -42.82 -32.17
CA LYS C 305 -0.57 -41.96 -33.00
C LYS C 305 0.17 -40.69 -33.37
N VAL C 306 0.00 -40.27 -34.63
CA VAL C 306 0.68 -39.09 -35.13
C VAL C 306 -0.14 -37.85 -34.80
N HIS C 307 0.52 -36.84 -34.25
CA HIS C 307 -0.13 -35.59 -33.89
C HIS C 307 -0.04 -34.60 -35.04
N LYS C 308 -0.54 -33.39 -34.82
CA LYS C 308 -0.52 -32.37 -35.87
C LYS C 308 0.90 -31.92 -36.17
N ILE C 309 1.10 -31.42 -37.37
CA ILE C 309 2.40 -30.96 -37.84
C ILE C 309 2.42 -29.44 -37.76
N SER C 310 3.46 -28.90 -37.13
CA SER C 310 3.56 -27.46 -36.93
C SER C 310 5.02 -27.07 -36.84
N ILE C 311 5.34 -25.86 -37.31
CA ILE C 311 6.71 -25.36 -37.25
C ILE C 311 7.04 -24.75 -35.89
N ILE C 312 6.15 -24.85 -34.93
CA ILE C 312 6.43 -24.42 -33.57
C ILE C 312 7.17 -25.54 -32.86
N PRO C 313 8.21 -25.24 -32.06
CA PRO C 313 8.95 -26.29 -31.35
C PRO C 313 8.06 -27.17 -30.48
N VAL C 320 16.94 -26.97 -23.78
CA VAL C 320 15.94 -27.48 -22.86
C VAL C 320 14.94 -28.38 -23.58
N THR C 321 14.61 -29.50 -22.94
CA THR C 321 13.66 -30.46 -23.49
C THR C 321 12.29 -30.23 -22.85
N GLN C 322 11.25 -30.13 -23.68
CA GLN C 322 9.88 -30.00 -23.19
C GLN C 322 9.20 -31.37 -23.21
N GLN C 323 9.69 -32.24 -22.33
CA GLN C 323 9.07 -33.54 -22.10
C GLN C 323 9.43 -33.99 -20.70
N LEU C 324 8.70 -35.00 -20.23
CA LEU C 324 8.71 -35.43 -18.85
C LEU C 324 8.93 -36.94 -18.76
N PRO C 325 9.16 -37.46 -17.55
CA PRO C 325 9.34 -38.91 -17.39
C PRO C 325 8.13 -39.59 -16.79
N ILE C 326 7.50 -40.51 -17.53
CA ILE C 326 6.39 -41.30 -17.04
C ILE C 326 6.75 -42.77 -17.22
N GLU C 327 6.78 -43.52 -16.12
CA GLU C 327 7.18 -44.92 -16.17
C GLU C 327 6.00 -45.79 -16.60
N ASP C 328 6.30 -47.07 -16.84
CA ASP C 328 5.30 -48.08 -17.20
C ASP C 328 4.32 -47.55 -18.24
N LYS C 329 4.82 -46.86 -19.27
CA LYS C 329 3.95 -46.37 -20.33
C LYS C 329 3.07 -47.49 -20.88
N HIS C 330 3.72 -48.56 -21.37
CA HIS C 330 3.04 -49.75 -21.88
C HIS C 330 4.05 -50.89 -21.97
N ILE C 331 3.71 -51.94 -22.73
CA ILE C 331 4.66 -52.98 -23.08
C ILE C 331 4.95 -52.79 -24.55
N TYR C 332 6.22 -52.88 -24.91
CA TYR C 332 6.65 -52.78 -26.29
C TYR C 332 7.55 -53.95 -26.61
N ASP C 333 7.59 -54.33 -27.88
CA ASP C 333 8.54 -55.32 -28.34
C ASP C 333 9.70 -54.65 -29.08
N LYS C 334 10.72 -55.46 -29.40
CA LYS C 334 11.90 -54.93 -30.07
C LYS C 334 11.53 -54.13 -31.31
N LYS C 335 10.56 -54.62 -32.08
CA LYS C 335 10.19 -53.92 -33.32
C LYS C 335 9.57 -52.56 -33.02
N ASP C 336 8.66 -52.52 -32.05
CA ASP C 336 8.05 -51.24 -31.70
C ASP C 336 9.10 -50.22 -31.28
N LEU C 337 10.13 -50.67 -30.55
CA LEU C 337 11.16 -49.74 -30.09
C LEU C 337 12.05 -49.30 -31.25
N TYR C 338 12.41 -50.23 -32.14
CA TYR C 338 13.10 -49.84 -33.37
C TYR C 338 12.32 -48.76 -34.10
N ASN C 339 10.99 -48.88 -34.16
CA ASN C 339 10.21 -47.91 -34.91
C ASN C 339 10.08 -46.58 -34.15
N LYS C 340 9.99 -46.64 -32.82
CA LYS C 340 10.04 -45.40 -32.05
C LYS C 340 11.33 -44.64 -32.33
N ILE C 341 12.45 -45.36 -32.31
CA ILE C 341 13.75 -44.77 -32.65
C ILE C 341 13.68 -44.16 -34.05
N LEU C 342 13.19 -44.93 -35.02
CA LEU C 342 13.06 -44.43 -36.38
C LEU C 342 12.35 -43.09 -36.42
N VAL C 343 11.18 -43.01 -35.79
CA VAL C 343 10.42 -41.77 -35.79
C VAL C 343 11.26 -40.64 -35.18
N LEU C 344 11.88 -40.90 -34.03
CA LEU C 344 12.66 -39.86 -33.37
C LEU C 344 13.78 -39.34 -34.27
N LEU C 345 14.37 -40.21 -35.08
CA LEU C 345 15.43 -39.81 -35.98
C LEU C 345 14.92 -39.23 -37.30
N GLY C 346 13.61 -39.15 -37.49
CA GLY C 346 13.07 -38.73 -38.77
C GLY C 346 13.40 -37.29 -39.13
N GLY C 347 13.25 -36.38 -38.17
CA GLY C 347 13.54 -34.98 -38.46
C GLY C 347 14.95 -34.75 -38.92
N ARG C 348 15.92 -35.30 -38.19
CA ARG C 348 17.31 -35.12 -38.58
C ARG C 348 17.58 -35.77 -39.93
N ALA C 349 16.99 -36.93 -40.18
CA ALA C 349 17.17 -37.58 -41.47
C ALA C 349 16.65 -36.71 -42.60
N ALA C 350 15.47 -36.11 -42.41
CA ALA C 350 14.95 -35.18 -43.41
C ALA C 350 15.89 -34.01 -43.60
N GLU C 351 16.42 -33.48 -42.51
CA GLU C 351 17.37 -32.37 -42.59
C GLU C 351 18.55 -32.74 -43.48
N GLU C 352 19.11 -33.94 -43.28
CA GLU C 352 20.28 -34.32 -44.07
C GLU C 352 19.90 -34.55 -45.52
N VAL C 353 18.76 -35.21 -45.76
CA VAL C 353 18.34 -35.51 -47.13
C VAL C 353 18.12 -34.21 -47.91
N PHE C 354 17.53 -33.19 -47.27
CA PHE C 354 17.21 -31.97 -47.99
C PHE C 354 18.38 -30.98 -48.06
N PHE C 355 19.17 -30.85 -46.99
CA PHE C 355 20.21 -29.83 -46.91
C PHE C 355 21.63 -30.38 -46.89
N GLY C 356 21.81 -31.69 -46.82
CA GLY C 356 23.14 -32.27 -46.76
C GLY C 356 23.74 -32.22 -45.37
N LYS C 357 24.86 -32.94 -45.23
CA LYS C 357 25.47 -33.12 -43.92
C LYS C 357 25.85 -31.81 -43.25
N ASP C 358 26.03 -30.74 -44.01
CA ASP C 358 26.39 -29.46 -43.42
C ASP C 358 25.18 -28.62 -43.03
N GLY C 359 23.97 -29.09 -43.31
CA GLY C 359 22.76 -28.31 -43.07
C GLY C 359 21.96 -28.83 -41.90
N ILE C 360 22.34 -30.00 -41.36
CA ILE C 360 21.70 -30.54 -40.18
C ILE C 360 21.75 -29.52 -39.04
N THR C 361 20.77 -29.57 -38.14
CA THR C 361 20.58 -28.51 -37.17
C THR C 361 20.44 -29.05 -35.74
N THR C 362 20.47 -28.11 -34.80
CA THR C 362 20.26 -28.38 -33.39
C THR C 362 18.81 -28.67 -33.05
N GLY C 363 17.86 -28.41 -33.96
CA GLY C 363 16.47 -28.69 -33.65
C GLY C 363 16.21 -30.14 -33.32
N ALA C 364 17.08 -31.04 -33.80
CA ALA C 364 16.94 -32.46 -33.52
C ALA C 364 17.39 -32.85 -32.12
N GLU C 365 18.09 -31.97 -31.41
CA GLU C 365 18.67 -32.26 -30.11
C GLU C 365 17.77 -33.18 -29.28
N ASN C 366 16.65 -32.64 -28.80
CA ASN C 366 15.67 -33.39 -28.03
C ASN C 366 15.50 -34.77 -28.64
N ASP C 367 14.93 -34.82 -29.84
CA ASP C 367 14.69 -36.09 -30.50
C ASP C 367 15.90 -37.02 -30.37
N LEU C 368 17.06 -36.55 -30.85
CA LEU C 368 18.23 -37.42 -30.85
C LEU C 368 18.46 -38.04 -29.49
N GLN C 369 18.52 -37.20 -28.45
CA GLN C 369 18.75 -37.72 -27.11
C GLN C 369 17.79 -38.88 -26.84
N ARG C 370 16.49 -38.63 -26.97
CA ARG C 370 15.51 -39.68 -26.71
C ARG C 370 15.87 -40.95 -27.46
N ALA C 371 16.08 -40.83 -28.77
CA ALA C 371 16.43 -42.02 -29.55
C ALA C 371 17.56 -42.78 -28.88
N THR C 372 18.69 -42.10 -28.66
CA THR C 372 19.83 -42.75 -28.04
C THR C 372 19.43 -43.37 -26.72
N ASP C 373 18.77 -42.60 -25.87
CA ASP C 373 18.34 -43.13 -24.58
C ASP C 373 17.62 -44.45 -24.77
N LEU C 374 16.63 -44.46 -25.65
CA LEU C 374 15.86 -45.67 -25.88
C LEU C 374 16.80 -46.82 -26.28
N ALA C 375 17.67 -46.58 -27.25
CA ALA C 375 18.60 -47.62 -27.66
C ALA C 375 19.33 -48.21 -26.44
N TYR C 376 19.84 -47.34 -25.56
CA TYR C 376 20.55 -47.84 -24.39
C TYR C 376 19.67 -48.77 -23.57
N ARG C 377 18.43 -48.34 -23.28
CA ARG C 377 17.52 -49.20 -22.54
C ARG C 377 17.33 -50.52 -23.25
N MET C 378 17.27 -50.50 -24.58
CA MET C 378 17.07 -51.76 -25.31
C MET C 378 18.23 -52.72 -25.06
N VAL C 379 19.45 -52.21 -24.90
CA VAL C 379 20.63 -53.04 -24.87
C VAL C 379 21.05 -53.40 -23.44
N SER C 380 21.02 -52.44 -22.53
CA SER C 380 21.50 -52.66 -21.18
C SER C 380 20.40 -53.01 -20.19
N MET C 381 19.15 -52.75 -20.52
CA MET C 381 18.03 -52.99 -19.62
C MET C 381 17.08 -54.07 -20.09
N TRP C 382 16.87 -54.20 -21.39
CA TRP C 382 15.88 -55.11 -21.95
C TRP C 382 16.49 -56.25 -22.74
N GLY C 383 17.81 -56.36 -22.77
CA GLY C 383 18.45 -57.50 -23.42
C GLY C 383 17.96 -57.75 -24.83
N MET C 384 17.68 -56.68 -25.58
CA MET C 384 17.21 -56.80 -26.94
C MET C 384 18.35 -56.75 -27.95
N SER C 385 19.58 -57.01 -27.52
CA SER C 385 20.72 -57.11 -28.41
C SER C 385 21.24 -58.54 -28.39
N ASP C 386 21.49 -59.10 -29.56
CA ASP C 386 22.01 -60.46 -29.64
C ASP C 386 23.43 -60.53 -29.12
N LYS C 387 24.30 -59.61 -29.55
CA LYS C 387 25.69 -59.64 -29.12
C LYS C 387 25.81 -59.54 -27.60
N VAL C 388 25.05 -58.65 -26.98
CA VAL C 388 25.13 -58.48 -25.54
C VAL C 388 24.44 -59.63 -24.82
N GLY C 389 23.26 -60.01 -25.31
CA GLY C 389 22.53 -61.11 -24.73
C GLY C 389 21.43 -60.60 -23.83
N PRO C 390 20.74 -61.51 -23.16
CA PRO C 390 19.63 -61.10 -22.30
C PRO C 390 20.09 -60.71 -20.91
N ILE C 391 21.25 -60.09 -20.81
CA ILE C 391 21.76 -59.61 -19.53
C ILE C 391 21.29 -58.18 -19.37
N ALA C 392 21.00 -57.79 -18.13
CA ALA C 392 20.48 -56.46 -17.84
C ALA C 392 21.20 -55.90 -16.63
N ILE C 393 21.71 -54.68 -16.76
CA ILE C 393 22.49 -54.06 -15.69
C ILE C 393 21.85 -52.75 -15.22
N ARG C 394 21.76 -51.77 -16.11
CA ARG C 394 21.27 -50.45 -15.74
C ARG C 394 19.88 -50.53 -15.11
N ARG C 395 19.52 -49.47 -14.40
CA ARG C 395 18.21 -49.36 -13.76
C ARG C 395 17.78 -47.90 -13.68
N THR C 405 20.84 -46.99 -10.89
CA THR C 405 21.60 -46.87 -12.13
C THR C 405 22.95 -47.57 -11.99
N THR C 406 23.20 -48.53 -12.86
CA THR C 406 24.46 -49.29 -12.91
C THR C 406 24.96 -49.61 -11.50
N ALA C 407 24.13 -50.36 -10.77
CA ALA C 407 24.45 -50.71 -9.39
C ALA C 407 25.74 -51.53 -9.28
N VAL C 408 26.09 -52.31 -10.30
CA VAL C 408 27.27 -53.16 -10.27
C VAL C 408 28.34 -52.55 -11.17
N ASP C 409 29.46 -52.17 -10.56
CA ASP C 409 30.63 -51.69 -11.30
C ASP C 409 30.83 -52.56 -12.54
N THR C 410 30.67 -51.98 -13.73
CA THR C 410 30.74 -52.72 -14.98
C THR C 410 32.12 -52.64 -15.61
N SER C 411 32.54 -53.74 -16.22
CA SER C 411 33.83 -53.78 -16.89
C SER C 411 33.82 -52.87 -18.11
N PRO C 412 34.97 -52.30 -18.50
CA PRO C 412 35.00 -51.48 -19.71
C PRO C 412 34.62 -52.23 -20.98
N ASP C 413 34.98 -53.52 -21.09
CA ASP C 413 34.62 -54.26 -22.29
C ASP C 413 33.11 -54.30 -22.48
N LEU C 414 32.36 -54.48 -21.40
CA LEU C 414 30.90 -54.54 -21.53
C LEU C 414 30.33 -53.19 -21.93
N LEU C 415 30.83 -52.10 -21.33
CA LEU C 415 30.39 -50.77 -21.74
C LEU C 415 30.70 -50.53 -23.22
N ARG C 416 31.86 -50.99 -23.69
CA ARG C 416 32.20 -50.86 -25.09
C ARG C 416 31.24 -51.63 -25.98
N GLU C 417 30.89 -52.86 -25.58
CA GLU C 417 29.93 -53.64 -26.36
C GLU C 417 28.58 -52.95 -26.42
N ILE C 418 28.11 -52.43 -25.28
CA ILE C 418 26.83 -51.71 -25.25
C ILE C 418 26.89 -50.49 -26.17
N ASP C 419 27.97 -49.72 -26.09
CA ASP C 419 28.08 -48.53 -26.92
C ASP C 419 28.09 -48.89 -28.41
N GLU C 420 28.87 -49.91 -28.78
CA GLU C 420 28.90 -50.33 -30.17
C GLU C 420 27.53 -50.75 -30.65
N GLU C 421 26.78 -51.50 -29.83
CA GLU C 421 25.45 -51.92 -30.25
C GLU C 421 24.49 -50.74 -30.37
N VAL C 422 24.59 -49.78 -29.45
CA VAL C 422 23.74 -48.60 -29.55
C VAL C 422 24.03 -47.86 -30.85
N LYS C 423 25.31 -47.71 -31.18
CA LYS C 423 25.63 -47.06 -32.45
C LYS C 423 25.08 -47.85 -33.62
N ARG C 424 25.19 -49.18 -33.57
CA ARG C 424 24.64 -50.00 -34.64
C ARG C 424 23.15 -49.72 -34.82
N ILE C 425 22.39 -49.78 -33.74
CA ILE C 425 20.95 -49.55 -33.82
C ILE C 425 20.67 -48.17 -34.40
N ILE C 426 21.32 -47.15 -33.85
CA ILE C 426 21.02 -45.79 -34.27
C ILE C 426 21.36 -45.59 -35.74
N THR C 427 22.50 -46.10 -36.19
CA THR C 427 22.89 -45.92 -37.59
C THR C 427 21.95 -46.69 -38.53
N GLU C 428 21.57 -47.93 -38.16
CA GLU C 428 20.64 -48.67 -39.00
C GLU C 428 19.33 -47.92 -39.17
N GLN C 429 18.74 -47.49 -38.05
CA GLN C 429 17.48 -46.76 -38.14
C GLN C 429 17.65 -45.43 -38.86
N TYR C 430 18.83 -44.81 -38.74
CA TYR C 430 19.05 -43.53 -39.41
C TYR C 430 19.12 -43.71 -40.93
N GLU C 431 19.81 -44.76 -41.39
CA GLU C 431 19.79 -45.07 -42.82
C GLU C 431 18.38 -45.39 -43.29
N LYS C 432 17.63 -46.15 -42.49
CA LYS C 432 16.25 -46.46 -42.85
C LYS C 432 15.44 -45.18 -43.04
N ALA C 433 15.58 -44.23 -42.12
CA ALA C 433 14.81 -43.00 -42.20
C ALA C 433 15.25 -42.16 -43.40
N LYS C 434 16.56 -42.06 -43.63
CA LYS C 434 17.04 -41.31 -44.79
C LYS C 434 16.48 -41.89 -46.07
N ALA C 435 16.47 -43.22 -46.20
CA ALA C 435 15.91 -43.83 -47.40
C ALA C 435 14.44 -43.50 -47.54
N ILE C 436 13.68 -43.62 -46.45
CA ILE C 436 12.25 -43.32 -46.51
C ILE C 436 12.02 -41.88 -46.96
N VAL C 437 12.79 -40.93 -46.44
CA VAL C 437 12.61 -39.54 -46.83
C VAL C 437 12.94 -39.36 -48.31
N GLU C 438 14.02 -40.00 -48.77
CA GLU C 438 14.36 -39.90 -50.18
C GLU C 438 13.22 -40.39 -51.05
N GLU C 439 12.65 -41.54 -50.72
CA GLU C 439 11.58 -42.10 -51.55
C GLU C 439 10.42 -41.12 -51.69
N TYR C 440 10.07 -40.41 -50.62
CA TYR C 440 8.87 -39.58 -50.60
C TYR C 440 9.19 -38.08 -50.58
N LYS C 441 10.29 -37.70 -51.24
CA LYS C 441 10.77 -36.32 -51.15
C LYS C 441 9.78 -35.34 -51.75
N GLU C 442 9.12 -35.70 -52.86
CA GLU C 442 8.26 -34.75 -53.55
C GLU C 442 6.97 -34.47 -52.78
N PRO C 443 6.21 -35.47 -52.33
CA PRO C 443 5.07 -35.17 -51.45
C PRO C 443 5.51 -34.43 -50.18
N LEU C 444 6.72 -34.70 -49.70
CA LEU C 444 7.22 -33.95 -48.55
C LEU C 444 7.39 -32.48 -48.91
N LYS C 445 7.90 -32.19 -50.11
CA LYS C 445 7.97 -30.80 -50.56
C LYS C 445 6.59 -30.17 -50.57
N ALA C 446 5.58 -30.93 -51.01
CA ALA C 446 4.23 -30.41 -51.00
C ALA C 446 3.79 -30.06 -49.57
N VAL C 447 3.99 -30.98 -48.64
CA VAL C 447 3.62 -30.75 -47.25
C VAL C 447 4.35 -29.53 -46.71
N VAL C 448 5.64 -29.41 -47.02
CA VAL C 448 6.44 -28.30 -46.50
C VAL C 448 5.91 -26.98 -47.04
N LYS C 449 5.49 -26.94 -48.30
CA LYS C 449 4.92 -25.71 -48.83
C LYS C 449 3.65 -25.35 -48.09
N LYS C 450 2.75 -26.31 -47.94
CA LYS C 450 1.53 -26.06 -47.19
C LYS C 450 1.84 -25.58 -45.77
N LEU C 451 2.93 -26.08 -45.19
CA LEU C 451 3.28 -25.77 -43.81
C LEU C 451 3.86 -24.36 -43.70
N LEU C 452 4.80 -24.02 -44.57
CA LEU C 452 5.30 -22.65 -44.61
C LEU C 452 4.18 -21.66 -44.86
N GLU C 453 3.11 -22.08 -45.55
CA GLU C 453 1.97 -21.20 -45.73
C GLU C 453 1.19 -21.05 -44.43
N LYS C 454 0.63 -22.15 -43.92
CA LYS C 454 -0.23 -22.11 -42.73
C LYS C 454 0.52 -22.19 -41.41
N GLU C 455 1.79 -22.61 -41.42
CA GLU C 455 2.61 -22.81 -40.22
C GLU C 455 2.18 -24.06 -39.46
N THR C 456 0.94 -24.51 -39.65
CA THR C 456 0.46 -25.71 -38.98
C THR C 456 -0.56 -26.39 -39.87
N ILE C 457 -0.47 -27.72 -39.93
CA ILE C 457 -1.47 -28.55 -40.62
C ILE C 457 -1.74 -29.76 -39.75
N THR C 458 -2.86 -30.42 -40.02
CA THR C 458 -3.25 -31.59 -39.27
C THR C 458 -2.68 -32.86 -39.92
N CYS C 459 -2.59 -33.92 -39.13
CA CYS C 459 -2.15 -35.21 -39.64
C CYS C 459 -3.01 -35.62 -40.84
N GLU C 460 -4.31 -35.33 -40.76
CA GLU C 460 -5.21 -35.69 -41.86
C GLU C 460 -4.85 -34.94 -43.13
N GLU C 461 -4.53 -33.65 -43.03
CA GLU C 461 -4.10 -32.90 -44.20
C GLU C 461 -2.81 -33.48 -44.78
N PHE C 462 -1.88 -33.87 -43.91
CA PHE C 462 -0.67 -34.55 -44.36
C PHE C 462 -1.03 -35.80 -45.18
N VAL C 463 -1.88 -36.66 -44.61
CA VAL C 463 -2.23 -37.89 -45.28
C VAL C 463 -2.91 -37.59 -46.61
N GLU C 464 -3.73 -36.54 -46.66
CA GLU C 464 -4.44 -36.22 -47.89
C GLU C 464 -3.45 -35.79 -48.97
N VAL C 465 -2.53 -34.89 -48.61
CA VAL C 465 -1.49 -34.50 -49.55
C VAL C 465 -0.76 -35.72 -50.07
N PHE C 466 -0.48 -36.69 -49.20
CA PHE C 466 0.33 -37.82 -49.64
C PHE C 466 -0.47 -38.77 -50.52
N LYS C 467 -1.75 -39.00 -50.21
CA LYS C 467 -2.54 -39.89 -51.06
C LYS C 467 -2.84 -39.23 -52.40
N LEU C 468 -2.83 -37.90 -52.47
CA LEU C 468 -2.95 -37.24 -53.77
C LEU C 468 -1.77 -37.56 -54.68
N TYR C 469 -0.65 -38.05 -54.14
CA TYR C 469 0.47 -38.54 -54.92
C TYR C 469 0.47 -40.06 -55.04
N GLY C 470 -0.68 -40.70 -54.82
CA GLY C 470 -0.77 -42.14 -54.92
C GLY C 470 0.00 -42.89 -53.84
N ILE C 471 0.07 -42.35 -52.64
CA ILE C 471 0.83 -42.92 -51.54
C ILE C 471 -0.11 -43.18 -50.37
N GLU C 472 -0.12 -44.43 -49.90
CA GLU C 472 -0.97 -44.86 -48.80
C GLU C 472 -0.19 -44.83 -47.50
N LEU C 473 -0.72 -44.12 -46.51
CA LEU C 473 -0.09 -44.06 -45.20
C LEU C 473 -1.03 -44.67 -44.17
N LYS C 474 -0.44 -45.17 -43.09
CA LYS C 474 -1.20 -45.87 -42.07
C LYS C 474 -2.14 -44.91 -41.34
N ASP C 475 -3.29 -45.43 -40.91
CA ASP C 475 -4.33 -44.58 -40.30
C ASP C 475 -3.98 -44.36 -38.82
N LYS C 476 -2.88 -43.64 -38.61
CA LYS C 476 -2.40 -43.31 -37.27
C LYS C 476 -2.78 -41.91 -36.79
N CYS C 477 -3.47 -41.11 -37.59
CA CYS C 477 -3.86 -39.79 -37.15
C CYS C 477 -4.58 -39.86 -35.80
N LYS C 478 -4.12 -39.02 -34.86
CA LYS C 478 -4.69 -38.99 -33.52
C LYS C 478 -6.03 -38.25 -33.52
N LYS C 479 -6.92 -38.71 -32.65
CA LYS C 479 -8.25 -38.13 -32.55
C LYS C 479 -8.22 -36.77 -31.86
N GLY D 13 7.90 8.76 8.20
CA GLY D 13 8.46 10.02 8.65
C GLY D 13 9.98 10.04 8.65
N LEU D 14 10.59 8.86 8.65
CA LEU D 14 12.05 8.75 8.64
C LEU D 14 12.61 8.87 7.22
N VAL D 15 11.93 8.29 6.25
CA VAL D 15 12.34 8.33 4.84
C VAL D 15 12.82 9.74 4.48
N PRO D 16 13.87 9.87 3.68
CA PRO D 16 14.30 11.22 3.27
C PRO D 16 13.29 11.86 2.33
N ARG D 17 13.20 13.18 2.43
CA ARG D 17 12.31 13.95 1.59
C ARG D 17 12.90 14.14 0.20
N GLY D 18 12.03 14.20 -0.80
CA GLY D 18 12.47 14.47 -2.15
C GLY D 18 13.32 15.72 -2.22
N SER D 19 14.40 15.67 -3.00
CA SER D 19 15.35 16.78 -3.08
C SER D 19 15.67 17.05 -4.54
N HIS D 20 15.20 18.18 -5.06
CA HIS D 20 15.68 18.65 -6.35
C HIS D 20 17.18 18.80 -6.32
N MET D 21 17.82 18.65 -7.48
CA MET D 21 19.28 18.62 -7.55
C MET D 21 19.76 19.45 -8.73
N LYS D 22 20.97 19.98 -8.58
CA LYS D 22 21.61 20.78 -9.62
C LYS D 22 22.58 19.94 -10.45
N VAL D 23 22.05 18.91 -11.10
CA VAL D 23 22.85 18.00 -11.92
C VAL D 23 22.07 17.75 -13.20
N THR D 24 22.78 17.73 -14.33
CA THR D 24 22.15 17.46 -15.63
C THR D 24 23.15 16.72 -16.50
N PHE D 25 22.74 16.43 -17.73
CA PHE D 25 23.64 15.76 -18.67
C PHE D 25 24.90 16.58 -18.91
N LYS D 26 24.89 17.88 -18.60
CA LYS D 26 26.09 18.69 -18.75
C LYS D 26 27.20 18.18 -17.84
N ASP D 27 26.84 17.59 -16.71
CA ASP D 27 27.81 17.06 -15.75
C ASP D 27 28.19 15.61 -16.04
N VAL D 28 27.52 14.97 -17.00
CA VAL D 28 27.83 13.60 -17.41
C VAL D 28 28.52 13.65 -18.76
N ALA D 29 29.53 12.79 -18.94
CA ALA D 29 30.34 12.80 -20.14
C ALA D 29 30.76 11.38 -20.51
N GLY D 30 30.67 11.08 -21.81
CA GLY D 30 31.27 9.88 -22.34
C GLY D 30 30.41 8.64 -22.32
N ILE D 31 29.09 8.78 -22.22
CA ILE D 31 28.19 7.62 -22.24
C ILE D 31 26.91 8.04 -22.95
N GLU D 32 27.07 8.51 -24.19
CA GLU D 32 25.95 9.02 -24.97
C GLU D 32 24.93 7.93 -25.28
N GLU D 33 25.38 6.70 -25.48
CA GLU D 33 24.43 5.61 -25.72
CA GLU D 33 24.43 5.61 -25.72
C GLU D 33 23.46 5.46 -24.54
N VAL D 34 23.99 5.55 -23.32
CA VAL D 34 23.16 5.44 -22.13
C VAL D 34 22.18 6.61 -22.05
N LYS D 35 22.65 7.80 -22.41
CA LYS D 35 21.76 8.97 -22.41
C LYS D 35 20.63 8.77 -23.40
N GLU D 36 20.93 8.27 -24.60
CA GLU D 36 19.89 7.96 -25.55
C GLU D 36 18.90 6.97 -24.98
N GLU D 37 19.40 5.90 -24.34
CA GLU D 37 18.50 4.89 -23.80
C GLU D 37 17.57 5.48 -22.73
N VAL D 38 18.08 6.41 -21.92
CA VAL D 38 17.27 6.97 -20.83
C VAL D 38 16.46 8.18 -21.28
N LYS D 39 16.62 8.63 -22.53
CA LYS D 39 15.74 9.68 -23.05
C LYS D 39 14.27 9.32 -22.88
N GLU D 40 13.93 8.03 -23.03
CA GLU D 40 12.55 7.60 -22.81
C GLU D 40 12.12 7.84 -21.38
N ILE D 41 12.96 7.49 -20.41
CA ILE D 41 12.60 7.68 -19.01
C ILE D 41 12.43 9.16 -18.71
N ILE D 42 13.28 9.99 -19.30
CA ILE D 42 13.15 11.44 -19.08
C ILE D 42 11.85 11.96 -19.67
N GLU D 43 11.49 11.48 -20.87
CA GLU D 43 10.20 11.88 -21.45
C GLU D 43 9.04 11.47 -20.56
N TYR D 44 9.10 10.25 -20.02
CA TYR D 44 8.04 9.79 -19.13
C TYR D 44 7.94 10.66 -17.89
N LEU D 45 9.08 10.95 -17.26
CA LEU D 45 9.06 11.75 -16.04
C LEU D 45 8.61 13.19 -16.31
N LYS D 46 8.89 13.70 -17.51
CA LYS D 46 8.47 15.05 -17.86
C LYS D 46 6.95 15.14 -18.00
N ASP D 47 6.29 14.05 -18.43
CA ASP D 47 4.86 14.09 -18.62
C ASP D 47 4.26 12.68 -18.60
N PRO D 48 3.93 12.15 -17.40
CA PRO D 48 3.44 10.77 -17.34
C PRO D 48 2.11 10.57 -18.05
N VAL D 49 1.17 11.48 -17.83
CA VAL D 49 -0.17 11.32 -18.41
C VAL D 49 -0.08 11.25 -19.93
N LYS D 50 0.78 12.07 -20.53
CA LYS D 50 0.95 12.01 -21.97
C LYS D 50 1.43 10.62 -22.39
N PHE D 51 2.40 10.08 -21.65
CA PHE D 51 2.94 8.74 -21.94
C PHE D 51 1.84 7.69 -21.92
N GLN D 52 1.08 7.65 -20.83
CA GLN D 52 0.05 6.63 -20.63
C GLN D 52 -1.24 6.92 -21.38
N LYS D 53 -1.35 8.07 -22.07
CA LYS D 53 -2.60 8.44 -22.73
C LYS D 53 -3.17 7.30 -23.58
N LEU D 54 -2.32 6.56 -24.28
CA LEU D 54 -2.76 5.56 -25.24
C LEU D 54 -2.69 4.13 -24.68
N GLY D 55 -2.79 3.99 -23.37
CA GLY D 55 -2.74 2.67 -22.74
C GLY D 55 -1.35 2.09 -22.61
N GLY D 56 -0.32 2.87 -22.88
CA GLY D 56 1.04 2.37 -22.77
C GLY D 56 1.45 2.19 -21.32
N ARG D 57 2.16 1.10 -21.06
CA ARG D 57 2.66 0.80 -19.74
C ARG D 57 4.08 1.31 -19.64
N PRO D 58 4.38 2.32 -18.82
CA PRO D 58 5.72 2.89 -18.81
C PRO D 58 6.69 2.00 -18.08
N PRO D 59 7.98 2.34 -18.06
CA PRO D 59 8.94 1.52 -17.33
C PRO D 59 8.84 1.78 -15.84
N LYS D 60 8.95 0.71 -15.06
CA LYS D 60 8.88 0.82 -13.61
C LYS D 60 10.30 0.92 -13.04
N GLY D 61 11.05 -0.18 -13.08
CA GLY D 61 12.36 -0.25 -12.48
C GLY D 61 13.46 -0.23 -13.52
N VAL D 62 14.62 0.26 -13.11
CA VAL D 62 15.80 0.32 -13.97
C VAL D 62 17.02 0.01 -13.12
N LEU D 63 17.84 -0.93 -13.58
CA LEU D 63 19.07 -1.31 -12.90
C LEU D 63 20.26 -0.75 -13.67
N LEU D 64 21.13 -0.04 -12.98
CA LEU D 64 22.39 0.43 -13.53
C LEU D 64 23.50 -0.41 -12.92
N TYR D 65 24.31 -1.05 -13.77
CA TYR D 65 25.40 -1.87 -13.26
C TYR D 65 26.70 -1.54 -13.97
N GLY D 66 27.79 -1.57 -13.21
CA GLY D 66 29.10 -1.20 -13.70
C GLY D 66 30.05 -1.08 -12.53
N GLU D 67 31.33 -0.98 -12.86
CA GLU D 67 32.36 -0.88 -11.83
C GLU D 67 32.12 0.39 -11.01
N PRO D 68 32.69 0.45 -9.80
CA PRO D 68 32.50 1.64 -8.96
C PRO D 68 33.16 2.87 -9.58
N GLY D 69 32.46 3.99 -9.49
CA GLY D 69 32.99 5.26 -9.96
C GLY D 69 32.81 5.54 -11.42
N VAL D 70 31.94 4.81 -12.12
CA VAL D 70 31.71 5.05 -13.54
C VAL D 70 30.56 6.03 -13.79
N GLY D 71 29.85 6.45 -12.74
CA GLY D 71 28.82 7.45 -12.87
C GLY D 71 27.39 6.95 -12.80
N LYS D 72 27.17 5.82 -12.12
CA LYS D 72 25.81 5.31 -11.97
C LYS D 72 24.97 6.29 -11.16
N THR D 73 25.41 6.61 -9.95
CA THR D 73 24.70 7.60 -9.15
C THR D 73 24.60 8.93 -9.90
N LEU D 74 25.70 9.33 -10.55
CA LEU D 74 25.69 10.56 -11.33
C LEU D 74 24.65 10.50 -12.44
N LEU D 75 24.57 9.36 -13.14
CA LEU D 75 23.59 9.24 -14.21
C LEU D 75 22.16 9.33 -13.67
N ALA D 76 21.88 8.66 -12.56
CA ALA D 76 20.54 8.73 -11.98
C ALA D 76 20.19 10.17 -11.61
N LYS D 77 21.12 10.85 -10.95
CA LYS D 77 20.87 12.24 -10.58
C LYS D 77 20.69 13.10 -11.81
N ALA D 78 21.44 12.80 -12.87
CA ALA D 78 21.33 13.57 -14.11
C ALA D 78 19.96 13.40 -14.74
N ILE D 79 19.43 12.17 -14.73
CA ILE D 79 18.08 11.95 -15.21
C ILE D 79 17.09 12.78 -14.40
N ALA D 80 17.24 12.74 -13.06
CA ALA D 80 16.34 13.49 -12.21
C ALA D 80 16.38 14.98 -12.54
N GLY D 81 17.58 15.51 -12.79
CA GLY D 81 17.69 16.93 -13.09
C GLY D 81 17.23 17.30 -14.49
N GLU D 82 17.42 16.39 -15.45
CA GLU D 82 16.94 16.64 -16.80
C GLU D 82 15.42 16.67 -16.86
N ALA D 83 14.77 15.85 -16.03
CA ALA D 83 13.31 15.87 -15.99
C ALA D 83 12.76 16.87 -14.97
N HIS D 84 13.63 17.46 -14.15
CA HIS D 84 13.20 18.41 -13.12
C HIS D 84 12.19 17.77 -12.16
N VAL D 85 12.54 16.60 -11.64
CA VAL D 85 11.70 15.89 -10.68
C VAL D 85 12.52 15.67 -9.42
N PRO D 86 11.86 15.46 -8.28
CA PRO D 86 12.61 15.17 -7.05
C PRO D 86 13.38 13.87 -7.16
N PHE D 87 14.36 13.72 -6.28
CA PHE D 87 15.26 12.57 -6.28
C PHE D 87 15.35 12.05 -4.84
N ILE D 88 14.67 10.94 -4.56
CA ILE D 88 14.66 10.34 -3.24
C ILE D 88 15.71 9.22 -3.24
N SER D 89 16.79 9.41 -2.49
CA SER D 89 17.91 8.49 -2.46
C SER D 89 17.93 7.66 -1.17
N VAL D 90 18.16 6.36 -1.33
CA VAL D 90 18.34 5.43 -0.23
C VAL D 90 19.31 4.36 -0.72
N SER D 91 19.96 3.68 0.21
CA SER D 91 20.97 2.69 -0.14
C SER D 91 20.61 1.34 0.48
N GLY D 92 21.10 0.28 -0.16
CA GLY D 92 20.82 -1.06 0.34
C GLY D 92 21.35 -1.28 1.74
N SER D 93 22.54 -0.73 2.04
CA SER D 93 23.08 -0.87 3.39
C SER D 93 22.14 -0.27 4.42
N ASP D 94 21.51 0.85 4.06
CA ASP D 94 20.58 1.57 4.92
C ASP D 94 19.19 0.92 5.00
N PHE D 95 18.88 -0.05 4.14
CA PHE D 95 17.52 -0.57 4.11
C PHE D 95 17.16 -1.29 5.40
N VAL D 96 18.08 -2.06 5.97
CA VAL D 96 17.75 -2.75 7.20
C VAL D 96 17.52 -1.72 8.31
N GLU D 97 18.38 -0.69 8.37
CA GLU D 97 18.28 0.27 9.46
C GLU D 97 17.06 1.15 9.31
N MET D 98 16.60 1.34 8.07
CA MET D 98 15.52 2.25 7.77
C MET D 98 14.17 1.59 7.97
N PHE D 99 13.99 0.42 7.34
CA PHE D 99 12.71 -0.27 7.29
C PHE D 99 12.60 -1.45 8.27
N VAL D 100 13.22 -1.35 9.44
CA VAL D 100 13.17 -2.42 10.44
C VAL D 100 13.31 -1.80 11.82
N GLY D 101 12.73 -2.46 12.80
CA GLY D 101 12.79 -2.02 14.18
C GLY D 101 11.58 -1.19 14.59
N VAL D 102 11.48 -0.97 15.90
CA VAL D 102 10.37 -0.23 16.47
C VAL D 102 10.54 1.25 16.18
N GLY D 103 9.46 1.88 15.69
CA GLY D 103 9.54 3.25 15.23
C GLY D 103 9.91 3.42 13.77
N ALA D 104 10.68 2.48 13.23
CA ALA D 104 11.17 2.59 11.85
C ALA D 104 10.03 2.56 10.83
N ALA D 105 10.17 3.36 9.78
CA ALA D 105 9.23 3.38 8.68
C ALA D 105 9.29 2.08 7.89
N ARG D 106 8.22 1.78 7.16
CA ARG D 106 8.21 0.66 6.23
C ARG D 106 8.59 1.12 4.81
N VAL D 107 8.85 0.14 3.94
CA VAL D 107 9.17 0.43 2.55
C VAL D 107 8.02 1.19 1.89
N ARG D 108 6.79 0.77 2.20
CA ARG D 108 5.62 1.43 1.64
C ARG D 108 5.68 2.92 1.90
N ASP D 109 6.20 3.31 3.07
CA ASP D 109 6.29 4.74 3.36
C ASP D 109 7.19 5.44 2.35
N LEU D 110 8.28 4.78 1.93
CA LEU D 110 9.14 5.35 0.89
C LEU D 110 8.37 5.50 -0.42
N PHE D 111 7.68 4.44 -0.84
CA PHE D 111 6.96 4.52 -2.12
C PHE D 111 5.85 5.56 -2.08
N GLU D 112 5.18 5.71 -0.94
CA GLU D 112 4.13 6.72 -0.83
C GLU D 112 4.71 8.12 -0.81
N THR D 113 5.85 8.32 -0.12
CA THR D 113 6.51 9.61 -0.18
C THR D 113 6.85 9.97 -1.62
N ALA D 114 7.23 8.96 -2.42
CA ALA D 114 7.46 9.21 -3.84
C ALA D 114 6.17 9.54 -4.56
N LYS D 115 5.08 8.85 -4.22
CA LYS D 115 3.78 9.12 -4.83
C LYS D 115 3.32 10.54 -4.57
N LYS D 116 3.55 11.05 -3.36
CA LYS D 116 3.08 12.39 -3.02
C LYS D 116 3.90 13.45 -3.78
N HIS D 117 5.20 13.24 -3.90
CA HIS D 117 6.06 14.14 -4.66
C HIS D 117 6.14 13.74 -6.12
N ALA D 118 5.33 12.78 -6.56
CA ALA D 118 5.40 12.30 -7.93
C ALA D 118 5.06 13.42 -8.91
N PRO D 119 5.62 13.39 -10.14
CA PRO D 119 6.56 12.39 -10.62
C PRO D 119 7.96 12.60 -10.06
N CYS D 120 8.65 11.52 -9.67
CA CYS D 120 9.95 11.64 -9.06
C CYS D 120 10.70 10.32 -9.26
N ILE D 121 11.90 10.25 -8.68
CA ILE D 121 12.75 9.08 -8.79
C ILE D 121 13.11 8.60 -7.39
N ILE D 122 12.95 7.30 -7.16
CA ILE D 122 13.51 6.62 -6.00
C ILE D 122 14.80 5.96 -6.47
N PHE D 123 15.92 6.33 -5.87
CA PHE D 123 17.21 5.74 -6.19
C PHE D 123 17.67 4.85 -5.05
N ILE D 124 17.94 3.59 -5.36
CA ILE D 124 18.39 2.61 -4.38
C ILE D 124 19.77 2.16 -4.80
N ASP D 125 20.81 2.69 -4.14
CA ASP D 125 22.17 2.26 -4.43
C ASP D 125 22.46 0.93 -3.73
N GLU D 126 23.51 0.27 -4.20
CA GLU D 126 23.93 -1.03 -3.67
CA GLU D 126 23.94 -1.02 -3.65
C GLU D 126 22.73 -1.93 -3.39
N ILE D 127 21.91 -2.11 -4.43
CA ILE D 127 20.73 -2.95 -4.31
C ILE D 127 21.10 -4.39 -3.98
N ASP D 128 22.34 -4.80 -4.29
CA ASP D 128 22.78 -6.15 -3.96
C ASP D 128 22.83 -6.38 -2.45
N ALA D 129 23.00 -5.32 -1.66
CA ALA D 129 23.07 -5.46 -0.22
C ALA D 129 21.78 -6.06 0.33
N VAL D 130 20.65 -5.78 -0.33
CA VAL D 130 19.37 -6.31 0.10
C VAL D 130 18.90 -7.45 -0.79
N GLY D 131 19.24 -7.44 -2.07
CA GLY D 131 18.75 -8.42 -3.02
C GLY D 131 19.85 -9.38 -3.42
N ARG D 132 20.59 -9.86 -2.43
CA ARG D 132 21.63 -10.85 -2.63
C ARG D 132 21.04 -12.25 -2.66
N ALA D 133 21.82 -13.19 -3.15
CA ALA D 133 21.39 -14.59 -3.22
C ALA D 133 21.66 -15.30 -1.89
N ASP D 144 17.39 -13.12 8.52
CA ASP D 144 16.14 -13.02 7.78
C ASP D 144 15.58 -11.59 7.80
N GLU D 145 16.18 -10.71 8.60
CA GLU D 145 15.72 -9.33 8.65
C GLU D 145 15.92 -8.65 7.29
N ARG D 146 17.11 -8.81 6.70
CA ARG D 146 17.34 -8.30 5.35
C ARG D 146 16.39 -8.96 4.37
N GLU D 147 16.09 -10.25 4.57
CA GLU D 147 15.12 -10.94 3.73
C GLU D 147 13.74 -10.29 3.85
N GLN D 148 13.34 -9.93 5.07
CA GLN D 148 12.06 -9.26 5.26
C GLN D 148 12.03 -7.94 4.49
N THR D 149 13.11 -7.16 4.59
CA THR D 149 13.16 -5.89 3.85
C THR D 149 13.08 -6.13 2.34
N LEU D 150 13.79 -7.15 1.84
CA LEU D 150 13.73 -7.47 0.43
C LEU D 150 12.30 -7.81 0.01
N ASN D 151 11.61 -8.62 0.82
CA ASN D 151 10.23 -8.96 0.52
C ASN D 151 9.35 -7.72 0.48
N GLN D 152 9.55 -6.79 1.42
CA GLN D 152 8.78 -5.55 1.41
C GLN D 152 9.01 -4.79 0.09
N LEU D 153 10.28 -4.66 -0.30
CA LEU D 153 10.59 -3.96 -1.54
C LEU D 153 9.92 -4.63 -2.73
N LEU D 154 10.00 -5.96 -2.82
CA LEU D 154 9.37 -6.67 -3.93
C LEU D 154 7.85 -6.45 -3.93
N VAL D 155 7.23 -6.54 -2.76
CA VAL D 155 5.79 -6.30 -2.66
C VAL D 155 5.46 -4.94 -3.24
N GLU D 156 6.21 -3.91 -2.85
CA GLU D 156 5.89 -2.57 -3.33
C GLU D 156 6.12 -2.45 -4.82
N MET D 157 7.20 -3.04 -5.33
CA MET D 157 7.46 -2.99 -6.76
C MET D 157 6.33 -3.63 -7.56
N ASP D 158 5.79 -4.74 -7.06
CA ASP D 158 4.72 -5.41 -7.80
C ASP D 158 3.38 -4.72 -7.64
N GLY D 159 3.11 -4.14 -6.46
CA GLY D 159 1.81 -3.61 -6.13
C GLY D 159 1.58 -2.14 -6.41
N PHE D 160 2.55 -1.31 -6.06
CA PHE D 160 2.35 0.13 -6.01
C PHE D 160 2.03 0.73 -7.37
N ASP D 161 1.02 1.59 -7.39
CA ASP D 161 0.58 2.30 -8.59
C ASP D 161 1.58 3.40 -8.95
N THR D 162 2.52 3.05 -9.82
CA THR D 162 3.55 3.95 -10.34
C THR D 162 3.01 4.96 -11.36
N SER D 163 1.77 4.82 -11.81
CA SER D 163 1.26 5.64 -12.91
C SER D 163 1.47 7.13 -12.66
N ASP D 164 1.49 7.57 -11.41
CA ASP D 164 1.71 8.98 -11.11
C ASP D 164 3.04 9.48 -11.67
N GLY D 165 3.94 8.58 -12.04
CA GLY D 165 5.21 9.00 -12.63
C GLY D 165 6.42 8.80 -11.74
N ILE D 166 6.50 7.64 -11.08
CA ILE D 166 7.65 7.32 -10.24
C ILE D 166 8.53 6.36 -11.02
N ILE D 167 9.84 6.48 -10.80
CA ILE D 167 10.82 5.59 -11.40
C ILE D 167 11.75 5.11 -10.29
N VAL D 168 11.99 3.81 -10.25
CA VAL D 168 12.92 3.22 -9.30
C VAL D 168 14.19 2.90 -10.06
N ILE D 169 15.31 3.49 -9.63
CA ILE D 169 16.60 3.24 -10.25
C ILE D 169 17.47 2.57 -9.20
N ALA D 170 17.87 1.34 -9.49
CA ALA D 170 18.79 0.60 -8.62
C ALA D 170 20.18 0.62 -9.25
N ALA D 171 21.19 0.53 -8.40
CA ALA D 171 22.58 0.55 -8.83
C ALA D 171 23.34 -0.52 -8.07
N THR D 172 24.33 -1.11 -8.72
CA THR D 172 25.10 -2.16 -8.08
C THR D 172 26.47 -2.26 -8.73
N ASN D 173 27.47 -2.60 -7.91
CA ASN D 173 28.79 -2.96 -8.39
C ASN D 173 28.93 -4.47 -8.56
N ARG D 174 28.00 -5.24 -8.01
CA ARG D 174 28.12 -6.69 -7.89
C ARG D 174 26.91 -7.36 -8.54
N PRO D 175 26.73 -7.20 -9.85
CA PRO D 175 25.57 -7.81 -10.51
C PRO D 175 25.61 -9.32 -10.58
N ASP D 176 26.78 -9.93 -10.39
CA ASP D 176 26.87 -11.39 -10.44
C ASP D 176 26.27 -12.05 -9.21
N ILE D 177 25.97 -11.28 -8.16
CA ILE D 177 25.43 -11.84 -6.92
C ILE D 177 24.05 -11.30 -6.63
N LEU D 178 23.32 -10.88 -7.68
CA LEU D 178 21.99 -10.33 -7.48
C LEU D 178 20.95 -11.44 -7.41
N ASP D 179 19.99 -11.27 -6.50
CA ASP D 179 18.88 -12.21 -6.43
C ASP D 179 18.09 -12.10 -7.73
N PRO D 180 18.02 -13.15 -8.55
CA PRO D 180 17.33 -13.01 -9.85
C PRO D 180 15.89 -12.53 -9.72
N ALA D 181 15.26 -12.74 -8.56
CA ALA D 181 13.90 -12.28 -8.36
C ALA D 181 13.76 -10.78 -8.63
N LEU D 182 14.84 -10.02 -8.39
CA LEU D 182 14.77 -8.57 -8.60
C LEU D 182 14.57 -8.19 -10.05
N LEU D 183 14.87 -9.08 -11.00
CA LEU D 183 14.81 -8.73 -12.41
C LEU D 183 13.58 -9.27 -13.12
N ARG D 184 12.73 -10.00 -12.41
CA ARG D 184 11.50 -10.51 -13.01
C ARG D 184 10.66 -9.35 -13.54
N PRO D 185 9.79 -9.61 -14.52
CA PRO D 185 8.96 -8.55 -15.09
C PRO D 185 8.20 -7.76 -14.02
N GLY D 186 8.16 -6.44 -14.20
CA GLY D 186 7.48 -5.55 -13.28
C GLY D 186 8.37 -4.95 -12.23
N ARG D 187 9.48 -5.59 -11.88
CA ARG D 187 10.42 -5.08 -10.88
C ARG D 187 11.81 -5.07 -11.50
N PHE D 188 12.33 -3.88 -11.79
CA PHE D 188 13.67 -3.72 -12.37
C PHE D 188 13.84 -4.63 -13.58
N ASP D 189 12.85 -4.63 -14.45
CA ASP D 189 12.88 -5.46 -15.64
C ASP D 189 13.68 -4.85 -16.78
N ARG D 190 14.45 -3.79 -16.52
CA ARG D 190 15.25 -3.14 -17.55
C ARG D 190 16.62 -2.82 -16.96
N GLN D 191 17.68 -3.38 -17.55
CA GLN D 191 19.04 -3.20 -17.07
C GLN D 191 19.88 -2.44 -18.09
N ILE D 192 20.82 -1.65 -17.60
CA ILE D 192 21.69 -0.82 -18.43
C ILE D 192 23.11 -0.90 -17.88
N PHE D 193 24.07 -1.18 -18.76
CA PHE D 193 25.47 -1.25 -18.39
C PHE D 193 26.14 0.09 -18.62
N ILE D 194 26.86 0.58 -17.62
CA ILE D 194 27.65 1.81 -17.73
C ILE D 194 29.11 1.41 -17.88
N PRO D 195 29.71 1.57 -19.06
CA PRO D 195 31.08 1.11 -19.26
C PRO D 195 32.11 2.15 -18.83
N LYS D 196 33.34 1.68 -18.64
CA LYS D 196 34.44 2.57 -18.37
C LYS D 196 34.64 3.53 -19.55
N PRO D 197 35.09 4.75 -19.30
CA PRO D 197 35.25 5.71 -20.39
C PRO D 197 36.45 5.40 -21.25
N ASP D 198 36.27 5.54 -22.56
CA ASP D 198 37.39 5.48 -23.49
C ASP D 198 38.13 6.81 -23.47
N VAL D 199 39.11 6.98 -24.35
CA VAL D 199 39.98 8.15 -24.27
C VAL D 199 39.16 9.42 -24.38
N ARG D 200 38.22 9.46 -25.31
CA ARG D 200 37.37 10.65 -25.44
C ARG D 200 36.56 10.88 -24.18
N GLY D 201 36.00 9.81 -23.62
CA GLY D 201 35.25 9.96 -22.39
C GLY D 201 36.10 10.50 -21.26
N ARG D 202 37.31 9.97 -21.11
CA ARG D 202 38.20 10.48 -20.06
C ARG D 202 38.55 11.94 -20.28
N TYR D 203 38.79 12.33 -21.54
CA TYR D 203 39.07 13.73 -21.84
C TYR D 203 37.90 14.61 -21.43
N GLU D 204 36.68 14.21 -21.80
CA GLU D 204 35.50 15.00 -21.46
C GLU D 204 35.29 15.06 -19.96
N ILE D 205 35.58 13.97 -19.25
CA ILE D 205 35.44 13.97 -17.80
C ILE D 205 36.42 14.95 -17.17
N LEU D 206 37.68 14.92 -17.63
CA LEU D 206 38.67 15.86 -17.13
C LEU D 206 38.26 17.30 -17.40
N LYS D 207 37.68 17.57 -18.59
CA LYS D 207 37.17 18.91 -18.86
C LYS D 207 36.07 19.31 -17.87
N VAL D 208 35.09 18.42 -17.69
CA VAL D 208 33.98 18.71 -16.79
C VAL D 208 34.50 19.08 -15.42
N HIS D 209 35.42 18.28 -14.88
CA HIS D 209 35.94 18.55 -13.55
C HIS D 209 36.96 19.68 -13.55
N ALA D 210 37.48 20.05 -14.71
CA ALA D 210 38.38 21.20 -14.82
C ALA D 210 37.62 22.51 -14.73
N ARG D 211 36.37 22.51 -15.16
CA ARG D 211 35.62 23.76 -15.20
C ARG D 211 35.66 24.47 -13.85
N ASN D 212 35.45 23.72 -12.76
CA ASN D 212 35.44 24.31 -11.42
C ASN D 212 36.85 24.66 -10.95
N LYS D 213 37.87 23.99 -11.46
CA LYS D 213 39.23 24.17 -10.97
C LYS D 213 39.95 25.31 -11.69
N LYS D 214 39.54 25.63 -12.91
CA LYS D 214 40.18 26.68 -13.71
C LYS D 214 41.70 26.49 -13.67
N LEU D 215 42.18 25.60 -14.54
CA LEU D 215 43.55 25.12 -14.65
C LEU D 215 44.46 26.10 -15.41
N ALA D 216 45.74 25.75 -15.45
CA ALA D 216 46.77 26.50 -16.15
C ALA D 216 46.76 26.20 -17.66
N LYS D 217 47.47 27.05 -18.41
CA LYS D 217 47.47 26.94 -19.86
C LYS D 217 48.32 25.77 -20.37
N ASP D 218 49.47 25.50 -19.73
CA ASP D 218 50.42 24.57 -20.34
C ASP D 218 49.91 23.14 -20.33
N VAL D 219 49.03 22.79 -19.38
CA VAL D 219 48.62 21.41 -19.21
C VAL D 219 47.86 20.91 -20.43
N ASP D 220 48.12 19.66 -20.80
CA ASP D 220 47.39 18.96 -21.85
C ASP D 220 46.56 17.86 -21.20
N LEU D 221 45.26 18.11 -21.04
CA LEU D 221 44.38 17.13 -20.43
C LEU D 221 44.20 15.92 -21.33
N GLU D 222 44.30 16.10 -22.64
CA GLU D 222 44.21 14.96 -23.55
C GLU D 222 45.33 13.97 -23.28
N PHE D 223 46.54 14.46 -22.99
CA PHE D 223 47.62 13.56 -22.59
C PHE D 223 47.24 12.77 -21.35
N VAL D 224 46.62 13.44 -20.37
CA VAL D 224 46.15 12.75 -19.16
C VAL D 224 45.18 11.64 -19.55
N ALA D 225 44.25 11.94 -20.46
CA ALA D 225 43.31 10.94 -20.92
C ALA D 225 44.04 9.75 -21.51
N ARG D 226 44.90 10.00 -22.51
CA ARG D 226 45.64 8.93 -23.16
C ARG D 226 46.48 8.12 -22.17
N ALA D 227 46.85 8.73 -21.05
CA ALA D 227 47.71 8.07 -20.06
C ALA D 227 46.93 7.32 -18.99
N THR D 228 45.61 7.27 -19.08
CA THR D 228 44.77 6.69 -18.02
C THR D 228 43.78 5.67 -18.57
N PRO D 229 44.24 4.64 -19.28
CA PRO D 229 43.32 3.56 -19.66
C PRO D 229 42.88 2.78 -18.42
N GLY D 230 41.60 2.44 -18.39
CA GLY D 230 41.04 1.72 -17.25
C GLY D 230 40.65 2.60 -16.08
N PHE D 231 40.83 3.91 -16.17
CA PHE D 231 40.37 4.81 -15.14
C PHE D 231 38.87 5.03 -15.25
N THR D 232 38.25 5.35 -14.12
CA THR D 232 36.84 5.73 -14.07
C THR D 232 36.71 7.25 -13.91
N GLY D 233 35.50 7.75 -14.13
CA GLY D 233 35.25 9.17 -13.91
C GLY D 233 35.64 9.61 -12.51
N ALA D 234 35.37 8.77 -11.51
CA ALA D 234 35.77 9.07 -10.15
C ALA D 234 37.29 9.18 -10.05
N ASP D 235 38.01 8.27 -10.72
CA ASP D 235 39.47 8.33 -10.69
C ASP D 235 39.99 9.63 -11.29
N LEU D 236 39.37 10.10 -12.37
CA LEU D 236 39.81 11.35 -12.98
C LEU D 236 39.46 12.55 -12.09
N GLU D 237 38.28 12.53 -11.48
CA GLU D 237 37.94 13.59 -10.53
C GLU D 237 38.95 13.65 -9.40
N ASN D 238 39.30 12.49 -8.83
CA ASN D 238 40.28 12.46 -7.74
C ASN D 238 41.67 12.85 -8.22
N LEU D 239 42.04 12.50 -9.44
CA LEU D 239 43.33 12.94 -9.98
C LEU D 239 43.41 14.45 -10.04
N LEU D 240 42.39 15.07 -10.66
CA LEU D 240 42.37 16.52 -10.72
C LEU D 240 42.30 17.14 -9.33
N ASN D 241 41.62 16.48 -8.39
CA ASN D 241 41.54 17.00 -7.03
C ASN D 241 42.89 16.98 -6.33
N GLU D 242 43.64 15.88 -6.48
CA GLU D 242 44.98 15.81 -5.93
C GLU D 242 45.87 16.85 -6.57
N ALA D 243 45.73 17.07 -7.88
CA ALA D 243 46.51 18.10 -8.55
C ALA D 243 46.19 19.48 -8.00
N ALA D 244 44.90 19.77 -7.81
CA ALA D 244 44.50 21.06 -7.26
C ALA D 244 45.02 21.25 -5.84
N LEU D 245 44.98 20.19 -5.03
CA LEU D 245 45.50 20.28 -3.67
C LEU D 245 47.00 20.57 -3.68
N LEU D 246 47.75 19.85 -4.50
CA LEU D 246 49.20 20.09 -4.58
C LEU D 246 49.51 21.49 -5.08
N ALA D 247 48.75 21.97 -6.08
CA ALA D 247 48.95 23.32 -6.58
C ALA D 247 48.69 24.36 -5.49
N ALA D 248 47.52 24.29 -4.85
CA ALA D 248 47.21 25.22 -3.77
C ALA D 248 48.28 25.22 -2.69
N ARG D 249 48.80 24.03 -2.35
CA ARG D 249 49.83 23.95 -1.33
C ARG D 249 51.08 24.73 -1.72
N LYS D 250 51.38 24.83 -3.02
CA LYS D 250 52.54 25.59 -3.49
C LYS D 250 52.16 26.62 -4.53
N GLY D 251 52.07 26.22 -5.79
CA GLY D 251 51.65 27.12 -6.86
C GLY D 251 50.16 27.40 -6.78
N LYS D 252 49.80 28.46 -6.05
CA LYS D 252 48.42 28.62 -5.60
C LYS D 252 47.47 29.15 -6.68
N GLU D 253 47.97 29.81 -7.73
CA GLU D 253 47.08 30.41 -8.72
C GLU D 253 46.87 29.57 -9.98
N GLU D 254 47.68 28.55 -10.22
CA GLU D 254 47.53 27.76 -11.43
C GLU D 254 47.98 26.32 -11.19
N ILE D 255 47.27 25.38 -11.81
CA ILE D 255 47.57 23.97 -11.71
C ILE D 255 48.62 23.61 -12.76
N THR D 256 49.70 22.98 -12.32
CA THR D 256 50.86 22.76 -13.17
C THR D 256 50.95 21.29 -13.56
N MET D 257 51.51 21.04 -14.75
CA MET D 257 51.73 19.67 -15.18
C MET D 257 52.53 18.90 -14.14
N GLU D 258 53.41 19.59 -13.41
CA GLU D 258 54.14 18.93 -12.34
C GLU D 258 53.20 18.25 -11.37
N GLU D 259 52.21 19.00 -10.86
CA GLU D 259 51.29 18.46 -9.88
C GLU D 259 50.37 17.41 -10.50
N ILE D 260 49.90 17.65 -11.74
CA ILE D 260 49.04 16.68 -12.41
C ILE D 260 49.77 15.35 -12.56
N GLU D 261 51.00 15.39 -13.06
CA GLU D 261 51.77 14.16 -13.27
C GLU D 261 52.14 13.51 -11.95
N GLU D 262 52.44 14.29 -10.91
CA GLU D 262 52.72 13.70 -9.60
C GLU D 262 51.50 12.94 -9.08
N ALA D 263 50.32 13.57 -9.15
CA ALA D 263 49.10 12.91 -8.69
C ALA D 263 48.80 11.69 -9.55
N LEU D 264 49.01 11.80 -10.86
CA LEU D 264 48.78 10.66 -11.75
C LEU D 264 49.71 9.51 -11.41
N ASP D 265 50.99 9.79 -11.18
CA ASP D 265 51.91 8.74 -10.78
C ASP D 265 51.44 8.08 -9.48
N ARG D 266 51.01 8.89 -8.52
CA ARG D 266 50.54 8.34 -7.25
C ARG D 266 49.36 7.39 -7.48
N ILE D 267 48.32 7.88 -8.15
CA ILE D 267 47.11 7.09 -8.33
C ILE D 267 47.39 5.86 -9.19
N THR D 268 48.25 6.01 -10.20
CA THR D 268 48.53 4.90 -11.10
C THR D 268 49.31 3.81 -10.40
N MET D 269 50.32 4.17 -9.61
CA MET D 269 51.03 3.17 -8.83
C MET D 269 50.09 2.49 -7.84
N GLY D 270 49.24 3.26 -7.16
CA GLY D 270 48.33 2.67 -6.20
C GLY D 270 47.36 1.69 -6.81
N LEU D 271 46.77 2.07 -7.95
CA LEU D 271 45.83 1.18 -8.64
C LEU D 271 46.56 -0.01 -9.25
N GLU D 272 47.76 0.20 -9.78
CA GLU D 272 48.63 -0.88 -10.22
C GLU D 272 48.77 -1.93 -9.14
N ARG D 273 49.25 -1.53 -7.96
CA ARG D 273 49.44 -2.46 -6.86
C ARG D 273 48.13 -3.17 -6.52
N LYS D 274 47.13 -2.41 -6.08
CA LYS D 274 45.82 -2.94 -5.73
C LYS D 274 44.88 -2.75 -6.91
N GLY D 275 44.58 -3.84 -7.62
CA GLY D 275 43.76 -3.81 -8.81
C GLY D 275 44.57 -4.13 -10.05
N MET D 276 43.95 -3.89 -11.21
CA MET D 276 44.58 -4.17 -12.50
C MET D 276 44.62 -2.88 -13.31
N THR D 277 45.83 -2.46 -13.66
CA THR D 277 46.04 -1.28 -14.48
C THR D 277 46.41 -1.72 -15.90
N ILE D 278 46.05 -0.90 -16.87
CA ILE D 278 46.27 -1.23 -18.28
C ILE D 278 47.61 -0.66 -18.72
N SER D 279 48.55 -1.55 -19.03
CA SER D 279 49.82 -1.18 -19.63
C SER D 279 49.71 -1.22 -21.16
N PRO D 280 50.62 -0.54 -21.87
CA PRO D 280 50.50 -0.51 -23.34
C PRO D 280 50.63 -1.87 -23.99
N LYS D 281 51.47 -2.76 -23.48
CA LYS D 281 51.54 -4.12 -24.04
C LYS D 281 50.21 -4.85 -23.89
N GLU D 282 49.62 -4.78 -22.69
CA GLU D 282 48.29 -5.33 -22.51
C GLU D 282 47.29 -4.69 -23.46
N LYS D 283 47.39 -3.38 -23.66
CA LYS D 283 46.48 -2.69 -24.56
C LYS D 283 46.60 -3.24 -25.98
N GLU D 284 47.83 -3.46 -26.45
CA GLU D 284 48.03 -4.01 -27.79
C GLU D 284 47.49 -5.43 -27.90
N LYS D 285 47.76 -6.27 -26.90
CA LYS D 285 47.22 -7.62 -26.91
C LYS D 285 45.70 -7.62 -26.99
N ILE D 286 45.05 -6.81 -26.15
CA ILE D 286 43.60 -6.72 -26.15
C ILE D 286 43.10 -6.25 -27.50
N ALA D 287 43.74 -5.21 -28.06
CA ALA D 287 43.31 -4.67 -29.34
C ALA D 287 43.38 -5.73 -30.43
N ILE D 288 44.47 -6.50 -30.46
CA ILE D 288 44.60 -7.54 -31.48
C ILE D 288 43.55 -8.63 -31.29
N HIS D 289 43.27 -9.00 -30.04
CA HIS D 289 42.25 -10.02 -29.80
C HIS D 289 40.89 -9.57 -30.31
N GLU D 290 40.48 -8.34 -29.95
CA GLU D 290 39.19 -7.84 -30.38
C GLU D 290 39.15 -7.66 -31.89
N ALA D 291 40.28 -7.26 -32.50
CA ALA D 291 40.33 -7.13 -33.95
C ALA D 291 40.15 -8.47 -34.63
N GLY D 292 40.74 -9.53 -34.08
CA GLY D 292 40.53 -10.85 -34.65
C GLY D 292 39.10 -11.30 -34.55
N HIS D 293 38.49 -11.11 -33.37
CA HIS D 293 37.05 -11.39 -33.22
C HIS D 293 36.24 -10.72 -34.32
N ALA D 294 36.42 -9.40 -34.45
CA ALA D 294 35.63 -8.64 -35.41
C ALA D 294 35.90 -9.07 -36.85
N LEU D 295 37.16 -9.36 -37.17
CA LEU D 295 37.50 -9.76 -38.53
C LEU D 295 36.78 -11.04 -38.89
N MET D 296 36.86 -12.05 -38.03
CA MET D 296 36.08 -13.27 -38.27
C MET D 296 34.61 -12.98 -38.40
N GLY D 297 34.05 -12.15 -37.52
CA GLY D 297 32.65 -11.80 -37.63
C GLY D 297 32.30 -11.27 -39.02
N LEU D 298 33.18 -10.45 -39.58
CA LEU D 298 32.93 -9.81 -40.87
C LEU D 298 33.31 -10.66 -42.07
N VAL D 299 34.02 -11.77 -41.87
CA VAL D 299 34.49 -12.58 -43.00
C VAL D 299 33.62 -13.81 -43.20
N SER D 300 33.01 -14.31 -42.13
CA SER D 300 32.26 -15.55 -42.21
C SER D 300 31.13 -15.43 -43.23
N ASP D 301 30.81 -16.57 -43.87
CA ASP D 301 29.77 -16.62 -44.90
C ASP D 301 28.50 -15.95 -44.39
N ASP D 302 27.82 -16.62 -43.47
CA ASP D 302 26.63 -16.11 -42.83
C ASP D 302 26.90 -16.08 -41.34
N ASP D 303 26.42 -15.05 -40.66
CA ASP D 303 26.71 -14.90 -39.24
C ASP D 303 25.80 -13.80 -38.71
N ASP D 304 26.00 -13.47 -37.43
CA ASP D 304 25.33 -12.36 -36.79
C ASP D 304 26.00 -11.06 -37.24
N LYS D 305 25.31 -9.95 -37.04
CA LYS D 305 25.85 -8.67 -37.44
C LYS D 305 26.86 -8.23 -36.38
N VAL D 306 27.96 -7.65 -36.85
CA VAL D 306 29.11 -7.37 -36.00
C VAL D 306 28.87 -6.11 -35.18
N HIS D 307 29.21 -6.19 -33.89
CA HIS D 307 29.04 -5.08 -32.98
C HIS D 307 30.29 -4.21 -32.99
N LYS D 308 30.29 -3.17 -32.16
CA LYS D 308 31.42 -2.26 -32.13
C LYS D 308 32.64 -2.95 -31.53
N ILE D 309 33.82 -2.50 -31.94
CA ILE D 309 35.08 -3.06 -31.48
C ILE D 309 35.65 -2.14 -30.43
N SER D 310 36.01 -2.70 -29.27
CA SER D 310 36.51 -1.88 -28.19
C SER D 310 37.42 -2.70 -27.29
N ILE D 311 38.47 -2.06 -26.77
CA ILE D 311 39.37 -2.71 -25.83
C ILE D 311 38.93 -2.55 -24.39
N ILE D 312 37.89 -1.77 -24.12
CA ILE D 312 37.34 -1.66 -22.77
C ILE D 312 36.29 -2.76 -22.58
N PRO D 313 36.23 -3.42 -21.43
CA PRO D 313 35.21 -4.46 -21.24
C PRO D 313 33.81 -3.91 -21.51
N ARG D 314 33.00 -4.72 -22.19
CA ARG D 314 31.70 -4.29 -22.68
C ARG D 314 30.57 -5.10 -22.02
N GLY D 315 30.70 -5.40 -20.74
CA GLY D 315 29.62 -6.03 -20.02
C GLY D 315 30.13 -6.80 -18.81
N MET D 316 29.16 -7.36 -18.08
CA MET D 316 29.44 -8.19 -16.92
C MET D 316 28.34 -9.24 -16.82
N ALA D 317 28.44 -10.11 -15.82
CA ALA D 317 27.52 -11.20 -15.64
C ALA D 317 26.34 -10.77 -14.77
N LEU D 318 25.15 -11.27 -15.10
CA LEU D 318 23.96 -11.06 -14.29
C LEU D 318 23.50 -12.37 -13.64
N PRO D 325 27.32 -20.48 -24.07
CA PRO D 325 27.90 -20.00 -25.35
C PRO D 325 26.93 -19.11 -26.12
N ILE D 326 27.06 -19.07 -27.44
CA ILE D 326 26.23 -18.21 -28.27
C ILE D 326 24.92 -18.94 -28.61
N GLU D 327 23.79 -18.26 -28.35
CA GLU D 327 22.46 -18.80 -28.64
C GLU D 327 21.47 -17.66 -28.81
N ASP D 328 21.40 -17.10 -30.01
CA ASP D 328 20.55 -15.96 -30.34
C ASP D 328 19.42 -16.31 -31.31
N LYS D 329 19.14 -17.58 -31.53
CA LYS D 329 18.03 -17.99 -32.39
C LYS D 329 17.33 -19.18 -31.73
N HIS D 330 16.66 -19.97 -32.54
CA HIS D 330 16.05 -21.24 -32.13
C HIS D 330 16.79 -22.42 -32.69
N ILE D 331 17.26 -22.29 -33.92
CA ILE D 331 18.05 -23.26 -34.65
C ILE D 331 19.46 -22.77 -34.92
N TYR D 332 20.40 -23.71 -34.89
CA TYR D 332 21.69 -23.52 -35.54
C TYR D 332 21.96 -24.75 -36.39
N ASP D 333 22.66 -24.55 -37.49
CA ASP D 333 23.10 -25.67 -38.31
C ASP D 333 24.61 -25.85 -38.15
N LYS D 334 25.11 -26.96 -38.70
CA LYS D 334 26.53 -27.29 -38.57
C LYS D 334 27.41 -26.12 -39.04
N LYS D 335 27.05 -25.48 -40.14
CA LYS D 335 27.89 -24.40 -40.67
C LYS D 335 27.89 -23.19 -39.73
N ASP D 336 26.72 -22.80 -39.24
CA ASP D 336 26.65 -21.67 -38.30
C ASP D 336 27.48 -21.95 -37.07
N LEU D 337 27.47 -23.19 -36.59
CA LEU D 337 28.24 -23.51 -35.39
C LEU D 337 29.74 -23.52 -35.68
N TYR D 338 30.13 -24.07 -36.84
CA TYR D 338 31.53 -23.97 -37.26
C TYR D 338 31.98 -22.51 -37.30
N ASN D 339 31.11 -21.61 -37.79
CA ASN D 339 31.51 -20.21 -37.90
C ASN D 339 31.55 -19.54 -36.53
N LYS D 340 30.64 -19.91 -35.63
CA LYS D 340 30.74 -19.41 -34.27
C LYS D 340 32.04 -19.83 -33.62
N ILE D 341 32.43 -21.10 -33.81
CA ILE D 341 33.73 -21.55 -33.33
C ILE D 341 34.84 -20.69 -33.95
N LEU D 342 34.80 -20.51 -35.26
CA LEU D 342 35.77 -19.67 -35.95
C LEU D 342 35.90 -18.32 -35.27
N VAL D 343 34.78 -17.62 -35.10
CA VAL D 343 34.82 -16.31 -34.48
C VAL D 343 35.46 -16.38 -33.11
N LEU D 344 35.03 -17.34 -32.29
CA LEU D 344 35.59 -17.45 -30.94
C LEU D 344 37.10 -17.62 -30.97
N LEU D 345 37.63 -18.32 -31.98
CA LEU D 345 39.06 -18.53 -32.09
C LEU D 345 39.79 -17.37 -32.77
N GLY D 346 39.06 -16.34 -33.22
CA GLY D 346 39.70 -15.29 -34.00
C GLY D 346 40.74 -14.51 -33.22
N GLY D 347 40.42 -14.16 -31.97
CA GLY D 347 41.35 -13.39 -31.16
C GLY D 347 42.67 -14.12 -30.97
N ARG D 348 42.62 -15.40 -30.60
CA ARG D 348 43.86 -16.16 -30.43
C ARG D 348 44.61 -16.29 -31.75
N ALA D 349 43.89 -16.50 -32.86
CA ALA D 349 44.56 -16.61 -34.14
C ALA D 349 45.31 -15.33 -34.47
N ALA D 350 44.67 -14.19 -34.24
CA ALA D 350 45.35 -12.91 -34.44
C ALA D 350 46.56 -12.78 -33.52
N GLU D 351 46.41 -13.18 -32.25
CA GLU D 351 47.53 -13.14 -31.33
C GLU D 351 48.72 -13.90 -31.88
N GLU D 352 48.48 -15.11 -32.39
CA GLU D 352 49.59 -15.91 -32.91
C GLU D 352 50.17 -15.31 -34.18
N VAL D 353 49.32 -14.82 -35.09
CA VAL D 353 49.81 -14.26 -36.34
C VAL D 353 50.69 -13.04 -36.09
N PHE D 354 50.31 -12.21 -35.12
CA PHE D 354 51.03 -10.96 -34.88
C PHE D 354 52.26 -11.18 -34.00
N PHE D 355 52.17 -12.06 -33.00
CA PHE D 355 53.24 -12.24 -32.02
C PHE D 355 53.94 -13.58 -32.10
N GLY D 356 53.44 -14.51 -32.91
CA GLY D 356 54.03 -15.84 -32.98
C GLY D 356 53.61 -16.70 -31.82
N LYS D 357 53.95 -17.99 -31.91
CA LYS D 357 53.47 -18.96 -30.93
C LYS D 357 53.88 -18.59 -29.50
N ASP D 358 54.89 -17.76 -29.33
CA ASP D 358 55.32 -17.35 -28.00
C ASP D 358 54.54 -16.15 -27.49
N GLY D 359 53.64 -15.59 -28.30
CA GLY D 359 52.93 -14.40 -27.92
C GLY D 359 51.47 -14.62 -27.61
N ILE D 360 50.96 -15.83 -27.89
CA ILE D 360 49.59 -16.17 -27.53
C ILE D 360 49.44 -15.92 -26.04
N THR D 361 48.23 -15.57 -25.59
CA THR D 361 48.06 -15.03 -24.25
C THR D 361 46.93 -15.75 -23.53
N THR D 362 46.85 -15.49 -22.22
CA THR D 362 45.79 -16.01 -21.38
C THR D 362 44.47 -15.26 -21.58
N GLY D 363 44.49 -14.11 -22.26
CA GLY D 363 43.24 -13.40 -22.49
C GLY D 363 42.24 -14.22 -23.27
N ALA D 364 42.72 -15.19 -24.06
CA ALA D 364 41.86 -16.05 -24.83
C ALA D 364 41.20 -17.14 -23.99
N GLU D 365 41.66 -17.36 -22.77
CA GLU D 365 41.18 -18.45 -21.92
C GLU D 365 39.70 -18.68 -22.11
N ASN D 366 38.88 -17.76 -21.59
CA ASN D 366 37.43 -17.82 -21.74
C ASN D 366 37.04 -18.21 -23.16
N ASP D 367 37.35 -17.36 -24.14
CA ASP D 367 37.00 -17.65 -25.52
C ASP D 367 37.29 -19.12 -25.84
N LEU D 368 38.55 -19.55 -25.65
CA LEU D 368 38.93 -20.91 -26.03
C LEU D 368 37.95 -21.91 -25.43
N GLN D 369 37.73 -21.83 -24.12
CA GLN D 369 36.81 -22.74 -23.46
C GLN D 369 35.49 -22.80 -24.20
N ARG D 370 34.86 -21.64 -24.39
CA ARG D 370 33.57 -21.62 -25.07
C ARG D 370 33.65 -22.40 -26.38
N ALA D 371 34.63 -22.09 -27.22
CA ALA D 371 34.78 -22.81 -28.48
C ALA D 371 34.73 -24.32 -28.23
N THR D 372 35.63 -24.81 -27.38
CA THR D 372 35.67 -26.24 -27.08
C THR D 372 34.31 -26.72 -26.63
N ASP D 373 33.70 -26.01 -25.67
CA ASP D 373 32.38 -26.39 -25.22
C ASP D 373 31.46 -26.59 -26.41
N LEU D 374 31.39 -25.60 -27.29
CA LEU D 374 30.52 -25.71 -28.46
C LEU D 374 30.83 -26.97 -29.24
N ALA D 375 32.12 -27.19 -29.55
CA ALA D 375 32.51 -28.38 -30.29
C ALA D 375 31.95 -29.64 -29.64
N TYR D 376 32.09 -29.74 -28.32
CA TYR D 376 31.58 -30.93 -27.63
C TYR D 376 30.09 -31.10 -27.88
N ARG D 377 29.33 -30.02 -27.71
CA ARG D 377 27.89 -30.11 -27.98
C ARG D 377 27.65 -30.62 -29.39
N MET D 378 28.46 -30.17 -30.35
CA MET D 378 28.24 -30.58 -31.72
C MET D 378 28.40 -32.08 -31.89
N VAL D 379 29.30 -32.69 -31.11
CA VAL D 379 29.65 -34.09 -31.31
C VAL D 379 28.86 -35.00 -30.39
N SER D 380 28.72 -34.63 -29.11
CA SER D 380 28.10 -35.49 -28.12
C SER D 380 26.63 -35.18 -27.87
N MET D 381 26.14 -34.01 -28.27
CA MET D 381 24.75 -33.64 -28.02
C MET D 381 23.90 -33.49 -29.27
N TRP D 382 24.48 -33.02 -30.38
CA TRP D 382 23.73 -32.71 -31.59
C TRP D 382 24.05 -33.65 -32.74
N GLY D 383 24.87 -34.67 -32.50
CA GLY D 383 25.16 -35.66 -33.54
C GLY D 383 25.61 -35.05 -34.86
N MET D 384 26.37 -33.97 -34.80
CA MET D 384 26.85 -33.31 -36.01
C MET D 384 28.24 -33.81 -36.44
N SER D 385 28.64 -34.98 -35.99
CA SER D 385 29.88 -35.62 -36.42
C SER D 385 29.57 -36.89 -37.20
N ASP D 386 30.23 -37.06 -38.35
CA ASP D 386 30.01 -38.27 -39.13
C ASP D 386 30.62 -39.48 -38.43
N LYS D 387 31.85 -39.37 -37.95
CA LYS D 387 32.48 -40.51 -37.30
C LYS D 387 31.69 -40.95 -36.07
N VAL D 388 31.26 -40.00 -35.25
CA VAL D 388 30.53 -40.35 -34.04
C VAL D 388 29.09 -40.74 -34.36
N GLY D 389 28.43 -39.98 -35.24
CA GLY D 389 27.08 -40.30 -35.65
C GLY D 389 26.04 -39.47 -34.94
N PRO D 390 24.76 -39.79 -35.17
CA PRO D 390 23.67 -39.04 -34.55
C PRO D 390 23.31 -39.53 -33.16
N ILE D 391 24.31 -39.90 -32.37
CA ILE D 391 24.10 -40.31 -30.98
C ILE D 391 24.25 -39.08 -30.09
N ALA D 392 23.40 -39.00 -29.05
CA ALA D 392 23.41 -37.85 -28.17
C ALA D 392 23.22 -38.26 -26.72
N ILE D 393 24.11 -37.79 -25.84
CA ILE D 393 24.00 -38.00 -24.40
C ILE D 393 24.05 -36.63 -23.71
N ARG D 394 23.08 -36.39 -22.83
CA ARG D 394 23.00 -35.11 -22.13
C ARG D 394 24.29 -34.83 -21.35
N ALA D 407 25.96 -37.17 -19.23
CA ALA D 407 26.85 -38.26 -19.61
C ALA D 407 26.72 -39.44 -18.64
N VAL D 408 26.05 -40.51 -19.08
CA VAL D 408 25.80 -41.69 -18.25
C VAL D 408 26.62 -42.87 -18.76
N ASP D 409 27.59 -43.28 -17.94
CA ASP D 409 28.40 -44.48 -18.16
C ASP D 409 28.75 -44.70 -19.62
N THR D 410 29.74 -43.96 -20.12
CA THR D 410 30.19 -44.09 -21.49
C THR D 410 31.49 -44.88 -21.48
N SER D 411 31.68 -45.75 -22.48
CA SER D 411 32.93 -46.47 -22.55
C SER D 411 34.06 -45.51 -22.88
N PRO D 412 35.30 -45.81 -22.46
CA PRO D 412 36.42 -44.92 -22.82
C PRO D 412 36.64 -44.78 -24.31
N ASP D 413 36.38 -45.82 -25.10
CA ASP D 413 36.55 -45.71 -26.55
C ASP D 413 35.70 -44.58 -27.11
N LEU D 414 34.46 -44.46 -26.62
CA LEU D 414 33.56 -43.41 -27.10
C LEU D 414 34.08 -42.04 -26.71
N LEU D 415 34.56 -41.90 -25.47
CA LEU D 415 35.17 -40.64 -25.04
C LEU D 415 36.36 -40.29 -25.91
N ARG D 416 37.17 -41.27 -26.27
CA ARG D 416 38.32 -41.03 -27.14
C ARG D 416 37.86 -40.54 -28.52
N GLU D 417 36.84 -41.19 -29.10
CA GLU D 417 36.37 -40.75 -30.40
C GLU D 417 35.81 -39.33 -30.34
N ILE D 418 35.03 -39.04 -29.30
CA ILE D 418 34.49 -37.68 -29.15
C ILE D 418 35.63 -36.68 -29.05
N ASP D 419 36.65 -36.99 -28.26
CA ASP D 419 37.78 -36.07 -28.11
C ASP D 419 38.52 -35.89 -29.44
N GLU D 420 38.73 -36.97 -30.18
CA GLU D 420 39.38 -36.84 -31.48
C GLU D 420 38.60 -35.92 -32.41
N GLU D 421 37.27 -36.08 -32.44
CA GLU D 421 36.46 -35.23 -33.31
C GLU D 421 36.47 -33.78 -32.85
N VAL D 422 36.41 -33.54 -31.54
CA VAL D 422 36.47 -32.19 -31.03
C VAL D 422 37.80 -31.52 -31.40
N LYS D 423 38.91 -32.26 -31.23
CA LYS D 423 40.20 -31.70 -31.61
C LYS D 423 40.25 -31.42 -33.11
N ARG D 424 39.71 -32.33 -33.92
CA ARG D 424 39.67 -32.10 -35.37
C ARG D 424 38.94 -30.79 -35.67
N ILE D 425 37.74 -30.62 -35.13
CA ILE D 425 36.96 -29.42 -35.41
C ILE D 425 37.73 -28.17 -34.99
N ILE D 426 38.26 -28.18 -33.77
CA ILE D 426 38.91 -26.97 -33.24
C ILE D 426 40.15 -26.62 -34.04
N THR D 427 40.99 -27.61 -34.35
CA THR D 427 42.21 -27.32 -35.11
C THR D 427 41.88 -26.87 -36.53
N GLU D 428 40.89 -27.49 -37.18
CA GLU D 428 40.47 -27.05 -38.50
C GLU D 428 40.06 -25.58 -38.47
N GLN D 429 39.12 -25.23 -37.58
CA GLN D 429 38.68 -23.84 -37.50
C GLN D 429 39.82 -22.91 -37.11
N TYR D 430 40.75 -23.37 -36.28
CA TYR D 430 41.84 -22.50 -35.88
C TYR D 430 42.80 -22.23 -37.03
N GLU D 431 43.13 -23.26 -37.80
CA GLU D 431 43.95 -23.05 -38.99
C GLU D 431 43.24 -22.12 -39.96
N LYS D 432 41.94 -22.31 -40.14
CA LYS D 432 41.17 -21.40 -40.99
C LYS D 432 41.31 -19.97 -40.48
N ALA D 433 41.20 -19.79 -39.17
CA ALA D 433 41.25 -18.44 -38.62
C ALA D 433 42.62 -17.82 -38.79
N LYS D 434 43.68 -18.59 -38.52
CA LYS D 434 45.03 -18.09 -38.71
C LYS D 434 45.24 -17.67 -40.15
N ALA D 435 44.77 -18.47 -41.12
CA ALA D 435 44.93 -18.13 -42.52
C ALA D 435 44.22 -16.82 -42.85
N ILE D 436 42.97 -16.68 -42.41
CA ILE D 436 42.23 -15.46 -42.69
C ILE D 436 42.97 -14.25 -42.13
N VAL D 437 43.49 -14.34 -40.91
CA VAL D 437 44.19 -13.20 -40.33
C VAL D 437 45.46 -12.90 -41.10
N GLU D 438 46.21 -13.94 -41.48
CA GLU D 438 47.40 -13.73 -42.29
C GLU D 438 47.07 -12.97 -43.56
N GLU D 439 46.01 -13.39 -44.25
CA GLU D 439 45.65 -12.75 -45.51
C GLU D 439 45.44 -11.25 -45.34
N TYR D 440 44.81 -10.83 -44.25
CA TYR D 440 44.43 -9.44 -44.03
C TYR D 440 45.28 -8.77 -42.95
N LYS D 441 46.55 -9.14 -42.83
CA LYS D 441 47.36 -8.66 -41.71
C LYS D 441 47.54 -7.15 -41.76
N GLU D 442 47.72 -6.57 -42.96
CA GLU D 442 48.01 -5.14 -43.01
C GLU D 442 46.79 -4.29 -42.66
N PRO D 443 45.63 -4.47 -43.27
CA PRO D 443 44.45 -3.74 -42.79
C PRO D 443 44.16 -3.99 -41.32
N LEU D 444 44.42 -5.20 -40.82
CA LEU D 444 44.24 -5.43 -39.39
C LEU D 444 45.20 -4.59 -38.56
N LYS D 445 46.45 -4.46 -39.02
CA LYS D 445 47.39 -3.57 -38.34
C LYS D 445 46.84 -2.16 -38.29
N ALA D 446 46.25 -1.71 -39.40
CA ALA D 446 45.64 -0.39 -39.43
C ALA D 446 44.55 -0.27 -38.38
N VAL D 447 43.65 -1.26 -38.35
CA VAL D 447 42.57 -1.26 -37.36
C VAL D 447 43.14 -1.20 -35.96
N VAL D 448 44.20 -1.98 -35.69
CA VAL D 448 44.77 -2.05 -34.35
C VAL D 448 45.39 -0.70 -33.97
N LYS D 449 46.00 -0.01 -34.92
CA LYS D 449 46.51 1.32 -34.63
C LYS D 449 45.36 2.26 -34.27
N LYS D 450 44.32 2.29 -35.10
CA LYS D 450 43.16 3.13 -34.81
C LYS D 450 42.55 2.78 -33.46
N LEU D 451 42.62 1.51 -33.07
CA LEU D 451 42.03 1.06 -31.82
C LEU D 451 42.85 1.51 -30.63
N LEU D 452 44.17 1.30 -30.69
CA LEU D 452 45.05 1.82 -29.65
C LEU D 452 44.91 3.33 -29.51
N GLU D 453 44.60 4.02 -30.61
CA GLU D 453 44.39 5.46 -30.55
C GLU D 453 43.08 5.81 -29.86
N LYS D 454 41.96 5.40 -30.44
CA LYS D 454 40.63 5.76 -29.94
C LYS D 454 40.11 4.84 -28.84
N GLU D 455 40.69 3.65 -28.69
CA GLU D 455 40.25 2.66 -27.69
C GLU D 455 38.93 2.00 -28.06
N THR D 456 38.12 2.65 -28.91
CA THR D 456 36.86 2.06 -29.37
C THR D 456 36.59 2.55 -30.78
N ILE D 457 36.13 1.65 -31.64
CA ILE D 457 35.72 1.99 -33.01
C ILE D 457 34.43 1.25 -33.35
N THR D 458 33.75 1.73 -34.38
CA THR D 458 32.53 1.11 -34.85
C THR D 458 32.84 0.09 -35.93
N CYS D 459 31.90 -0.84 -36.15
CA CYS D 459 32.05 -1.77 -37.25
C CYS D 459 32.23 -1.04 -38.58
N GLU D 460 31.54 0.07 -38.76
CA GLU D 460 31.66 0.83 -40.01
C GLU D 460 33.07 1.36 -40.19
N GLU D 461 33.67 1.85 -39.10
CA GLU D 461 35.07 2.30 -39.17
C GLU D 461 35.99 1.14 -39.55
N PHE D 462 35.74 -0.04 -39.00
CA PHE D 462 36.50 -1.23 -39.40
C PHE D 462 36.40 -1.44 -40.90
N VAL D 463 35.18 -1.42 -41.43
CA VAL D 463 34.98 -1.64 -42.86
C VAL D 463 35.69 -0.57 -43.67
N GLU D 464 35.68 0.67 -43.19
CA GLU D 464 36.34 1.75 -43.91
C GLU D 464 37.84 1.55 -43.95
N VAL D 465 38.45 1.25 -42.80
CA VAL D 465 39.87 0.95 -42.76
C VAL D 465 40.21 -0.14 -43.76
N PHE D 466 39.34 -1.15 -43.86
CA PHE D 466 39.64 -2.27 -44.73
C PHE D 466 39.46 -1.90 -46.20
N LYS D 467 38.47 -1.07 -46.51
CA LYS D 467 38.27 -0.63 -47.89
C LYS D 467 39.39 0.29 -48.34
N LEU D 468 40.00 1.03 -47.42
CA LEU D 468 41.18 1.82 -47.73
C LEU D 468 42.32 0.98 -48.28
N TYR D 469 42.24 -0.35 -48.16
CA TYR D 469 43.21 -1.27 -48.72
C TYR D 469 42.65 -2.03 -49.92
N GLY D 470 41.59 -1.49 -50.54
CA GLY D 470 40.99 -2.17 -51.67
C GLY D 470 40.32 -3.47 -51.31
N ILE D 471 39.74 -3.57 -50.11
CA ILE D 471 39.10 -4.80 -49.65
C ILE D 471 37.66 -4.46 -49.27
N GLU D 472 36.71 -5.08 -49.95
CA GLU D 472 35.29 -4.92 -49.68
C GLU D 472 34.77 -6.18 -49.00
N LEU D 473 34.20 -6.04 -47.81
CA LEU D 473 33.65 -7.13 -47.04
C LEU D 473 32.16 -6.89 -46.77
N LYS D 474 31.47 -7.96 -46.42
CA LYS D 474 30.01 -7.91 -46.29
C LYS D 474 29.58 -6.92 -45.23
N ASP D 475 28.47 -6.24 -45.48
CA ASP D 475 27.96 -5.16 -44.64
C ASP D 475 27.18 -5.76 -43.46
N LYS D 476 27.92 -6.40 -42.56
CA LYS D 476 27.34 -7.02 -41.38
C LYS D 476 27.28 -6.06 -40.21
N CYS D 477 27.70 -4.80 -40.40
CA CYS D 477 27.59 -3.81 -39.34
C CYS D 477 26.16 -3.71 -38.83
PB ADP E . -3.29 18.06 17.93
O1B ADP E . -3.83 19.05 18.93
O2B ADP E . -3.88 16.66 18.07
O3B ADP E . -1.79 18.10 17.80
PA ADP E . -2.97 18.43 15.15
O1A ADP E . -1.62 19.06 15.38
O2A ADP E . -3.07 16.99 14.70
O3A ADP E . -3.86 18.56 16.50
O5' ADP E . -3.72 19.35 14.07
C5' ADP E . -5.03 18.98 13.62
C4' ADP E . -5.31 19.72 12.31
O4' ADP E . -5.67 21.07 12.60
C3' ADP E . -4.10 19.72 11.38
O3' ADP E . -4.48 19.22 10.10
C2' ADP E . -3.66 21.17 11.31
O2' ADP E . -3.41 21.55 9.95
C1' ADP E . -4.79 21.99 11.92
N9 ADP E . -4.29 22.98 12.89
C8 ADP E . -4.55 22.93 14.22
N7 ADP E . -3.96 23.96 14.87
C5 ADP E . -3.30 24.70 13.96
C6 ADP E . -2.49 25.92 13.99
N6 ADP E . -2.25 26.56 15.16
N1 ADP E . -1.99 26.38 12.82
C2 ADP E . -2.22 25.74 11.65
N3 ADP E . -2.96 24.61 11.56
C4 ADP E . -3.53 24.05 12.66
H5'1 ADP E . -5.07 17.90 13.46
H5'2 ADP E . -5.77 19.25 14.37
H4' ADP E . -6.14 19.21 11.80
H3' ADP E . -3.30 19.11 11.82
H2' ADP E . -2.76 21.30 11.91
HO2' ADP E . -2.71 21.00 9.58
H1' ADP E . -5.34 22.49 11.11
H8 ADP E . -5.14 22.16 14.70
HN61 ADP E . -1.68 27.40 15.18
HN62 ADP E . -2.63 26.19 16.02
H2 ADP E . -1.79 26.15 10.74
ZN ZN F . -10.65 31.33 36.04
PB ADP G . -29.15 -4.88 8.22
O1B ADP G . -29.81 -4.69 9.57
O2B ADP G . -28.09 -5.95 8.22
O3B ADP G . -28.75 -3.59 7.55
PA ADP G . -30.32 -5.36 5.72
O1A ADP G . -29.78 -4.00 5.35
O2A ADP G . -29.67 -6.62 5.20
O3A ADP G . -30.34 -5.47 7.32
O5' ADP G . -31.87 -5.42 5.30
C5' ADP G . -32.62 -6.59 5.61
C4' ADP G . -33.79 -6.70 4.64
O4' ADP G . -34.88 -5.87 5.10
C3' ADP G . -33.41 -6.26 3.23
O3' ADP G . -33.72 -7.27 2.26
C2' ADP G . -34.20 -4.99 3.00
O2' ADP G . -34.80 -4.97 1.70
C1' ADP G . -35.26 -4.94 4.09
N9 ADP G . -35.30 -3.58 4.69
C8 ADP G . -34.81 -3.28 5.90
N7 ADP G . -34.98 -1.96 6.17
C5 ADP G . -35.58 -1.41 5.12
C6 ADP G . -36.04 -0.05 4.76
N6 ADP G . -35.86 0.96 5.64
N1 ADP G . -36.63 0.12 3.55
C2 ADP G . -36.80 -0.90 2.69
N3 ADP G . -36.40 -2.16 2.95
C4 ADP G . -35.80 -2.47 4.13
H5'1 ADP G . -31.98 -7.47 5.52
H5'2 ADP G . -32.99 -6.52 6.63
H4' ADP G . -34.12 -7.75 4.60
H3' ADP G . -32.34 -6.02 3.22
H2' ADP G . -33.53 -4.13 3.12
HO2' ADP G . -34.11 -5.00 1.02
H1' ADP G . -36.24 -5.20 3.67
H8 ADP G . -34.35 -3.99 6.58
HN61 ADP G . -35.42 0.78 6.54
HN62 ADP G . -36.17 1.90 5.41
H2 ADP G . -37.27 -0.70 1.74
ZN ZN H . -36.47 10.77 29.24
N ALA I . -33.36 15.54 26.13
CA ALA I . -33.45 14.42 27.05
C ALA I . -34.01 13.17 26.36
O ALA I . -34.39 13.21 25.19
CB ALA I . -34.32 14.78 28.25
HA ALA I . -32.56 14.20 27.38
HB1 ALA I . -34.37 14.03 28.85
HB2 ALA I . -33.92 15.55 28.71
HB3 ALA I . -35.21 15.02 27.94
N ALA J . -34.03 12.05 27.09
CA ALA J . -34.53 10.77 26.55
C ALA J . -35.31 9.99 27.59
O ALA J . -36.54 9.87 27.52
CB ALA J . -33.36 9.94 26.02
OXT ALA J . -34.74 9.43 28.52
H ALA J . -33.76 11.99 27.90
HA ALA J . -35.11 10.96 25.80
HB1 ALA J . -33.71 9.10 25.67
HB2 ALA J . -32.91 10.43 25.32
HB3 ALA J . -32.75 9.76 26.75
PB ADP K . 3.52 -17.81 -17.97
O1B ADP K . 2.41 -18.26 -17.05
O2B ADP K . 4.78 -17.34 -17.28
O3B ADP K . 3.72 -18.77 -19.13
PA ADP K . 1.88 -15.54 -18.05
O1A ADP K . 2.56 -14.85 -16.88
O2A ADP K . 0.64 -16.37 -17.86
O3A ADP K . 3.00 -16.48 -18.72
O5' ADP K . 1.56 -14.44 -19.17
C5' ADP K . 2.40 -13.31 -19.34
C4' ADP K . 1.66 -12.22 -20.09
O4' ADP K . 1.51 -12.58 -21.47
C3' ADP K . 0.28 -11.96 -19.51
O3' ADP K . 0.18 -10.63 -19.00
C2' ADP K . -0.69 -12.17 -20.66
O2' ADP K . -1.51 -11.02 -20.83
C1' ADP K . 0.16 -12.43 -21.90
N9 ADP K . -0.25 -13.71 -22.54
C8 ADP K . 0.50 -14.82 -22.59
N7 ADP K . -0.14 -15.83 -23.23
C5 ADP K . -1.34 -15.35 -23.60
C6 ADP K . -2.52 -15.89 -24.31
N6 ADP K . -2.53 -17.16 -24.76
N1 ADP K . -3.57 -15.06 -24.49
C2 ADP K . -3.57 -13.79 -24.05
N3 ADP K . -2.53 -13.23 -23.39
C4 ADP K . -1.42 -13.95 -23.14
H5'1 ADP K . 2.71 -12.93 -18.35
H5'2 ADP K . 3.30 -13.59 -19.89
H4' ADP K . 2.24 -11.29 -20.01
H3' ADP K . 0.08 -12.70 -18.72
H2' ADP K . -1.31 -13.06 -20.46
HO2' ADP K . -2.03 -10.88 -20.03
H1' ADP K . 0.05 -11.59 -22.60
H8 ADP K . 1.50 -14.91 -22.17
HN61 ADP K . -3.34 -17.52 -25.25
HN62 ADP K . -1.72 -17.75 -24.61
H2 ADP K . -4.45 -13.17 -24.23
ZN ZN L . 12.16 -33.87 -33.61
PB ADP M . 29.18 5.21 -8.93
O1B ADP M . 27.76 5.69 -8.99
O2B ADP M . 29.57 4.50 -7.64
O3B ADP M . 29.62 4.47 -10.17
PA ADP M . 29.36 8.00 -8.80
O1A ADP M . 29.09 8.22 -7.33
O2A ADP M . 28.20 8.06 -9.78
O3A ADP M . 30.06 6.56 -8.94
O5' ADP M . 30.48 9.05 -9.27
C5' ADP M . 31.59 9.37 -8.41
C4' ADP M . 32.18 10.71 -8.81
O4' ADP M . 32.92 10.57 -10.03
C3' ADP M . 31.12 11.78 -9.02
O3' ADP M . 31.35 12.93 -8.20
C2' ADP M . 31.21 12.17 -10.48
O2' ADP M . 31.28 13.59 -10.61
C1' ADP M . 32.48 11.51 -11.02
N9 ADP M . 32.17 10.76 -12.26
C8 ADP M . 32.13 9.41 -12.35
N7 ADP M . 31.82 9.03 -13.61
C5 ADP M . 31.64 10.15 -14.34
C6 ADP M . 31.30 10.45 -15.75
N6 ADP M . 31.07 9.44 -16.62
N1 ADP M . 31.22 11.75 -16.10
C2 ADP M . 31.45 12.74 -15.23
N3 ADP M . 31.77 12.53 -13.94
C4 ADP M . 31.88 11.29 -13.44
H5'1 ADP M . 32.34 8.59 -8.48
H5'2 ADP M . 31.24 9.41 -7.37
H4' ADP M . 32.85 11.05 -8.01
H3' ADP M . 30.13 11.35 -8.83
H2' ADP M . 30.34 11.77 -11.02
HO2' ADP M . 30.47 13.99 -10.26
H1' ADP M . 33.24 12.27 -11.20
H8 ADP M . 32.32 8.73 -11.54
HN61 ADP M . 31.13 8.48 -16.32
HN62 ADP M . 30.83 9.66 -17.59
H2 ADP M . 31.36 13.77 -15.58
ZN ZN N . 37.54 -12.99 -26.75
#